data_9DW8
#
_entry.id   9DW8
#
_cell.length_a   1.00
_cell.length_b   1.00
_cell.length_c   1.00
_cell.angle_alpha   90.00
_cell.angle_beta   90.00
_cell.angle_gamma   90.00
#
_symmetry.space_group_name_H-M   'P 1'
#
loop_
_entity.id
_entity.type
_entity.pdbx_description
1 polymer 'Cystic fibrosis transmembrane conductance regulator'
2 polymer 'cAMP-dependent protein kinase catalytic subunit alpha'
3 non-polymer "N-(2-phenylethyl)adenosine 5'-(tetrahydrogen triphosphate)"
4 non-polymer 'MAGNESIUM ION'
5 non-polymer 'PHOSPHOAMINOPHOSPHONIC ACID-ADENYLATE ESTER'
#
loop_
_entity_poly.entity_id
_entity_poly.type
_entity_poly.pdbx_seq_one_letter_code
_entity_poly.pdbx_strand_id
1 'polypeptide(L)'
;MQRSPLEKASVVSKLFFSWTRPILRKGYRQRLELSDIYQIPSVDSADNLSEKLEREWDRELASKKNPKLINALRRCFFWR
FMFYGIFLYLGEVTKAVQPLLLGRIIASYDPDNKEERSIAIYLGIGLCLLFIVRTLLLHPAIFGLHHIGMQMRIAMFSLI
YKKTLKLSSRVLDKISIGQLVSLLSNNLNKFDEGLALAHFVWIAPLQVALLMGLIWELLQASAFCGLGFLIVLALFQAGL
GRMMMKYRDQRAGKISERLVITSEMIENIQSVKAYCWEEAMEKMIENLRQTELKLTRKAAYVRYFNSSAFFFSGFFVVFL
SVLPYALIKGIILRKIFTTISFCIVLRMAVTRQFPWAVQTWYDSLGAINKIQDFLQKQEYKTLEYNLTTTEVVMENVTAF
WEEGFGELFEKAKQNNNNRKTSNGDDSLFFSNFSLLGTPVLKDINFKIERGQLLAVAGSTGAGKTSLLMVIMGELEPSEG
KIKHSGRISFCSQFSWIMPGTIKENIIFGVSYDEYRYRSVIKACQLEEDISKFAEKDNIVLGEGGITLSGGQRARISLAR
AVYKDADLYLLDSPFGYLDVLTEKEIFESCVCKLMANKTRILVTSKMEHLKKADKILILHEGSSYFYGTFSELQNLQPDF
SSKLMGCDSFDQFSAERRNSILTETLHRFSLEGDAPVSWTETKKQSFKQTGEFGEKRKNSILNPINSIRKFSIVQKTPLQ
MNGIEEDSDEPLERRLSLVPDSEQGEAILPRISVISTGPTLQARRRQSVLNLMTHSVNQGQNIHRKTTASTRKVSLAPQA
NLTELDIYSRRLSQETGLEISEEINEEDLKECFFDDMESIPAVTTWNTYLRYITVHKSLIFVLIWCLVIFLAEVAASLVV
LWLLGNTPLQDKGNSTHSRNNSYAVIITSTSSYYVFYIYVGVADTLLAMGFFRGLPLVHTLITVSKILHHKMLHSVLQAP
MSTLNTLKAGGILNRFSKDIAILDDLLPLTIFDFIQLLLIVIGAIAVVAVLQPYIFVATVPVIVAFIMLRAYFLQTSQQL
KQLESEGRSPIFTHLVTSLKGLWTLRAFGRQPYFETLFHKALNLHTANWFLYLSTLRWFQMRIEMIFVIFFIAVTFISIL
TTGEGEGRVGIILTLAMNIMSTLQWAVNSSIDVDSLMRSVSRVFKFIDMPTEGKPTKSTKPYKNGQLSKVMIIENSHVKK
DDIWPSGGQMTVKDLTAKYTEGGNAILENISFSISPGQRVGLLGRTGSGKSTLLSAFLRLLNTEGEIQIDGVSWDSITLQ
QWRKAFGVIPQKVFIFSGTFRKNLDPYEQWSDQEIWKVADEVGLRSVIEQFPGKLDFVLVDGGCVLSHGHKQLMCLARSV
LSKAKILLLDQPSAHLDPVTYQIIRRTLKQAFADCTVILCEHRIEAMLECQQFLVIEENKVRQYDSIQKLLNERSLFRQA
ISPSDRVKLFPHRNSSKCKSKPQIAALKEETEEEVQDTRL
;
A
2 'polypeptide(L)'
;MGNAAAAKKGSEQESVKEFLAKAKEDFLKKWENPAQNTAHLDQFERIKTLGTGSFGRVMLVKHMETGNHYAMKILDKQKV
VKLKQIEHTLNEKRILQAVNFPFLVKLEFSFKDNSNLYMVMEYVPGGEMFSHLRRIGRFSEPHARFYAAQIVLTFEYLHS
LDLIYRDLKPENLLIDQQGYIQVTDFGFAKRVKGRTW(TPO)LCGTPEYLAPEIILSKGYNKAVDWWALGVLIYEMAAGY
PPFFADQPIQIYEKIVSGKVRFPSHFSSDLKDLLRNLLQVDLTKRFGNLKNGVNDIKNHKWFATTDWIAIYQRKVEAPFI
PKFKGPGDTSNFDDYEEEEIRVSINEKCGKEFSEF
;
G
#
loop_
_chem_comp.id
_chem_comp.type
_chem_comp.name
_chem_comp.formula
ANP non-polymer 'PHOSPHOAMINOPHOSPHONIC ACID-ADENYLATE ESTER' 'C10 H17 N6 O12 P3'
B44 non-polymer 'N-(2-phenylethyl)adenosine 5'-(tetrahydrogen triphosphate)' 'C18 H24 N5 O13 P3'
MG non-polymer 'MAGNESIUM ION' 'Mg 2'
#
# COMPACT_ATOMS: atom_id res chain seq x y z
N MET A 1 -2.34 24.18 1.52
CA MET A 1 -0.88 24.19 1.46
C MET A 1 -0.40 24.57 0.06
N GLN A 2 0.79 25.18 -0.01
CA GLN A 2 1.28 25.64 -1.30
C GLN A 2 2.76 25.97 -1.21
N ARG A 3 3.46 25.72 -2.32
CA ARG A 3 4.77 26.29 -2.63
C ARG A 3 5.80 26.14 -1.52
N SER A 4 6.26 24.91 -1.28
CA SER A 4 7.33 24.61 -0.34
C SER A 4 8.46 25.64 -0.44
N PRO A 5 8.81 26.32 0.65
CA PRO A 5 9.88 27.33 0.58
C PRO A 5 11.28 26.76 0.46
N LEU A 6 11.45 25.44 0.63
CA LEU A 6 12.78 24.85 0.55
C LEU A 6 13.40 25.05 -0.83
N GLU A 7 12.59 24.92 -1.88
CA GLU A 7 13.12 25.04 -3.24
C GLU A 7 13.63 26.44 -3.52
N LYS A 8 12.99 27.46 -2.95
CA LYS A 8 13.31 28.86 -3.24
C LYS A 8 13.98 29.56 -2.05
N ALA A 9 14.78 28.83 -1.29
CA ALA A 9 15.60 29.41 -0.23
C ALA A 9 17.07 29.47 -0.66
N SER A 10 17.80 30.41 -0.06
CA SER A 10 19.22 30.59 -0.38
C SER A 10 20.08 29.53 0.30
N VAL A 11 21.31 29.39 -0.18
CA VAL A 11 22.22 28.38 0.36
C VAL A 11 22.57 28.69 1.81
N VAL A 12 22.79 29.96 2.15
CA VAL A 12 23.13 30.30 3.52
C VAL A 12 21.93 30.09 4.43
N SER A 13 20.72 30.30 3.92
CA SER A 13 19.53 30.07 4.74
C SER A 13 19.34 28.59 5.02
N LYS A 14 19.50 27.74 4.01
CA LYS A 14 19.29 26.31 4.20
C LYS A 14 20.48 25.64 4.88
N LEU A 15 21.63 26.30 4.94
CA LEU A 15 22.71 25.81 5.79
C LEU A 15 22.33 25.91 7.25
N PHE A 16 21.45 26.84 7.61
CA PHE A 16 21.02 27.06 8.98
C PHE A 16 19.56 26.74 9.21
N PHE A 17 18.83 26.30 8.18
CA PHE A 17 17.41 25.95 8.30
C PHE A 17 16.57 27.14 8.76
N SER A 18 16.97 28.35 8.37
CA SER A 18 16.21 29.54 8.74
C SER A 18 14.86 29.61 8.04
N TRP A 19 14.65 28.82 6.99
CA TRP A 19 13.40 28.85 6.24
C TRP A 19 12.23 28.20 6.97
N THR A 20 12.47 27.53 8.10
CA THR A 20 11.40 26.94 8.89
C THR A 20 10.89 27.87 10.00
N ARG A 21 11.49 29.05 10.15
CA ARG A 21 11.06 29.98 11.19
C ARG A 21 9.58 30.38 11.10
N PRO A 22 9.03 30.70 9.92
CA PRO A 22 7.64 31.19 9.89
C PRO A 22 6.63 30.24 10.48
N ILE A 23 6.78 28.92 10.29
CA ILE A 23 5.79 27.99 10.83
C ILE A 23 5.97 27.78 12.32
N LEU A 24 7.14 28.09 12.87
CA LEU A 24 7.30 28.10 14.32
C LEU A 24 6.66 29.33 14.93
N ARG A 25 6.88 30.51 14.32
CA ARG A 25 6.31 31.73 14.88
C ARG A 25 4.79 31.74 14.71
N LYS A 26 4.28 31.23 13.59
CA LYS A 26 2.86 31.00 13.40
C LYS A 26 2.56 29.61 13.95
N GLY A 27 2.19 29.56 15.23
CA GLY A 27 2.00 28.31 15.91
C GLY A 27 2.51 28.37 17.34
N TYR A 28 3.48 29.25 17.59
CA TYR A 28 3.80 29.57 18.98
C TYR A 28 2.63 30.24 19.67
N ARG A 29 2.01 31.22 19.01
CA ARG A 29 0.93 31.97 19.64
C ARG A 29 -0.35 31.15 19.72
N GLN A 30 -0.81 30.63 18.59
CA GLN A 30 -2.09 29.93 18.57
C GLN A 30 -2.12 28.92 17.43
N ARG A 31 -3.11 28.02 17.50
CA ARG A 31 -3.18 26.74 16.79
C ARG A 31 -2.71 26.78 15.34
N LEU A 32 -1.84 25.83 14.99
CA LEU A 32 -1.40 25.62 13.61
C LEU A 32 -2.58 25.19 12.73
N GLU A 33 -2.92 26.01 11.74
CA GLU A 33 -4.08 25.75 10.90
C GLU A 33 -3.63 25.12 9.57
N LEU A 34 -4.61 24.60 8.83
CA LEU A 34 -4.33 23.91 7.58
C LEU A 34 -3.67 24.81 6.54
N SER A 35 -3.79 26.12 6.68
CA SER A 35 -3.15 27.03 5.72
C SER A 35 -1.65 27.10 5.90
N ASP A 36 -1.12 26.67 7.06
CA ASP A 36 0.30 26.81 7.35
C ASP A 36 1.16 25.69 6.80
N ILE A 37 0.55 24.57 6.38
CA ILE A 37 1.33 23.47 5.81
C ILE A 37 1.81 23.87 4.41
N TYR A 38 2.89 23.24 3.95
CA TYR A 38 3.44 23.50 2.63
C TYR A 38 3.30 22.29 1.72
N GLN A 39 3.53 22.54 0.44
CA GLN A 39 3.58 21.48 -0.56
C GLN A 39 4.84 20.64 -0.38
N ILE A 40 4.78 19.41 -0.91
CA ILE A 40 5.94 18.52 -0.91
C ILE A 40 6.90 18.97 -2.01
N PRO A 41 8.20 18.80 -1.84
CA PRO A 41 9.13 19.08 -2.94
C PRO A 41 8.83 18.20 -4.15
N SER A 42 9.09 18.76 -5.34
CA SER A 42 8.81 18.02 -6.57
C SER A 42 9.61 16.73 -6.66
N VAL A 43 10.83 16.73 -6.13
CA VAL A 43 11.67 15.53 -6.17
C VAL A 43 11.13 14.44 -5.25
N ASP A 44 10.30 14.81 -4.27
CA ASP A 44 9.84 13.88 -3.24
C ASP A 44 8.50 13.24 -3.58
N SER A 45 7.89 13.61 -4.71
CA SER A 45 6.60 13.06 -5.09
C SER A 45 6.70 11.56 -5.32
N ALA A 46 5.69 10.82 -4.87
CA ALA A 46 5.71 9.37 -5.00
C ALA A 46 5.65 8.92 -6.45
N ASP A 47 5.09 9.76 -7.34
CA ASP A 47 4.95 9.38 -8.74
C ASP A 47 6.30 9.18 -9.41
N ASN A 48 7.14 10.23 -9.40
CA ASN A 48 8.42 10.20 -10.08
C ASN A 48 9.53 9.57 -9.25
N LEU A 49 9.20 8.85 -8.18
CA LEU A 49 10.18 8.16 -7.34
C LEU A 49 10.05 6.65 -7.41
N SER A 50 8.84 6.13 -7.34
CA SER A 50 8.62 4.71 -7.54
C SER A 50 9.00 4.30 -8.96
N GLU A 51 8.71 5.15 -9.94
CA GLU A 51 9.15 4.88 -11.30
C GLU A 51 10.66 4.87 -11.39
N LYS A 52 11.34 5.74 -10.63
CA LYS A 52 12.79 5.80 -10.68
C LYS A 52 13.43 4.56 -10.08
N LEU A 53 12.81 4.00 -9.03
CA LEU A 53 13.32 2.75 -8.47
C LEU A 53 13.00 1.57 -9.38
N GLU A 54 11.77 1.49 -9.89
CA GLU A 54 11.39 0.34 -10.68
C GLU A 54 12.11 0.32 -12.03
N ARG A 55 12.52 1.48 -12.54
CA ARG A 55 13.37 1.52 -13.73
C ARG A 55 14.58 0.62 -13.56
N GLU A 56 15.18 0.62 -12.38
CA GLU A 56 16.35 -0.20 -12.09
C GLU A 56 15.98 -1.60 -11.63
N TRP A 57 14.85 -1.76 -10.94
CA TRP A 57 14.44 -3.11 -10.52
C TRP A 57 14.11 -4.00 -11.71
N ASP A 58 13.39 -3.46 -12.70
CA ASP A 58 13.08 -4.24 -13.89
C ASP A 58 14.35 -4.57 -14.67
N ARG A 59 15.28 -3.61 -14.74
CA ARG A 59 16.57 -3.88 -15.37
C ARG A 59 17.32 -5.00 -14.67
N GLU A 60 17.30 -4.99 -13.34
CA GLU A 60 17.98 -6.04 -12.58
C GLU A 60 17.34 -7.39 -12.84
N LEU A 61 16.01 -7.44 -12.88
CA LEU A 61 15.32 -8.70 -13.17
C LEU A 61 15.64 -9.21 -14.56
N ALA A 62 15.65 -8.31 -15.55
CA ALA A 62 15.80 -8.73 -16.95
C ALA A 62 17.25 -8.90 -17.36
N SER A 63 18.22 -8.50 -16.54
CA SER A 63 19.61 -8.58 -16.94
C SER A 63 20.44 -9.60 -16.17
N LYS A 64 20.05 -9.95 -14.96
CA LYS A 64 20.87 -10.78 -14.08
C LYS A 64 20.27 -12.17 -13.91
N LYS A 65 21.16 -13.15 -13.70
CA LYS A 65 20.71 -14.51 -13.43
C LYS A 65 20.26 -14.69 -11.98
N ASN A 66 20.88 -13.95 -11.06
CA ASN A 66 20.55 -14.02 -9.63
C ASN A 66 20.25 -12.61 -9.14
N PRO A 67 19.06 -12.09 -9.44
CA PRO A 67 18.74 -10.70 -9.10
C PRO A 67 18.67 -10.49 -7.59
N LYS A 68 19.19 -9.35 -7.15
CA LYS A 68 19.06 -8.89 -5.77
C LYS A 68 18.28 -7.58 -5.74
N LEU A 69 17.44 -7.42 -4.71
CA LEU A 69 16.75 -6.14 -4.58
C LEU A 69 17.71 -5.01 -4.23
N ILE A 70 18.75 -5.30 -3.43
CA ILE A 70 19.69 -4.22 -3.14
C ILE A 70 20.74 -4.20 -4.24
N ASN A 71 20.30 -3.79 -5.42
CA ASN A 71 21.11 -3.20 -6.47
C ASN A 71 20.43 -2.03 -7.15
N ALA A 72 19.09 -2.01 -7.20
CA ALA A 72 18.36 -0.81 -7.59
C ALA A 72 18.49 0.27 -6.54
N LEU A 73 18.44 -0.12 -5.27
CA LEU A 73 18.67 0.83 -4.18
C LEU A 73 20.09 1.40 -4.25
N ARG A 74 21.07 0.55 -4.52
CA ARG A 74 22.44 1.02 -4.63
C ARG A 74 22.61 1.96 -5.82
N ARG A 75 22.18 1.52 -7.00
CA ARG A 75 22.31 2.37 -8.19
C ARG A 75 21.08 3.28 -8.28
N CYS A 76 20.73 3.92 -7.16
CA CYS A 76 19.82 5.06 -7.17
C CYS A 76 20.31 6.11 -6.19
N PHE A 77 21.10 5.68 -5.21
CA PHE A 77 21.41 6.50 -4.05
C PHE A 77 22.85 6.41 -3.57
N PHE A 78 23.70 5.57 -4.17
CA PHE A 78 24.99 5.27 -3.55
C PHE A 78 25.88 6.51 -3.44
N TRP A 79 25.98 7.30 -4.52
CA TRP A 79 26.87 8.46 -4.48
C TRP A 79 26.35 9.52 -3.53
N ARG A 80 25.05 9.78 -3.51
CA ARG A 80 24.51 10.80 -2.61
C ARG A 80 24.55 10.34 -1.16
N PHE A 81 24.63 9.02 -0.94
CA PHE A 81 24.84 8.48 0.40
C PHE A 81 26.28 8.67 0.86
N MET A 82 27.24 8.29 0.02
CA MET A 82 28.65 8.43 0.37
C MET A 82 29.07 9.89 0.48
N PHE A 83 28.43 10.78 -0.28
CA PHE A 83 28.81 12.19 -0.25
C PHE A 83 28.54 12.79 1.12
N TYR A 84 27.44 12.43 1.75
CA TYR A 84 27.18 12.87 3.12
C TYR A 84 28.00 12.08 4.14
N GLY A 85 28.29 10.80 3.84
CA GLY A 85 29.15 10.05 4.74
C GLY A 85 30.53 10.68 4.90
N ILE A 86 31.05 11.25 3.80
CA ILE A 86 32.39 11.85 3.85
C ILE A 86 32.42 13.00 4.85
N PHE A 87 31.42 13.89 4.80
CA PHE A 87 31.37 15.00 5.74
C PHE A 87 31.04 14.53 7.15
N LEU A 88 30.24 13.48 7.28
CA LEU A 88 29.97 12.95 8.61
C LEU A 88 31.23 12.41 9.25
N TYR A 89 32.18 11.92 8.44
CA TYR A 89 33.46 11.47 9.00
C TYR A 89 34.25 12.62 9.64
N LEU A 90 34.32 13.78 8.96
CA LEU A 90 35.00 14.92 9.56
C LEU A 90 34.16 15.60 10.63
N GLY A 91 32.88 15.24 10.75
CA GLY A 91 32.15 15.61 11.94
C GLY A 91 32.54 14.83 13.18
N GLU A 92 33.16 13.66 13.00
CA GLU A 92 33.68 12.83 14.07
C GLU A 92 35.15 13.06 14.35
N VAL A 93 35.95 13.28 13.30
CA VAL A 93 37.39 13.46 13.48
C VAL A 93 37.68 14.72 14.29
N THR A 94 36.98 15.81 14.00
CA THR A 94 37.18 17.07 14.71
C THR A 94 36.81 16.96 16.18
N LYS A 95 36.04 15.95 16.57
CA LYS A 95 35.64 15.75 17.96
C LYS A 95 36.75 15.15 18.81
N ALA A 96 37.61 14.33 18.22
CA ALA A 96 38.66 13.65 18.97
C ALA A 96 39.92 14.47 19.17
N VAL A 97 40.12 15.55 18.40
CA VAL A 97 41.29 16.39 18.58
C VAL A 97 41.02 17.53 19.56
N GLN A 98 39.78 17.67 20.03
CA GLN A 98 39.48 18.67 21.04
C GLN A 98 40.32 18.56 22.30
N PRO A 99 40.58 17.37 22.87
CA PRO A 99 41.43 17.31 24.07
C PRO A 99 42.83 17.84 23.86
N LEU A 100 43.39 17.75 22.64
CA LEU A 100 44.74 18.26 22.41
C LEU A 100 44.82 19.75 22.72
N LEU A 101 43.76 20.49 22.42
CA LEU A 101 43.71 21.92 22.72
C LEU A 101 43.24 22.15 24.15
N LEU A 102 42.21 21.41 24.57
CA LEU A 102 41.55 21.71 25.83
C LEU A 102 42.44 21.37 27.03
N GLY A 103 43.15 20.25 26.98
CA GLY A 103 44.02 19.89 28.08
C GLY A 103 45.27 20.72 28.16
N ARG A 104 45.55 21.52 27.14
CA ARG A 104 46.60 22.53 27.21
C ARG A 104 46.06 23.85 27.72
N ILE A 105 44.80 24.19 27.41
CA ILE A 105 44.21 25.42 27.95
C ILE A 105 44.01 25.29 29.47
N ILE A 106 43.49 24.16 29.93
CA ILE A 106 43.34 23.97 31.38
C ILE A 106 44.68 23.93 32.08
N ALA A 107 45.69 23.34 31.43
CA ALA A 107 47.01 23.24 32.05
C ALA A 107 47.65 24.60 32.30
N SER A 108 47.22 25.63 31.58
CA SER A 108 47.81 26.96 31.73
C SER A 108 47.55 27.59 33.09
N TYR A 109 46.62 27.07 33.88
CA TYR A 109 46.29 27.66 35.18
C TYR A 109 47.26 27.18 36.26
N ASP A 110 48.55 27.38 36.02
CA ASP A 110 49.61 26.91 36.92
C ASP A 110 50.79 27.85 36.83
N PRO A 111 51.25 28.43 37.95
CA PRO A 111 52.39 29.33 37.93
C PRO A 111 53.64 28.78 37.25
N ASP A 112 53.99 27.51 37.52
CA ASP A 112 55.25 26.96 37.04
C ASP A 112 55.15 26.27 35.69
N ASN A 113 53.96 26.24 35.07
CA ASN A 113 53.83 25.80 33.68
C ASN A 113 54.28 26.97 32.81
N LYS A 114 55.61 27.08 32.66
CA LYS A 114 56.21 28.28 32.10
C LYS A 114 55.83 28.46 30.63
N GLU A 115 56.25 27.53 29.77
CA GLU A 115 56.06 27.69 28.33
C GLU A 115 54.62 27.42 27.92
N GLU A 116 53.89 26.61 28.68
CA GLU A 116 52.50 26.31 28.35
C GLU A 116 51.64 27.58 28.35
N ARG A 117 51.83 28.43 29.36
CA ARG A 117 51.06 29.66 29.45
C ARG A 117 51.44 30.65 28.35
N SER A 118 52.72 30.70 27.98
CA SER A 118 53.22 31.79 27.15
C SER A 118 52.51 31.89 25.80
N ILE A 119 52.01 30.77 25.27
CA ILE A 119 51.43 30.73 23.94
C ILE A 119 49.95 30.34 23.96
N ALA A 120 49.32 30.35 25.14
CA ALA A 120 47.96 29.84 25.28
C ALA A 120 46.95 30.61 24.45
N ILE A 121 47.22 31.88 24.15
CA ILE A 121 46.25 32.70 23.42
C ILE A 121 45.99 32.13 22.04
N TYR A 122 47.06 31.69 21.37
CA TYR A 122 46.90 31.09 20.04
C TYR A 122 46.13 29.78 20.12
N LEU A 123 46.32 29.01 21.19
CA LEU A 123 45.55 27.78 21.37
C LEU A 123 44.08 28.09 21.56
N GLY A 124 43.76 29.15 22.30
CA GLY A 124 42.37 29.54 22.47
C GLY A 124 41.76 30.02 21.17
N ILE A 125 42.51 30.76 20.37
CA ILE A 125 42.00 31.18 19.07
C ILE A 125 41.76 29.98 18.16
N GLY A 126 42.66 28.99 18.21
CA GLY A 126 42.45 27.78 17.44
C GLY A 126 41.26 26.96 17.91
N LEU A 127 40.99 26.96 19.22
CA LEU A 127 39.81 26.27 19.72
C LEU A 127 38.53 27.01 19.37
N CYS A 128 38.61 28.34 19.22
CA CYS A 128 37.42 29.13 18.94
C CYS A 128 36.74 28.67 17.65
N LEU A 129 37.50 28.59 16.55
CA LEU A 129 36.91 28.27 15.25
C LEU A 129 36.76 26.78 15.01
N LEU A 130 37.35 25.93 15.86
CA LEU A 130 37.15 24.49 15.72
C LEU A 130 35.69 24.12 16.00
N PHE A 131 35.08 24.75 17.01
CA PHE A 131 33.68 24.50 17.30
C PHE A 131 32.80 24.92 16.12
N ILE A 132 33.14 26.06 15.50
CA ILE A 132 32.37 26.55 14.36
C ILE A 132 32.47 25.60 13.19
N VAL A 133 33.67 25.06 12.94
CA VAL A 133 33.82 24.06 11.89
C VAL A 133 33.02 22.80 12.22
N ARG A 134 33.09 22.36 13.48
CA ARG A 134 32.47 21.09 13.85
C ARG A 134 30.96 21.15 13.76
N THR A 135 30.35 22.27 14.15
CA THR A 135 28.89 22.34 14.13
C THR A 135 28.34 22.39 12.71
N LEU A 136 29.09 22.92 11.76
CA LEU A 136 28.58 23.10 10.40
C LEU A 136 28.65 21.82 9.57
N LEU A 137 29.65 20.98 9.79
CA LEU A 137 29.82 19.79 8.96
C LEU A 137 28.91 18.65 9.36
N LEU A 138 28.24 18.74 10.51
CA LEU A 138 27.56 17.59 11.08
C LEU A 138 26.07 17.53 10.70
N HIS A 139 25.33 18.59 11.02
CA HIS A 139 23.87 18.55 10.87
C HIS A 139 23.37 18.41 9.44
N PRO A 140 23.88 19.14 8.44
CA PRO A 140 23.34 18.97 7.08
C PRO A 140 23.51 17.56 6.53
N ALA A 141 24.61 16.88 6.86
CA ALA A 141 24.79 15.51 6.41
C ALA A 141 23.74 14.59 7.02
N ILE A 142 23.45 14.77 8.31
CA ILE A 142 22.43 13.94 8.96
C ILE A 142 21.05 14.20 8.36
N PHE A 143 20.74 15.47 8.09
CA PHE A 143 19.46 15.77 7.46
C PHE A 143 19.35 15.16 6.08
N GLY A 144 20.44 15.21 5.30
CA GLY A 144 20.43 14.58 3.99
C GLY A 144 20.23 13.08 4.07
N LEU A 145 20.85 12.44 5.06
CA LEU A 145 20.67 11.01 5.24
C LEU A 145 19.22 10.67 5.61
N HIS A 146 18.61 11.51 6.46
CA HIS A 146 17.20 11.32 6.78
C HIS A 146 16.34 11.43 5.53
N HIS A 147 16.64 12.42 4.67
CA HIS A 147 15.87 12.58 3.43
C HIS A 147 16.03 11.36 2.52
N ILE A 148 17.25 10.84 2.43
CA ILE A 148 17.50 9.65 1.59
C ILE A 148 16.71 8.47 2.11
N GLY A 149 16.70 8.27 3.43
CA GLY A 149 15.91 7.19 4.00
C GLY A 149 14.42 7.35 3.75
N MET A 150 13.91 8.58 3.84
CA MET A 150 12.50 8.81 3.55
C MET A 150 12.17 8.46 2.11
N GLN A 151 13.02 8.87 1.17
CA GLN A 151 12.77 8.56 -0.24
C GLN A 151 12.80 7.06 -0.50
N MET A 152 13.76 6.35 0.11
CA MET A 152 13.81 4.90 -0.06
C MET A 152 12.55 4.24 0.48
N ARG A 153 12.08 4.68 1.64
CA ARG A 153 10.87 4.10 2.22
C ARG A 153 9.67 4.33 1.31
N ILE A 154 9.51 5.56 0.81
CA ILE A 154 8.36 5.85 -0.06
C ILE A 154 8.41 4.99 -1.31
N ALA A 155 9.58 4.89 -1.94
CA ALA A 155 9.68 4.11 -3.17
C ALA A 155 9.36 2.64 -2.93
N MET A 156 9.88 2.07 -1.84
CA MET A 156 9.61 0.66 -1.57
C MET A 156 8.14 0.43 -1.26
N PHE A 157 7.50 1.34 -0.51
CA PHE A 157 6.08 1.18 -0.21
C PHE A 157 5.25 1.22 -1.49
N SER A 158 5.54 2.18 -2.38
CA SER A 158 4.78 2.26 -3.62
C SER A 158 4.97 1.03 -4.48
N LEU A 159 6.20 0.51 -4.53
CA LEU A 159 6.45 -0.69 -5.30
C LEU A 159 5.71 -1.89 -4.72
N ILE A 160 5.66 -1.99 -3.40
CA ILE A 160 4.94 -3.11 -2.77
C ILE A 160 3.46 -3.04 -3.09
N TYR A 161 2.85 -1.85 -2.98
CA TYR A 161 1.43 -1.76 -3.30
C TYR A 161 1.17 -2.07 -4.77
N LYS A 162 2.03 -1.59 -5.66
CA LYS A 162 1.85 -1.88 -7.08
C LYS A 162 1.98 -3.38 -7.36
N LYS A 163 2.83 -4.06 -6.59
CA LYS A 163 2.93 -5.51 -6.70
C LYS A 163 1.67 -6.20 -6.20
N THR A 164 1.05 -5.67 -5.15
CA THR A 164 -0.04 -6.38 -4.48
C THR A 164 -1.23 -6.63 -5.41
N LEU A 165 -1.55 -5.66 -6.26
CA LEU A 165 -2.77 -5.72 -7.05
C LEU A 165 -2.79 -6.85 -8.08
N LYS A 166 -1.66 -7.51 -8.34
CA LYS A 166 -1.59 -8.53 -9.37
C LYS A 166 -1.11 -9.87 -8.82
N LEU A 167 -1.50 -10.19 -7.58
CA LEU A 167 -1.19 -11.50 -7.01
C LEU A 167 -2.23 -12.53 -7.42
N SER A 168 -1.78 -13.78 -7.57
CA SER A 168 -2.67 -14.89 -7.89
C SER A 168 -3.55 -15.23 -6.68
N SER A 169 -4.66 -15.92 -6.96
CA SER A 169 -5.55 -16.35 -5.90
C SER A 169 -4.98 -17.48 -5.05
N ARG A 170 -4.02 -18.24 -5.58
CA ARG A 170 -3.38 -19.28 -4.78
C ARG A 170 -2.64 -18.69 -3.58
N VAL A 171 -1.91 -17.59 -3.80
CA VAL A 171 -1.10 -17.02 -2.73
C VAL A 171 -1.87 -16.02 -1.87
N LEU A 172 -3.10 -15.67 -2.26
CA LEU A 172 -3.86 -14.72 -1.47
C LEU A 172 -4.19 -15.27 -0.09
N ASP A 173 -4.46 -16.57 0.01
CA ASP A 173 -4.81 -17.15 1.29
C ASP A 173 -3.65 -17.10 2.28
N LYS A 174 -2.41 -17.08 1.77
CA LYS A 174 -1.25 -16.99 2.63
C LYS A 174 -0.93 -15.57 3.08
N ILE A 175 -1.56 -14.57 2.46
CA ILE A 175 -1.24 -13.17 2.72
C ILE A 175 -2.51 -12.52 3.25
N SER A 176 -2.63 -12.44 4.58
CA SER A 176 -3.73 -11.75 5.22
C SER A 176 -3.43 -10.26 5.35
N ILE A 177 -4.46 -9.49 5.73
CA ILE A 177 -4.28 -8.05 5.94
C ILE A 177 -3.32 -7.79 7.10
N GLY A 178 -3.29 -8.67 8.09
CA GLY A 178 -2.40 -8.46 9.23
C GLY A 178 -0.94 -8.52 8.86
N GLN A 179 -0.57 -9.42 7.94
CA GLN A 179 0.83 -9.50 7.53
C GLN A 179 1.26 -8.25 6.78
N LEU A 180 0.42 -7.74 5.89
CA LEU A 180 0.77 -6.51 5.17
C LEU A 180 0.84 -5.33 6.11
N VAL A 181 -0.12 -5.22 7.04
CA VAL A 181 -0.09 -4.11 7.98
C VAL A 181 1.14 -4.18 8.88
N SER A 182 1.51 -5.38 9.32
CA SER A 182 2.73 -5.53 10.11
C SER A 182 3.97 -5.16 9.30
N LEU A 183 3.99 -5.56 8.03
CA LEU A 183 5.14 -5.25 7.18
C LEU A 183 5.31 -3.75 6.99
N LEU A 184 4.21 -3.04 6.73
CA LEU A 184 4.32 -1.61 6.46
C LEU A 184 4.35 -0.75 7.71
N SER A 185 3.95 -1.28 8.86
CA SER A 185 3.91 -0.47 10.08
C SER A 185 5.24 -0.54 10.84
N ASN A 186 5.91 -1.68 10.80
CA ASN A 186 7.16 -1.85 11.54
C ASN A 186 8.29 -1.01 10.97
N ASN A 187 8.17 -0.53 9.74
CA ASN A 187 9.23 0.22 9.06
C ASN A 187 8.83 1.66 8.79
N LEU A 188 7.71 2.14 9.34
CA LEU A 188 7.14 3.39 8.86
C LEU A 188 7.94 4.61 9.28
N ASN A 189 8.58 4.58 10.46
CA ASN A 189 9.34 5.73 10.91
C ASN A 189 10.77 5.37 11.30
N LYS A 190 10.96 4.14 11.77
CA LYS A 190 12.31 3.72 12.17
C LYS A 190 13.26 3.64 10.97
N PHE A 191 12.72 3.42 9.77
CA PHE A 191 13.57 3.24 8.60
C PHE A 191 14.14 4.56 8.12
N ASP A 192 13.35 5.64 8.20
CA ASP A 192 13.83 6.93 7.74
C ASP A 192 14.96 7.45 8.62
N GLU A 193 14.75 7.47 9.93
CA GLU A 193 15.71 8.07 10.85
C GLU A 193 16.86 7.13 11.19
N GLY A 194 16.78 5.85 10.83
CA GLY A 194 17.87 4.93 11.09
C GLY A 194 19.03 5.08 10.13
N LEU A 195 18.83 5.75 9.00
CA LEU A 195 19.87 5.84 7.99
C LEU A 195 21.08 6.62 8.48
N ALA A 196 20.88 7.52 9.45
CA ALA A 196 21.99 8.34 9.92
C ALA A 196 23.01 7.53 10.71
N LEU A 197 22.65 6.35 11.20
CA LEU A 197 23.54 5.54 12.01
C LEU A 197 24.35 4.53 11.21
N ALA A 198 23.97 4.27 9.96
CA ALA A 198 24.61 3.20 9.20
C ALA A 198 26.08 3.47 8.92
N HIS A 199 26.47 4.75 8.83
CA HIS A 199 27.83 5.08 8.43
C HIS A 199 28.87 4.77 9.50
N PHE A 200 28.45 4.60 10.75
CA PHE A 200 29.42 4.42 11.83
C PHE A 200 30.09 3.06 11.83
N VAL A 201 29.70 2.15 10.93
CA VAL A 201 30.38 0.86 10.84
C VAL A 201 31.85 1.06 10.45
N TRP A 202 32.11 1.91 9.47
CA TRP A 202 33.47 2.12 9.01
C TRP A 202 34.13 3.35 9.61
N ILE A 203 33.39 4.16 10.36
CA ILE A 203 33.98 5.31 11.05
C ILE A 203 34.60 4.90 12.37
N ALA A 204 33.92 4.03 13.12
CA ALA A 204 34.38 3.69 14.46
C ALA A 204 35.77 3.06 14.52
N PRO A 205 36.13 2.07 13.68
CA PRO A 205 37.52 1.58 13.74
C PRO A 205 38.55 2.62 13.35
N LEU A 206 38.25 3.42 12.32
CA LEU A 206 39.15 4.50 11.93
C LEU A 206 39.28 5.56 13.01
N GLN A 207 38.35 5.59 13.96
CA GLN A 207 38.40 6.51 15.08
C GLN A 207 39.18 5.89 16.25
N VAL A 208 39.00 4.59 16.47
CA VAL A 208 39.72 3.90 17.53
C VAL A 208 41.21 3.88 17.24
N ALA A 209 41.59 3.71 15.96
CA ALA A 209 43.00 3.74 15.62
C ALA A 209 43.61 5.10 15.96
N LEU A 210 42.92 6.19 15.61
CA LEU A 210 43.42 7.52 15.91
C LEU A 210 43.54 7.73 17.41
N LEU A 211 42.53 7.31 18.17
CA LEU A 211 42.55 7.53 19.61
C LEU A 211 43.64 6.72 20.29
N MET A 212 43.87 5.50 19.84
CA MET A 212 44.97 4.71 20.40
C MET A 212 46.32 5.32 20.04
N GLY A 213 46.45 5.87 18.84
CA GLY A 213 47.69 6.55 18.50
C GLY A 213 47.94 7.76 19.36
N LEU A 214 46.89 8.52 19.68
CA LEU A 214 47.05 9.66 20.57
C LEU A 214 47.33 9.25 22.01
N ILE A 215 46.71 8.16 22.49
CA ILE A 215 46.97 7.72 23.86
C ILE A 215 48.38 7.14 24.00
N TRP A 216 48.93 6.59 22.90
CA TRP A 216 50.31 6.15 22.94
C TRP A 216 51.27 7.29 23.25
N GLU A 217 50.89 8.53 22.89
CA GLU A 217 51.70 9.68 23.27
C GLU A 217 51.87 9.78 24.78
N LEU A 218 50.80 9.50 25.54
CA LEU A 218 50.86 9.59 27.00
C LEU A 218 51.43 8.33 27.63
N LEU A 219 50.77 7.19 27.42
CA LEU A 219 50.95 6.03 28.28
C LEU A 219 51.88 4.96 27.74
N GLN A 220 52.49 5.18 26.57
CA GLN A 220 53.46 4.24 25.99
C GLN A 220 52.74 2.91 25.72
N ALA A 221 53.32 1.76 26.10
CA ALA A 221 52.76 0.46 25.74
C ALA A 221 51.70 -0.05 26.71
N SER A 222 51.54 0.58 27.87
CA SER A 222 50.58 0.10 28.86
C SER A 222 49.14 0.40 28.50
N ALA A 223 48.89 1.13 27.42
CA ALA A 223 47.54 1.54 27.06
C ALA A 223 46.66 0.40 26.58
N PHE A 224 47.24 -0.72 26.13
CA PHE A 224 46.46 -1.76 25.47
C PHE A 224 45.53 -2.53 26.41
N CYS A 225 45.65 -2.35 27.73
CA CYS A 225 44.74 -3.05 28.64
C CYS A 225 43.31 -2.59 28.42
N GLY A 226 43.10 -1.28 28.27
CA GLY A 226 41.78 -0.79 27.97
C GLY A 226 41.29 -1.23 26.62
N LEU A 227 42.19 -1.34 25.64
CA LEU A 227 41.79 -1.84 24.32
C LEU A 227 41.27 -3.27 24.41
N GLY A 228 41.97 -4.14 25.14
CA GLY A 228 41.50 -5.50 25.30
C GLY A 228 40.18 -5.57 26.05
N PHE A 229 40.03 -4.79 27.12
CA PHE A 229 38.77 -4.79 27.85
C PHE A 229 37.62 -4.32 26.97
N LEU A 230 37.84 -3.27 26.19
CA LEU A 230 36.78 -2.76 25.31
C LEU A 230 36.44 -3.77 24.22
N ILE A 231 37.44 -4.49 23.70
CA ILE A 231 37.16 -5.48 22.67
C ILE A 231 36.34 -6.63 23.24
N VAL A 232 36.67 -7.07 24.46
CA VAL A 232 35.88 -8.11 25.10
C VAL A 232 34.44 -7.64 25.31
N LEU A 233 34.27 -6.38 25.74
CA LEU A 233 32.93 -5.86 25.96
C LEU A 233 32.14 -5.78 24.66
N ALA A 234 32.81 -5.41 23.56
CA ALA A 234 32.14 -5.36 22.26
C ALA A 234 31.71 -6.74 21.80
N LEU A 235 32.55 -7.76 22.04
CA LEU A 235 32.15 -9.12 21.70
C LEU A 235 30.91 -9.54 22.50
N PHE A 236 30.89 -9.21 23.78
CA PHE A 236 29.73 -9.52 24.62
C PHE A 236 28.47 -8.82 24.09
N GLN A 237 28.61 -7.55 23.68
CA GLN A 237 27.48 -6.82 23.11
C GLN A 237 26.99 -7.45 21.81
N ALA A 238 27.91 -7.97 21.00
CA ALA A 238 27.48 -8.65 19.78
C ALA A 238 26.68 -9.91 20.09
N GLY A 239 27.09 -10.66 21.12
CA GLY A 239 26.28 -11.79 21.53
C GLY A 239 24.89 -11.39 22.01
N LEU A 240 24.81 -10.27 22.75
CA LEU A 240 23.50 -9.79 23.17
C LEU A 240 22.64 -9.41 21.97
N GLY A 241 23.24 -8.80 20.96
CA GLY A 241 22.49 -8.48 19.75
C GLY A 241 21.96 -9.72 19.05
N ARG A 242 22.78 -10.77 18.99
CA ARG A 242 22.31 -12.05 18.46
C ARG A 242 21.07 -12.53 19.19
N MET A 243 21.12 -12.53 20.53
CA MET A 243 19.99 -13.04 21.31
C MET A 243 18.74 -12.19 21.11
N MET A 244 18.90 -10.86 21.09
CA MET A 244 17.76 -9.97 20.94
C MET A 244 17.10 -10.15 19.57
N MET A 245 17.91 -10.31 18.51
CA MET A 245 17.36 -10.59 17.20
C MET A 245 16.58 -11.90 17.21
N LYS A 246 17.12 -12.92 17.87
CA LYS A 246 16.40 -14.19 18.00
C LYS A 246 15.00 -13.97 18.57
N TYR A 247 14.92 -13.27 19.70
CA TYR A 247 13.61 -13.09 20.34
C TYR A 247 12.65 -12.28 19.47
N ARG A 248 13.13 -11.21 18.83
CA ARG A 248 12.20 -10.44 17.99
C ARG A 248 11.69 -11.26 16.81
N ASP A 249 12.58 -12.00 16.15
CA ASP A 249 12.15 -12.80 15.00
C ASP A 249 11.20 -13.92 15.43
N GLN A 250 11.37 -14.46 16.63
CA GLN A 250 10.41 -15.44 17.14
C GLN A 250 9.07 -14.78 17.46
N ARG A 251 9.11 -13.57 18.02
CA ARG A 251 7.87 -12.90 18.44
C ARG A 251 7.01 -12.47 17.26
N ALA A 252 7.63 -12.15 16.13
CA ALA A 252 6.90 -11.53 15.02
C ALA A 252 5.61 -12.26 14.62
N GLY A 253 5.48 -13.54 14.94
CA GLY A 253 4.38 -14.32 14.38
C GLY A 253 3.00 -13.95 14.90
N LYS A 254 2.86 -13.73 16.21
CA LYS A 254 1.52 -13.65 16.81
C LYS A 254 0.85 -12.31 16.55
N ILE A 255 1.63 -11.29 16.19
CA ILE A 255 1.09 -9.94 16.02
C ILE A 255 0.07 -9.92 14.89
N SER A 256 0.38 -10.58 13.77
CA SER A 256 -0.56 -10.60 12.65
C SER A 256 -1.86 -11.28 13.02
N GLU A 257 -1.78 -12.40 13.75
CA GLU A 257 -3.00 -13.09 14.17
C GLU A 257 -3.85 -12.22 15.07
N ARG A 258 -3.23 -11.57 16.05
CA ARG A 258 -3.98 -10.71 16.95
C ARG A 258 -4.58 -9.51 16.20
N LEU A 259 -3.85 -8.96 15.24
CA LEU A 259 -4.37 -7.84 14.46
C LEU A 259 -5.56 -8.26 13.60
N VAL A 260 -5.48 -9.41 12.94
CA VAL A 260 -6.60 -9.81 12.07
C VAL A 260 -7.83 -10.12 12.91
N ILE A 261 -7.65 -10.75 14.07
CA ILE A 261 -8.79 -11.00 14.94
C ILE A 261 -9.42 -9.69 15.40
N THR A 262 -8.58 -8.72 15.80
CA THR A 262 -9.09 -7.45 16.28
C THR A 262 -9.86 -6.71 15.18
N SER A 263 -9.30 -6.69 13.97
CA SER A 263 -9.97 -5.99 12.87
C SER A 263 -11.29 -6.65 12.51
N GLU A 264 -11.32 -7.98 12.44
CA GLU A 264 -12.57 -8.68 12.14
C GLU A 264 -13.62 -8.43 13.20
N MET A 265 -13.22 -8.44 14.47
CA MET A 265 -14.18 -8.30 15.56
C MET A 265 -14.74 -6.87 15.60
N ILE A 266 -13.89 -5.86 15.39
CA ILE A 266 -14.36 -4.48 15.44
C ILE A 266 -15.20 -4.13 14.22
N GLU A 267 -14.88 -4.69 13.04
CA GLU A 267 -15.69 -4.39 11.86
C GLU A 267 -17.12 -4.89 12.03
N ASN A 268 -17.28 -6.07 12.62
CA ASN A 268 -18.60 -6.71 12.80
C ASN A 268 -19.18 -6.45 14.18
N ILE A 269 -18.97 -5.25 14.74
CA ILE A 269 -19.40 -4.97 16.10
C ILE A 269 -20.90 -5.15 16.27
N GLN A 270 -21.67 -4.98 15.20
CA GLN A 270 -23.12 -5.18 15.28
C GLN A 270 -23.47 -6.58 15.75
N SER A 271 -22.87 -7.59 15.12
CA SER A 271 -23.19 -8.97 15.48
C SER A 271 -22.67 -9.32 16.87
N VAL A 272 -21.51 -8.80 17.24
CA VAL A 272 -20.97 -9.03 18.59
C VAL A 272 -21.91 -8.43 19.63
N LYS A 273 -22.41 -7.23 19.38
CA LYS A 273 -23.38 -6.61 20.28
C LYS A 273 -24.63 -7.46 20.39
N ALA A 274 -25.15 -7.94 19.25
CA ALA A 274 -26.39 -8.71 19.26
C ALA A 274 -26.23 -10.04 20.01
N TYR A 275 -25.13 -10.75 19.77
CA TYR A 275 -24.90 -12.03 20.43
C TYR A 275 -24.46 -11.90 21.89
N CYS A 276 -24.05 -10.70 22.31
CA CYS A 276 -23.49 -10.47 23.65
C CYS A 276 -22.20 -11.26 23.85
N TRP A 277 -21.38 -11.32 22.79
CA TRP A 277 -20.05 -11.91 22.87
C TRP A 277 -18.99 -10.88 23.20
N GLU A 278 -19.37 -9.71 23.69
CA GLU A 278 -18.43 -8.64 23.97
C GLU A 278 -17.55 -8.92 25.18
N GLU A 279 -17.59 -10.12 25.73
CA GLU A 279 -16.65 -10.56 26.75
C GLU A 279 -15.78 -11.73 26.30
N ALA A 280 -16.30 -12.61 25.45
CA ALA A 280 -15.49 -13.71 24.93
C ALA A 280 -14.33 -13.21 24.07
N MET A 281 -14.58 -12.17 23.27
CA MET A 281 -13.52 -11.63 22.42
C MET A 281 -12.37 -11.07 23.24
N GLU A 282 -12.67 -10.44 24.37
CA GLU A 282 -11.63 -9.92 25.24
C GLU A 282 -10.72 -11.05 25.73
N LYS A 283 -11.32 -12.17 26.14
CA LYS A 283 -10.54 -13.33 26.57
C LYS A 283 -9.71 -13.89 25.43
N MET A 284 -10.30 -13.98 24.23
CA MET A 284 -9.57 -14.52 23.08
C MET A 284 -8.34 -13.68 22.78
N ILE A 285 -8.49 -12.35 22.78
CA ILE A 285 -7.36 -11.49 22.47
C ILE A 285 -6.34 -11.48 23.60
N GLU A 286 -6.81 -11.55 24.86
CA GLU A 286 -5.89 -11.60 26.00
C GLU A 286 -5.01 -12.84 25.96
N ASN A 287 -5.59 -13.99 25.59
CA ASN A 287 -4.82 -15.22 25.51
C ASN A 287 -3.68 -15.12 24.50
N LEU A 288 -3.83 -14.28 23.48
CA LEU A 288 -2.75 -14.05 22.52
C LEU A 288 -1.80 -12.95 22.96
N ARG A 289 -2.29 -11.95 23.69
CA ARG A 289 -1.40 -10.92 24.22
C ARG A 289 -0.43 -11.49 25.25
N GLN A 290 -0.81 -12.58 25.91
CA GLN A 290 0.02 -13.13 26.98
C GLN A 290 1.37 -13.59 26.45
N THR A 291 1.39 -14.39 25.38
CA THR A 291 2.67 -14.90 24.88
C THR A 291 3.51 -13.79 24.27
N GLU A 292 2.88 -12.83 23.59
CA GLU A 292 3.63 -11.72 23.01
C GLU A 292 4.33 -10.90 24.09
N LEU A 293 3.62 -10.63 25.20
CA LEU A 293 4.28 -9.97 26.32
C LEU A 293 5.39 -10.84 26.90
N LYS A 294 5.15 -12.15 27.01
CA LYS A 294 6.16 -13.04 27.56
C LYS A 294 7.46 -12.99 26.76
N LEU A 295 7.35 -12.77 25.44
CA LEU A 295 8.56 -12.69 24.62
C LEU A 295 9.19 -11.30 24.67
N THR A 296 8.37 -10.25 24.57
CA THR A 296 8.93 -8.90 24.50
C THR A 296 9.58 -8.50 25.83
N ARG A 297 9.00 -8.92 26.96
CA ARG A 297 9.61 -8.61 28.24
C ARG A 297 10.94 -9.33 28.43
N LYS A 298 11.07 -10.53 27.86
CA LYS A 298 12.34 -11.25 27.93
C LYS A 298 13.39 -10.58 27.05
N ALA A 299 12.97 -10.05 25.90
CA ALA A 299 13.92 -9.32 25.06
C ALA A 299 14.36 -8.00 25.69
N ALA A 300 13.48 -7.39 26.50
CA ALA A 300 13.82 -6.10 27.09
C ALA A 300 15.02 -6.17 28.03
N TYR A 301 15.22 -7.31 28.71
CA TYR A 301 16.39 -7.42 29.59
C TYR A 301 17.68 -7.40 28.79
N VAL A 302 17.69 -8.08 27.64
CA VAL A 302 18.87 -8.05 26.78
C VAL A 302 19.10 -6.64 26.24
N ARG A 303 18.01 -5.94 25.90
CA ARG A 303 18.18 -4.56 25.47
C ARG A 303 18.78 -3.71 26.57
N TYR A 304 18.34 -3.92 27.82
CA TYR A 304 18.92 -3.19 28.95
C TYR A 304 20.42 -3.45 29.08
N PHE A 305 20.81 -4.73 29.11
CA PHE A 305 22.23 -5.05 29.24
C PHE A 305 23.04 -4.54 28.07
N ASN A 306 22.44 -4.41 26.89
CA ASN A 306 23.15 -3.82 25.77
C ASN A 306 23.33 -2.32 25.95
N SER A 307 22.34 -1.65 26.54
CA SER A 307 22.41 -0.19 26.70
C SER A 307 23.17 0.25 27.94
N SER A 308 23.48 -0.66 28.87
CA SER A 308 24.12 -0.29 30.12
C SER A 308 25.65 -0.33 30.06
N ALA A 309 26.22 -0.84 28.97
CA ALA A 309 27.67 -1.03 28.90
C ALA A 309 28.41 0.30 28.94
N PHE A 310 27.83 1.35 28.34
CA PHE A 310 28.54 2.63 28.28
C PHE A 310 28.82 3.20 29.67
N PHE A 311 27.80 3.24 30.53
CA PHE A 311 27.93 3.95 31.80
C PHE A 311 28.89 3.25 32.74
N PHE A 312 28.82 1.92 32.83
CA PHE A 312 29.62 1.20 33.82
C PHE A 312 31.09 1.11 33.41
N SER A 313 31.38 1.11 32.11
CA SER A 313 32.74 0.92 31.63
C SER A 313 33.62 2.16 31.81
N GLY A 314 33.04 3.29 32.22
CA GLY A 314 33.81 4.52 32.25
C GLY A 314 34.97 4.49 33.24
N PHE A 315 34.73 3.91 34.42
CA PHE A 315 35.76 3.92 35.46
C PHE A 315 36.81 2.84 35.22
N PHE A 316 36.38 1.65 34.81
CA PHE A 316 37.29 0.52 34.69
C PHE A 316 38.26 0.69 33.52
N VAL A 317 37.79 1.25 32.41
CA VAL A 317 38.67 1.46 31.26
C VAL A 317 39.81 2.40 31.64
N VAL A 318 39.49 3.47 32.37
CA VAL A 318 40.52 4.41 32.81
C VAL A 318 41.45 3.74 33.82
N PHE A 319 40.87 3.09 34.83
CA PHE A 319 41.67 2.54 35.93
C PHE A 319 42.64 1.48 35.42
N LEU A 320 42.15 0.55 34.59
CA LEU A 320 42.96 -0.61 34.23
C LEU A 320 44.13 -0.25 33.31
N SER A 321 44.08 0.91 32.65
CA SER A 321 45.13 1.31 31.72
C SER A 321 46.00 2.43 32.26
N VAL A 322 45.81 2.85 33.51
CA VAL A 322 46.64 3.90 34.10
C VAL A 322 47.19 3.40 35.43
N LEU A 323 46.63 2.30 35.94
CA LEU A 323 47.19 1.69 37.14
C LEU A 323 48.59 1.14 36.93
N PRO A 324 48.86 0.32 35.91
CA PRO A 324 50.23 -0.19 35.76
C PRO A 324 51.27 0.89 35.54
N TYR A 325 50.92 1.96 34.85
CA TYR A 325 51.87 3.04 34.62
C TYR A 325 52.26 3.72 35.92
N ALA A 326 51.28 3.98 36.80
CA ALA A 326 51.58 4.56 38.10
C ALA A 326 52.33 3.58 38.98
N LEU A 327 52.04 2.28 38.85
CA LEU A 327 52.65 1.27 39.70
C LEU A 327 54.17 1.24 39.50
N ILE A 328 54.62 1.43 38.27
CA ILE A 328 56.06 1.38 38.01
C ILE A 328 56.73 2.72 38.36
N LYS A 329 56.10 3.83 38.01
CA LYS A 329 56.73 5.13 38.18
C LYS A 329 55.68 6.17 38.54
N GLY A 330 56.12 7.19 39.27
CA GLY A 330 55.19 8.24 39.69
C GLY A 330 54.65 9.01 38.51
N ILE A 331 53.40 9.45 38.64
CA ILE A 331 52.69 10.13 37.57
C ILE A 331 52.20 11.49 38.05
N ILE A 332 52.06 12.42 37.13
CA ILE A 332 51.49 13.73 37.41
C ILE A 332 49.98 13.65 37.27
N LEU A 333 49.27 14.37 38.16
CA LEU A 333 47.81 14.28 38.19
C LEU A 333 47.17 14.71 36.88
N ARG A 334 47.86 15.53 36.09
CA ARG A 334 47.30 16.05 34.84
C ARG A 334 47.08 14.94 33.82
N LYS A 335 47.99 13.95 33.79
CA LYS A 335 47.88 12.86 32.83
C LYS A 335 46.60 12.06 33.02
N ILE A 336 46.16 11.91 34.28
CA ILE A 336 44.91 11.17 34.53
C ILE A 336 43.74 11.88 33.87
N PHE A 337 43.67 13.21 34.01
CA PHE A 337 42.56 13.95 33.40
C PHE A 337 42.63 13.91 31.88
N THR A 338 43.84 14.01 31.31
CA THR A 338 43.94 13.94 29.85
C THR A 338 43.52 12.55 29.35
N THR A 339 43.92 11.50 30.07
CA THR A 339 43.51 10.16 29.71
C THR A 339 42.01 10.00 29.80
N ILE A 340 41.39 10.59 30.82
CA ILE A 340 39.93 10.54 30.94
C ILE A 340 39.28 11.26 29.76
N SER A 341 39.84 12.41 29.37
CA SER A 341 39.28 13.17 28.26
C SER A 341 39.29 12.37 26.96
N PHE A 342 40.39 11.64 26.70
CA PHE A 342 40.40 10.77 25.53
C PHE A 342 39.48 9.57 25.72
N CYS A 343 39.43 9.01 26.93
CA CYS A 343 38.68 7.78 27.14
C CYS A 343 37.19 7.99 27.02
N ILE A 344 36.69 9.19 27.29
CA ILE A 344 35.26 9.44 27.09
C ILE A 344 34.88 9.27 25.63
N VAL A 345 35.68 9.87 24.74
CA VAL A 345 35.41 9.74 23.31
C VAL A 345 35.62 8.31 22.85
N LEU A 346 36.63 7.62 23.40
CA LEU A 346 36.85 6.23 23.02
C LEU A 346 35.67 5.35 23.45
N ARG A 347 35.15 5.59 24.65
CA ARG A 347 34.00 4.85 25.15
C ARG A 347 32.79 5.08 24.25
N MET A 348 32.54 6.34 23.89
CA MET A 348 31.42 6.64 23.00
C MET A 348 31.59 5.98 21.65
N ALA A 349 32.81 5.99 21.11
CA ALA A 349 33.05 5.42 19.79
C ALA A 349 32.85 3.91 19.78
N VAL A 350 33.29 3.23 20.83
CA VAL A 350 33.28 1.77 20.82
C VAL A 350 31.94 1.22 21.28
N THR A 351 31.46 1.70 22.43
CA THR A 351 30.39 1.03 23.15
C THR A 351 29.00 1.51 22.78
N ARG A 352 28.87 2.68 22.16
CA ARG A 352 27.56 3.27 21.92
C ARG A 352 27.19 3.37 20.45
N GLN A 353 28.16 3.64 19.59
CA GLN A 353 27.86 3.93 18.18
C GLN A 353 27.96 2.69 17.30
N PHE A 354 29.01 1.89 17.46
CA PHE A 354 29.22 0.73 16.58
C PHE A 354 28.12 -0.31 16.69
N PRO A 355 27.74 -0.80 17.88
CA PRO A 355 26.67 -1.81 17.93
C PRO A 355 25.33 -1.31 17.39
N TRP A 356 25.01 -0.02 17.57
CA TRP A 356 23.80 0.52 16.99
C TRP A 356 23.84 0.46 15.47
N ALA A 357 25.00 0.77 14.87
CA ALA A 357 25.14 0.68 13.42
C ALA A 357 25.01 -0.76 12.94
N VAL A 358 25.60 -1.70 13.67
CA VAL A 358 25.50 -3.10 13.27
C VAL A 358 24.04 -3.58 13.33
N GLN A 359 23.32 -3.18 14.38
CA GLN A 359 21.90 -3.54 14.47
C GLN A 359 21.10 -2.87 13.37
N THR A 360 21.45 -1.63 13.01
CA THR A 360 20.77 -0.96 11.92
C THR A 360 20.93 -1.72 10.61
N TRP A 361 22.13 -2.21 10.33
CA TRP A 361 22.31 -3.04 9.14
C TRP A 361 21.52 -4.34 9.23
N TYR A 362 21.56 -5.03 10.38
CA TYR A 362 20.82 -6.28 10.49
C TYR A 362 19.32 -6.08 10.31
N ASP A 363 18.79 -4.91 10.68
CA ASP A 363 17.36 -4.68 10.50
C ASP A 363 17.04 -4.26 9.07
N SER A 364 17.82 -3.33 8.51
CA SER A 364 17.52 -2.83 7.18
C SER A 364 17.69 -3.90 6.11
N LEU A 365 18.77 -4.68 6.17
CA LEU A 365 18.95 -5.72 5.18
C LEU A 365 17.91 -6.83 5.30
N GLY A 366 17.50 -7.14 6.53
CA GLY A 366 16.42 -8.11 6.70
C GLY A 366 15.12 -7.64 6.11
N ALA A 367 14.78 -6.36 6.32
CA ALA A 367 13.57 -5.81 5.71
C ALA A 367 13.66 -5.81 4.20
N ILE A 368 14.81 -5.43 3.65
CA ILE A 368 14.96 -5.40 2.19
C ILE A 368 14.85 -6.80 1.62
N ASN A 369 15.45 -7.80 2.27
CA ASN A 369 15.34 -9.17 1.76
C ASN A 369 13.92 -9.71 1.91
N LYS A 370 13.21 -9.31 2.95
CA LYS A 370 11.81 -9.72 3.07
C LYS A 370 10.98 -9.14 1.94
N ILE A 371 11.20 -7.88 1.59
CA ILE A 371 10.48 -7.28 0.47
C ILE A 371 10.91 -7.95 -0.84
N GLN A 372 12.19 -8.30 -0.98
CA GLN A 372 12.66 -8.97 -2.19
C GLN A 372 11.99 -10.33 -2.36
N ASP A 373 11.77 -11.04 -1.26
CA ASP A 373 11.05 -12.30 -1.34
C ASP A 373 9.57 -12.07 -1.61
N PHE A 374 9.00 -10.97 -1.12
CA PHE A 374 7.59 -10.67 -1.37
C PHE A 374 7.34 -10.44 -2.86
N LEU A 375 8.30 -9.84 -3.56
CA LEU A 375 8.09 -9.41 -4.94
C LEU A 375 8.14 -10.56 -5.94
N GLN A 376 8.46 -11.78 -5.51
CA GLN A 376 8.70 -12.88 -6.43
C GLN A 376 7.67 -14.00 -6.29
N LYS A 377 6.42 -13.66 -6.01
CA LYS A 377 5.36 -14.63 -5.90
C LYS A 377 4.59 -14.77 -7.22
N GLN A 378 3.66 -15.73 -7.25
CA GLN A 378 2.86 -15.97 -8.43
C GLN A 378 2.00 -14.76 -8.79
N GLU A 379 1.78 -14.57 -10.09
CA GLU A 379 1.00 -13.45 -10.60
C GLU A 379 -0.15 -13.93 -11.46
N TYR A 380 -1.28 -13.23 -11.35
CA TYR A 380 -2.45 -13.45 -12.19
C TYR A 380 -2.18 -13.10 -13.64
N LYS A 381 -2.24 -14.08 -14.53
CA LYS A 381 -2.04 -13.82 -15.95
C LYS A 381 -3.34 -13.39 -16.61
N THR A 382 -3.27 -12.33 -17.40
CA THR A 382 -4.47 -11.71 -17.96
C THR A 382 -5.06 -12.55 -19.10
N LEU A 383 -6.37 -12.46 -19.26
CA LEU A 383 -7.07 -13.15 -20.33
C LEU A 383 -6.71 -12.54 -21.68
N GLU A 384 -6.80 -13.36 -22.72
CA GLU A 384 -6.55 -12.89 -24.08
C GLU A 384 -7.61 -11.87 -24.48
N TYR A 385 -7.20 -10.88 -25.27
CA TYR A 385 -8.07 -9.78 -25.68
C TYR A 385 -8.35 -9.90 -27.16
N ASN A 386 -9.62 -9.99 -27.53
CA ASN A 386 -10.02 -10.14 -28.92
C ASN A 386 -11.42 -9.58 -29.08
N LEU A 387 -11.56 -8.56 -29.92
CA LEU A 387 -12.85 -7.90 -30.10
C LEU A 387 -13.78 -8.64 -31.05
N THR A 388 -13.32 -9.71 -31.71
CA THR A 388 -14.15 -10.46 -32.66
C THR A 388 -14.13 -11.95 -32.29
N THR A 389 -14.95 -12.32 -31.32
CA THR A 389 -15.25 -13.72 -31.07
C THR A 389 -16.76 -13.94 -31.10
N THR A 390 -17.50 -13.00 -30.53
CA THR A 390 -18.97 -12.99 -30.55
C THR A 390 -19.59 -14.30 -30.05
N GLU A 391 -18.83 -15.08 -29.28
CA GLU A 391 -19.30 -16.41 -28.88
C GLU A 391 -18.52 -16.88 -27.66
N VAL A 392 -19.24 -17.41 -26.68
CA VAL A 392 -18.63 -17.96 -25.47
C VAL A 392 -18.69 -19.48 -25.57
N VAL A 393 -17.53 -20.12 -25.62
CA VAL A 393 -17.42 -21.57 -25.78
C VAL A 393 -16.68 -22.14 -24.57
N MET A 394 -17.28 -23.13 -23.93
CA MET A 394 -16.67 -23.85 -22.83
C MET A 394 -16.71 -25.33 -23.14
N GLU A 395 -15.59 -26.03 -22.94
CA GLU A 395 -15.53 -27.44 -23.35
C GLU A 395 -14.60 -28.21 -22.42
N ASN A 396 -15.11 -29.34 -21.91
CA ASN A 396 -14.34 -30.32 -21.15
C ASN A 396 -13.53 -29.68 -20.03
N VAL A 397 -14.18 -28.83 -19.24
CA VAL A 397 -13.51 -28.08 -18.18
C VAL A 397 -13.68 -28.81 -16.85
N THR A 398 -12.56 -29.07 -16.16
CA THR A 398 -12.54 -29.52 -14.78
C THR A 398 -11.58 -28.63 -14.00
N ALA A 399 -11.89 -28.42 -12.72
CA ALA A 399 -11.11 -27.51 -11.90
C ALA A 399 -10.95 -28.05 -10.49
N PHE A 400 -9.81 -27.73 -9.88
CA PHE A 400 -9.51 -28.06 -8.50
C PHE A 400 -9.10 -26.80 -7.76
N TRP A 401 -9.59 -26.63 -6.52
CA TRP A 401 -9.08 -25.56 -5.68
C TRP A 401 -7.66 -25.84 -5.23
N GLU A 402 -7.33 -27.10 -4.97
CA GLU A 402 -6.01 -27.46 -4.48
C GLU A 402 -5.33 -28.46 -5.41
N GLY A 437 -8.51 -33.87 -4.09
CA GLY A 437 -9.54 -34.88 -3.87
C GLY A 437 -10.64 -34.83 -4.92
N THR A 438 -11.83 -34.43 -4.50
CA THR A 438 -12.95 -34.32 -5.44
C THR A 438 -12.86 -33.02 -6.22
N PRO A 439 -12.96 -33.07 -7.56
CA PRO A 439 -12.93 -31.83 -8.34
C PRO A 439 -14.18 -31.00 -8.09
N VAL A 440 -14.00 -29.67 -8.15
CA VAL A 440 -15.13 -28.76 -8.00
C VAL A 440 -16.04 -28.82 -9.21
N LEU A 441 -15.45 -28.82 -10.40
CA LEU A 441 -16.19 -28.95 -11.65
C LEU A 441 -15.68 -30.17 -12.39
N LYS A 442 -16.59 -30.84 -13.11
CA LYS A 442 -16.23 -32.09 -13.78
C LYS A 442 -17.15 -32.25 -14.98
N ASP A 443 -16.55 -32.20 -16.18
CA ASP A 443 -17.26 -32.35 -17.45
C ASP A 443 -18.35 -31.28 -17.60
N ILE A 444 -17.87 -30.03 -17.70
CA ILE A 444 -18.72 -28.87 -17.88
C ILE A 444 -18.45 -28.29 -19.25
N ASN A 445 -19.52 -28.10 -20.04
CA ASN A 445 -19.37 -27.53 -21.37
C ASN A 445 -20.70 -26.90 -21.81
N PHE A 446 -20.61 -25.80 -22.55
CA PHE A 446 -21.78 -25.11 -23.09
C PHE A 446 -21.31 -24.10 -24.12
N LYS A 447 -22.26 -23.59 -24.90
CA LYS A 447 -21.96 -22.59 -25.91
C LYS A 447 -23.19 -21.70 -26.13
N ILE A 448 -22.96 -20.39 -26.20
CA ILE A 448 -24.02 -19.41 -26.41
C ILE A 448 -23.53 -18.36 -27.40
N GLU A 449 -24.43 -17.90 -28.25
CA GLU A 449 -24.11 -16.89 -29.26
C GLU A 449 -24.30 -15.48 -28.71
N ARG A 450 -24.02 -14.50 -29.56
CA ARG A 450 -24.30 -13.10 -29.24
C ARG A 450 -25.78 -12.90 -28.97
N GLY A 451 -26.08 -12.22 -27.86
CA GLY A 451 -27.43 -11.82 -27.54
C GLY A 451 -28.24 -12.84 -26.76
N GLN A 452 -27.72 -14.04 -26.55
CA GLN A 452 -28.47 -15.08 -25.88
C GLN A 452 -28.34 -14.96 -24.37
N LEU A 453 -29.39 -15.35 -23.66
CA LEU A 453 -29.42 -15.38 -22.21
C LEU A 453 -29.34 -16.83 -21.73
N LEU A 454 -28.38 -17.14 -20.88
CA LEU A 454 -28.22 -18.47 -20.29
C LEU A 454 -28.37 -18.35 -18.78
N ALA A 455 -29.34 -19.06 -18.21
CA ALA A 455 -29.62 -19.02 -16.79
C ALA A 455 -28.98 -20.23 -16.11
N VAL A 456 -28.08 -19.98 -15.18
CA VAL A 456 -27.45 -21.03 -14.40
C VAL A 456 -28.29 -21.30 -13.16
N ALA A 457 -28.59 -22.57 -12.90
CA ALA A 457 -29.38 -22.98 -11.76
C ALA A 457 -28.69 -24.11 -11.02
N GLY A 458 -29.28 -24.56 -9.92
CA GLY A 458 -28.73 -25.64 -9.14
C GLY A 458 -28.84 -25.43 -7.65
N SER A 459 -28.60 -26.48 -6.87
CA SER A 459 -28.72 -26.41 -5.43
C SER A 459 -27.51 -25.70 -4.82
N THR A 460 -27.60 -25.44 -3.52
CA THR A 460 -26.51 -24.77 -2.81
C THR A 460 -25.26 -25.64 -2.80
N GLY A 461 -24.11 -25.01 -2.99
CA GLY A 461 -22.85 -25.72 -3.00
C GLY A 461 -22.59 -26.56 -4.22
N ALA A 462 -23.36 -26.39 -5.29
CA ALA A 462 -23.19 -27.20 -6.49
C ALA A 462 -22.03 -26.74 -7.36
N GLY A 463 -21.57 -25.51 -7.19
CA GLY A 463 -20.52 -24.95 -8.02
C GLY A 463 -20.96 -23.79 -8.91
N LYS A 464 -22.03 -23.08 -8.55
CA LYS A 464 -22.53 -22.00 -9.41
C LYS A 464 -21.58 -20.82 -9.45
N THR A 465 -21.06 -20.40 -8.29
CA THR A 465 -20.15 -19.27 -8.26
C THR A 465 -18.77 -19.64 -8.78
N SER A 466 -18.33 -20.88 -8.53
CA SER A 466 -17.02 -21.30 -9.01
C SER A 466 -16.96 -21.32 -10.53
N LEU A 467 -18.11 -21.55 -11.19
CA LEU A 467 -18.14 -21.48 -12.64
C LEU A 467 -17.85 -20.07 -13.14
N LEU A 468 -18.40 -19.06 -12.45
CA LEU A 468 -18.11 -17.68 -12.82
C LEU A 468 -16.67 -17.31 -12.48
N MET A 469 -16.13 -17.89 -11.39
CA MET A 469 -14.72 -17.68 -11.09
C MET A 469 -13.82 -18.29 -12.17
N VAL A 470 -14.22 -19.43 -12.73
CA VAL A 470 -13.45 -20.03 -13.82
C VAL A 470 -13.53 -19.15 -15.07
N ILE A 471 -14.72 -18.64 -15.38
CA ILE A 471 -14.87 -17.78 -16.55
C ILE A 471 -14.03 -16.51 -16.40
N MET A 472 -14.05 -15.90 -15.21
CA MET A 472 -13.29 -14.68 -14.98
C MET A 472 -11.78 -14.90 -15.04
N GLY A 473 -11.32 -16.14 -14.96
CA GLY A 473 -9.91 -16.44 -14.99
C GLY A 473 -9.22 -16.45 -13.64
N GLU A 474 -9.97 -16.28 -12.55
CA GLU A 474 -9.35 -16.39 -11.22
C GLU A 474 -9.00 -17.83 -10.90
N LEU A 475 -9.84 -18.77 -11.29
CA LEU A 475 -9.64 -20.20 -11.07
C LEU A 475 -9.31 -20.81 -12.44
N GLU A 476 -8.03 -20.87 -12.77
CA GLU A 476 -7.62 -21.36 -14.08
C GLU A 476 -7.87 -22.85 -14.18
N PRO A 477 -8.64 -23.33 -15.16
CA PRO A 477 -9.04 -24.74 -15.16
C PRO A 477 -7.88 -25.66 -15.42
N SER A 478 -7.95 -26.85 -14.81
CA SER A 478 -6.94 -27.88 -15.05
C SER A 478 -7.05 -28.47 -16.45
N GLU A 479 -8.28 -28.60 -16.95
CA GLU A 479 -8.53 -29.24 -18.23
C GLU A 479 -9.41 -28.34 -19.10
N GLY A 480 -9.39 -28.61 -20.40
CA GLY A 480 -10.23 -27.90 -21.33
C GLY A 480 -9.76 -26.48 -21.59
N LYS A 481 -10.63 -25.72 -22.24
CA LYS A 481 -10.35 -24.34 -22.61
C LYS A 481 -11.60 -23.50 -22.45
N ILE A 482 -11.41 -22.18 -22.41
CA ILE A 482 -12.48 -21.20 -22.39
C ILE A 482 -12.17 -20.15 -23.46
N LYS A 483 -13.19 -19.77 -24.23
CA LYS A 483 -13.00 -18.84 -25.34
C LYS A 483 -14.08 -17.77 -25.30
N HIS A 484 -13.67 -16.51 -25.22
CA HIS A 484 -14.59 -15.38 -25.23
C HIS A 484 -13.81 -14.13 -25.59
N SER A 485 -14.49 -12.98 -25.54
CA SER A 485 -13.87 -11.73 -25.96
C SER A 485 -12.82 -11.24 -24.97
N GLY A 486 -13.00 -11.52 -23.68
CA GLY A 486 -12.13 -11.00 -22.66
C GLY A 486 -12.56 -9.69 -22.03
N ARG A 487 -13.73 -9.17 -22.43
CA ARG A 487 -14.29 -7.94 -21.88
C ARG A 487 -15.55 -8.32 -21.09
N ILE A 488 -15.48 -8.22 -19.77
CA ILE A 488 -16.52 -8.71 -18.89
C ILE A 488 -16.90 -7.64 -17.86
N SER A 489 -18.10 -7.79 -17.31
CA SER A 489 -18.58 -6.99 -16.19
C SER A 489 -19.14 -7.93 -15.14
N PHE A 490 -18.84 -7.65 -13.87
CA PHE A 490 -19.07 -8.62 -12.80
C PHE A 490 -19.91 -7.99 -11.70
N CYS A 491 -20.87 -8.78 -11.20
CA CYS A 491 -21.73 -8.38 -10.07
C CYS A 491 -21.59 -9.45 -8.98
N SER A 492 -20.66 -9.21 -8.06
CA SER A 492 -20.32 -10.23 -7.06
C SER A 492 -21.51 -10.55 -6.17
N GLN A 493 -21.57 -11.81 -5.72
CA GLN A 493 -22.61 -12.22 -4.80
C GLN A 493 -22.49 -11.49 -3.47
N PHE A 494 -21.27 -11.27 -3.00
CA PHE A 494 -21.00 -10.44 -1.83
C PHE A 494 -20.78 -9.02 -2.31
N SER A 495 -21.77 -8.15 -2.07
CA SER A 495 -21.70 -6.77 -2.55
C SER A 495 -20.57 -6.01 -1.88
N TRP A 496 -19.81 -5.26 -2.69
CA TRP A 496 -18.65 -4.49 -2.23
C TRP A 496 -18.87 -3.02 -2.50
N ILE A 497 -18.59 -2.18 -1.50
CA ILE A 497 -18.68 -0.72 -1.62
C ILE A 497 -17.44 -0.10 -0.99
N MET A 498 -16.76 0.77 -1.74
CA MET A 498 -15.60 1.48 -1.26
C MET A 498 -15.94 2.92 -0.92
N PRO A 499 -15.11 3.61 -0.13
CA PRO A 499 -15.48 4.96 0.31
C PRO A 499 -15.69 5.91 -0.86
N GLY A 500 -16.69 6.77 -0.71
CA GLY A 500 -17.10 7.70 -1.74
C GLY A 500 -18.59 7.91 -1.68
N THR A 501 -19.13 8.51 -2.74
CA THR A 501 -20.55 8.74 -2.87
C THR A 501 -21.19 7.65 -3.73
N ILE A 502 -22.53 7.66 -3.78
CA ILE A 502 -23.25 6.71 -4.62
C ILE A 502 -22.91 6.93 -6.09
N LYS A 503 -22.83 8.20 -6.51
CA LYS A 503 -22.50 8.53 -7.89
C LYS A 503 -21.12 8.00 -8.27
N GLU A 504 -20.13 8.25 -7.41
CA GLU A 504 -18.78 7.78 -7.67
C GLU A 504 -18.71 6.26 -7.66
N ASN A 505 -19.48 5.62 -6.77
CA ASN A 505 -19.52 4.17 -6.74
C ASN A 505 -20.09 3.61 -8.03
N ILE A 506 -21.14 4.24 -8.56
CA ILE A 506 -21.79 3.71 -9.77
C ILE A 506 -20.92 3.94 -11.00
N ILE A 507 -20.40 5.16 -11.19
CA ILE A 507 -19.58 5.40 -12.37
C ILE A 507 -18.25 4.68 -12.25
N PHE A 508 -17.67 4.66 -11.05
CA PHE A 508 -16.50 3.84 -10.72
C PHE A 508 -15.30 4.21 -11.61
N GLY A 509 -14.95 5.48 -11.57
CA GLY A 509 -13.71 5.94 -12.17
C GLY A 509 -13.69 6.06 -13.69
N VAL A 510 -14.84 6.35 -14.31
CA VAL A 510 -14.91 6.58 -15.75
C VAL A 510 -15.54 7.95 -16.00
N SER A 511 -15.53 8.34 -17.28
CA SER A 511 -16.10 9.62 -17.69
C SER A 511 -17.60 9.67 -17.41
N TYR A 512 -18.05 10.76 -16.80
CA TYR A 512 -19.46 10.92 -16.47
C TYR A 512 -20.30 11.15 -17.73
N ASP A 513 -21.51 10.60 -17.72
CA ASP A 513 -22.48 10.80 -18.80
C ASP A 513 -23.81 11.16 -18.16
N GLU A 514 -24.50 12.14 -18.76
CA GLU A 514 -25.74 12.63 -18.17
C GLU A 514 -26.89 11.67 -18.39
N TYR A 515 -27.00 11.10 -19.60
CA TYR A 515 -28.16 10.32 -19.97
C TYR A 515 -28.01 8.85 -19.57
N ARG A 516 -26.81 8.28 -19.76
CA ARG A 516 -26.56 6.90 -19.38
C ARG A 516 -26.80 6.70 -17.89
N TYR A 517 -26.27 7.61 -17.07
CA TYR A 517 -26.44 7.50 -15.63
C TYR A 517 -27.91 7.63 -15.22
N ARG A 518 -28.64 8.55 -15.83
CA ARG A 518 -30.05 8.69 -15.47
C ARG A 518 -30.84 7.43 -15.79
N SER A 519 -30.60 6.84 -16.96
CA SER A 519 -31.30 5.62 -17.34
C SER A 519 -30.94 4.47 -16.42
N VAL A 520 -29.65 4.36 -16.06
CA VAL A 520 -29.23 3.28 -15.16
C VAL A 520 -29.86 3.45 -13.78
N ILE A 521 -29.82 4.67 -13.24
CA ILE A 521 -30.34 4.90 -11.89
C ILE A 521 -31.86 4.80 -11.85
N LYS A 522 -32.54 4.99 -12.98
CA LYS A 522 -33.99 4.86 -13.01
C LYS A 522 -34.40 3.40 -13.21
N ALA A 523 -33.69 2.67 -14.07
CA ALA A 523 -34.09 1.30 -14.40
C ALA A 523 -33.96 0.36 -13.21
N CYS A 524 -33.01 0.61 -12.31
CA CYS A 524 -32.78 -0.24 -11.16
C CYS A 524 -33.74 0.02 -10.01
N GLN A 525 -34.77 0.82 -10.23
CA GLN A 525 -35.78 1.17 -9.21
C GLN A 525 -35.16 1.88 -8.02
N LEU A 526 -33.98 2.47 -8.21
CA LEU A 526 -33.22 3.08 -7.12
C LEU A 526 -33.57 4.55 -6.91
N GLU A 527 -34.32 5.16 -7.83
CA GLU A 527 -34.74 6.55 -7.63
C GLU A 527 -35.65 6.69 -6.42
N GLU A 528 -36.44 5.65 -6.11
CA GLU A 528 -37.35 5.71 -4.98
C GLU A 528 -36.61 5.97 -3.66
N ASP A 529 -35.39 5.46 -3.54
CA ASP A 529 -34.63 5.57 -2.30
C ASP A 529 -33.71 6.78 -2.26
N ILE A 530 -33.30 7.29 -3.43
CA ILE A 530 -32.46 8.48 -3.46
C ILE A 530 -33.22 9.69 -2.91
N SER A 531 -34.54 9.71 -3.10
CA SER A 531 -35.35 10.83 -2.61
C SER A 531 -35.38 10.93 -1.10
N LYS A 532 -34.99 9.86 -0.38
CA LYS A 532 -35.02 9.89 1.07
C LYS A 532 -33.77 10.56 1.66
N PHE A 533 -32.64 10.48 0.98
CA PHE A 533 -31.40 11.01 1.53
C PHE A 533 -31.39 12.53 1.52
N ALA A 534 -30.76 13.11 2.54
CA ALA A 534 -30.77 14.56 2.70
C ALA A 534 -30.08 15.24 1.52
N GLU A 535 -28.87 14.79 1.16
CA GLU A 535 -28.13 15.39 0.07
C GLU A 535 -28.28 14.61 -1.23
N LYS A 536 -29.33 13.78 -1.32
CA LYS A 536 -29.71 13.10 -2.56
C LYS A 536 -28.63 12.17 -3.07
N ASP A 537 -27.93 12.56 -4.14
CA ASP A 537 -26.95 11.70 -4.78
C ASP A 537 -25.55 11.87 -4.23
N ASN A 538 -25.30 12.92 -3.44
CA ASN A 538 -23.96 13.22 -2.96
C ASN A 538 -23.72 12.73 -1.54
N ILE A 539 -24.60 11.88 -1.00
CA ILE A 539 -24.42 11.37 0.36
C ILE A 539 -23.13 10.56 0.44
N VAL A 540 -22.34 10.82 1.47
CA VAL A 540 -21.04 10.17 1.64
C VAL A 540 -21.25 8.80 2.29
N LEU A 541 -20.71 7.76 1.65
CA LEU A 541 -20.77 6.41 2.17
C LEU A 541 -19.43 6.02 2.78
N GLY A 542 -19.48 5.40 3.96
CA GLY A 542 -18.28 4.92 4.60
C GLY A 542 -17.77 3.63 4.00
N GLU A 543 -16.64 3.16 4.53
CA GLU A 543 -16.06 1.91 4.07
C GLU A 543 -16.98 0.74 4.38
N GLY A 544 -17.36 -0.02 3.35
CA GLY A 544 -18.26 -1.13 3.50
C GLY A 544 -19.73 -0.78 3.36
N GLY A 545 -20.07 0.50 3.26
CA GLY A 545 -21.46 0.89 3.06
C GLY A 545 -22.37 0.56 4.21
N ILE A 546 -21.89 0.68 5.46
CA ILE A 546 -22.68 0.33 6.62
C ILE A 546 -23.89 1.25 6.79
N THR A 547 -23.85 2.45 6.19
CA THR A 547 -24.98 3.36 6.29
C THR A 547 -26.22 2.81 5.58
N LEU A 548 -26.03 2.05 4.52
CA LEU A 548 -27.13 1.60 3.68
C LEU A 548 -27.68 0.25 4.16
N SER A 549 -28.87 -0.09 3.67
CA SER A 549 -29.49 -1.38 3.90
C SER A 549 -28.89 -2.43 2.96
N GLY A 550 -29.35 -3.67 3.09
CA GLY A 550 -28.80 -4.73 2.26
C GLY A 550 -29.24 -4.62 0.81
N GLY A 551 -30.53 -4.44 0.58
CA GLY A 551 -31.02 -4.38 -0.79
C GLY A 551 -30.52 -3.15 -1.52
N GLN A 552 -30.38 -2.03 -0.83
CA GLN A 552 -29.85 -0.82 -1.45
C GLN A 552 -28.43 -1.04 -1.93
N ARG A 553 -27.60 -1.68 -1.11
CA ARG A 553 -26.22 -1.96 -1.49
C ARG A 553 -26.16 -2.96 -2.64
N ALA A 554 -27.01 -3.99 -2.62
CA ALA A 554 -27.05 -4.94 -3.73
C ALA A 554 -27.45 -4.25 -5.03
N ARG A 555 -28.43 -3.35 -4.97
CA ARG A 555 -28.86 -2.66 -6.18
C ARG A 555 -27.84 -1.63 -6.65
N ILE A 556 -27.05 -1.06 -5.74
CA ILE A 556 -25.96 -0.19 -6.17
C ILE A 556 -24.89 -0.99 -6.90
N SER A 557 -24.55 -2.18 -6.38
CA SER A 557 -23.61 -3.03 -7.10
C SER A 557 -24.16 -3.45 -8.45
N LEU A 558 -25.46 -3.72 -8.53
CA LEU A 558 -26.07 -4.07 -9.82
C LEU A 558 -26.00 -2.91 -10.80
N ALA A 559 -26.26 -1.69 -10.32
CA ALA A 559 -26.16 -0.52 -11.19
C ALA A 559 -24.74 -0.33 -11.68
N ARG A 560 -23.75 -0.55 -10.80
CA ARG A 560 -22.36 -0.44 -11.22
C ARG A 560 -22.03 -1.47 -12.30
N ALA A 561 -22.54 -2.70 -12.15
CA ALA A 561 -22.32 -3.71 -13.16
C ALA A 561 -22.97 -3.33 -14.49
N VAL A 562 -24.18 -2.78 -14.44
CA VAL A 562 -24.89 -2.43 -15.67
C VAL A 562 -24.20 -1.27 -16.39
N TYR A 563 -23.68 -0.30 -15.63
CA TYR A 563 -23.12 0.89 -16.24
C TYR A 563 -21.90 0.56 -17.10
N LYS A 564 -21.13 -0.45 -16.72
CA LYS A 564 -19.95 -0.86 -17.47
C LYS A 564 -20.34 -1.46 -18.82
N ASP A 565 -19.73 -0.95 -19.89
CA ASP A 565 -19.95 -1.50 -21.22
C ASP A 565 -19.00 -2.68 -21.45
N ALA A 566 -19.57 -3.85 -21.77
CA ALA A 566 -18.77 -5.03 -21.99
C ALA A 566 -19.55 -6.01 -22.86
N ASP A 567 -18.85 -7.05 -23.32
CA ASP A 567 -19.46 -8.13 -24.08
C ASP A 567 -20.29 -9.03 -23.19
N LEU A 568 -19.64 -9.64 -22.21
CA LEU A 568 -20.26 -10.65 -21.35
C LEU A 568 -20.54 -10.05 -19.98
N TYR A 569 -21.78 -10.22 -19.52
CA TYR A 569 -22.19 -9.76 -18.19
C TYR A 569 -22.38 -10.96 -17.28
N LEU A 570 -21.74 -10.93 -16.12
CA LEU A 570 -21.75 -12.02 -15.16
C LEU A 570 -22.54 -11.55 -13.93
N LEU A 571 -23.82 -11.92 -13.87
CA LEU A 571 -24.70 -11.53 -12.78
C LEU A 571 -24.82 -12.70 -11.81
N ASP A 572 -24.20 -12.57 -10.64
CA ASP A 572 -24.17 -13.65 -9.65
C ASP A 572 -25.27 -13.41 -8.62
N SER A 573 -26.49 -13.83 -8.96
CA SER A 573 -27.63 -13.81 -8.06
C SER A 573 -27.86 -12.47 -7.38
N PRO A 574 -28.10 -11.39 -8.14
CA PRO A 574 -28.43 -10.10 -7.51
C PRO A 574 -29.79 -10.10 -6.82
N PHE A 575 -30.66 -11.05 -7.13
CA PHE A 575 -32.02 -11.08 -6.60
C PHE A 575 -32.11 -11.86 -5.31
N GLY A 576 -31.28 -11.51 -4.33
CA GLY A 576 -31.27 -12.21 -3.07
C GLY A 576 -32.03 -11.49 -1.97
N TYR A 577 -31.79 -10.18 -1.86
CA TYR A 577 -32.35 -9.38 -0.77
C TYR A 577 -33.54 -8.54 -1.20
N LEU A 578 -34.05 -8.72 -2.42
CA LEU A 578 -35.09 -7.87 -2.97
C LEU A 578 -36.44 -8.56 -2.85
N ASP A 579 -37.44 -7.81 -2.41
CA ASP A 579 -38.80 -8.33 -2.35
C ASP A 579 -39.32 -8.59 -3.76
N VAL A 580 -40.38 -9.41 -3.84
CA VAL A 580 -40.83 -9.94 -5.12
C VAL A 580 -41.22 -8.84 -6.10
N LEU A 581 -41.82 -7.75 -5.62
CA LEU A 581 -42.27 -6.70 -6.53
C LEU A 581 -41.09 -6.01 -7.19
N THR A 582 -40.15 -5.51 -6.38
CA THR A 582 -38.98 -4.82 -6.93
C THR A 582 -38.10 -5.78 -7.75
N GLU A 583 -37.97 -7.02 -7.28
CA GLU A 583 -37.21 -8.02 -8.02
C GLU A 583 -37.81 -8.24 -9.41
N LYS A 584 -39.12 -8.45 -9.48
CA LYS A 584 -39.77 -8.70 -10.76
C LYS A 584 -39.68 -7.49 -11.67
N GLU A 585 -39.86 -6.28 -11.11
CA GLU A 585 -39.75 -5.08 -11.93
C GLU A 585 -38.35 -4.91 -12.49
N ILE A 586 -37.33 -5.14 -11.66
CA ILE A 586 -35.94 -5.01 -12.13
C ILE A 586 -35.65 -6.05 -13.19
N PHE A 587 -36.09 -7.29 -12.98
CA PHE A 587 -35.83 -8.33 -13.97
C PHE A 587 -36.48 -8.03 -15.30
N GLU A 588 -37.72 -7.51 -15.27
CA GLU A 588 -38.41 -7.20 -16.53
C GLU A 588 -37.77 -5.99 -17.21
N SER A 589 -37.48 -4.94 -16.45
CA SER A 589 -37.04 -3.69 -17.06
C SER A 589 -35.57 -3.72 -17.46
N CYS A 590 -34.68 -4.08 -16.53
CA CYS A 590 -33.24 -3.96 -16.76
C CYS A 590 -32.70 -5.15 -17.54
N VAL A 591 -32.80 -6.35 -16.97
CA VAL A 591 -32.09 -7.51 -17.51
C VAL A 591 -32.61 -7.88 -18.89
N CYS A 592 -33.93 -7.85 -19.08
CA CYS A 592 -34.51 -8.36 -20.32
C CYS A 592 -34.85 -7.28 -21.34
N LYS A 593 -34.91 -6.02 -20.95
CA LYS A 593 -35.38 -5.02 -21.89
C LYS A 593 -34.38 -3.91 -22.16
N LEU A 594 -33.65 -3.45 -21.13
CA LEU A 594 -32.71 -2.36 -21.36
C LEU A 594 -31.44 -2.87 -22.05
N MET A 595 -31.01 -4.08 -21.72
CA MET A 595 -29.78 -4.65 -22.26
C MET A 595 -30.05 -5.94 -23.00
N ALA A 596 -31.08 -5.93 -23.86
CA ALA A 596 -31.48 -7.12 -24.60
C ALA A 596 -30.49 -7.53 -25.68
N ASN A 597 -29.51 -6.70 -26.00
CA ASN A 597 -28.54 -7.00 -27.04
C ASN A 597 -27.25 -7.62 -26.50
N LYS A 598 -27.02 -7.58 -25.20
CA LYS A 598 -25.83 -8.17 -24.61
C LYS A 598 -26.03 -9.66 -24.40
N THR A 599 -24.91 -10.36 -24.18
CA THR A 599 -24.94 -11.79 -23.86
C THR A 599 -24.66 -11.98 -22.37
N ARG A 600 -25.72 -11.88 -21.57
CA ARG A 600 -25.59 -11.95 -20.12
C ARG A 600 -25.82 -13.36 -19.61
N ILE A 601 -25.19 -13.66 -18.46
CA ILE A 601 -25.36 -14.92 -17.75
C ILE A 601 -25.91 -14.59 -16.37
N LEU A 602 -27.05 -15.20 -16.03
CA LEU A 602 -27.77 -14.87 -14.80
C LEU A 602 -27.88 -16.11 -13.93
N VAL A 603 -27.31 -16.04 -12.72
CA VAL A 603 -27.45 -17.12 -11.74
C VAL A 603 -28.75 -16.93 -10.99
N THR A 604 -29.66 -17.89 -11.11
CA THR A 604 -30.97 -17.76 -10.50
C THR A 604 -31.54 -19.15 -10.24
N SER A 605 -32.48 -19.22 -9.29
CA SER A 605 -33.10 -20.47 -8.89
C SER A 605 -34.62 -20.33 -8.82
N LYS A 606 -35.20 -19.54 -9.71
CA LYS A 606 -36.64 -19.29 -9.73
C LYS A 606 -37.22 -19.83 -11.02
N MET A 607 -38.36 -20.54 -10.92
CA MET A 607 -39.00 -21.13 -12.09
C MET A 607 -39.88 -20.09 -12.79
N GLU A 608 -39.33 -18.88 -12.92
CA GLU A 608 -39.95 -17.85 -13.72
C GLU A 608 -38.90 -17.18 -14.61
N HIS A 609 -37.65 -17.26 -14.18
CA HIS A 609 -36.56 -16.69 -14.97
C HIS A 609 -36.06 -17.68 -16.02
N LEU A 610 -36.16 -18.98 -15.75
CA LEU A 610 -35.73 -19.99 -16.71
C LEU A 610 -36.62 -19.99 -17.94
N LYS A 611 -37.89 -19.60 -17.78
CA LYS A 611 -38.79 -19.49 -18.93
C LYS A 611 -38.30 -18.45 -19.92
N LYS A 612 -37.80 -17.32 -19.43
CA LYS A 612 -37.37 -16.23 -20.31
C LYS A 612 -36.02 -16.50 -20.97
N ALA A 613 -35.22 -17.42 -20.41
CA ALA A 613 -33.89 -17.68 -20.92
C ALA A 613 -33.94 -18.65 -22.10
N ASP A 614 -32.84 -18.68 -22.87
CA ASP A 614 -32.72 -19.56 -24.02
C ASP A 614 -32.16 -20.93 -23.65
N LYS A 615 -31.15 -20.98 -22.79
CA LYS A 615 -30.51 -22.23 -22.39
C LYS A 615 -30.46 -22.33 -20.88
N ILE A 616 -30.59 -23.55 -20.37
CA ILE A 616 -30.62 -23.83 -18.94
C ILE A 616 -29.48 -24.78 -18.61
N LEU A 617 -28.69 -24.41 -17.59
CA LEU A 617 -27.61 -25.26 -17.08
C LEU A 617 -27.88 -25.52 -15.61
N ILE A 618 -28.10 -26.79 -15.26
CA ILE A 618 -28.38 -27.21 -13.89
C ILE A 618 -27.22 -28.04 -13.38
N LEU A 619 -26.72 -27.70 -12.19
CA LEU A 619 -25.56 -28.35 -11.60
C LEU A 619 -25.98 -29.10 -10.33
N HIS A 620 -25.26 -30.16 -10.01
CA HIS A 620 -25.43 -30.85 -8.74
C HIS A 620 -24.14 -31.58 -8.40
N GLU A 621 -23.68 -31.42 -7.16
CA GLU A 621 -22.51 -32.10 -6.62
C GLU A 621 -21.25 -31.83 -7.45
N GLY A 622 -21.28 -30.78 -8.29
CA GLY A 622 -20.17 -30.40 -9.11
C GLY A 622 -20.26 -30.82 -10.56
N SER A 623 -21.04 -31.85 -10.86
CA SER A 623 -21.19 -32.34 -12.22
C SER A 623 -22.41 -31.71 -12.90
N SER A 624 -22.39 -31.73 -14.22
CA SER A 624 -23.51 -31.21 -14.99
C SER A 624 -24.68 -32.20 -14.98
N TYR A 625 -25.87 -31.71 -14.64
CA TYR A 625 -27.07 -32.53 -14.62
C TYR A 625 -27.91 -32.37 -15.89
N PHE A 626 -28.05 -31.15 -16.40
CA PHE A 626 -28.87 -30.91 -17.57
C PHE A 626 -28.31 -29.73 -18.36
N TYR A 627 -28.50 -29.78 -19.68
CA TYR A 627 -28.12 -28.69 -20.56
C TYR A 627 -29.00 -28.74 -21.79
N GLY A 628 -29.78 -27.70 -22.02
CA GLY A 628 -30.66 -27.67 -23.18
C GLY A 628 -31.68 -26.55 -23.06
N THR A 629 -32.67 -26.62 -23.95
CA THR A 629 -33.72 -25.62 -24.02
C THR A 629 -34.76 -25.85 -22.92
N PHE A 630 -35.42 -24.77 -22.52
CA PHE A 630 -36.44 -24.86 -21.47
C PHE A 630 -37.56 -25.82 -21.84
N SER A 631 -37.91 -25.90 -23.13
CA SER A 631 -38.97 -26.82 -23.54
C SER A 631 -38.59 -28.26 -23.24
N GLU A 632 -37.30 -28.60 -23.40
CA GLU A 632 -36.83 -29.94 -23.10
C GLU A 632 -36.85 -30.24 -21.61
N LEU A 633 -36.84 -29.21 -20.76
CA LEU A 633 -36.85 -29.45 -19.31
C LEU A 633 -38.14 -30.16 -18.89
N GLN A 634 -39.28 -29.79 -19.47
CA GLN A 634 -40.52 -30.48 -19.16
C GLN A 634 -40.51 -31.92 -19.68
N ASN A 635 -39.82 -32.17 -20.79
CA ASN A 635 -39.75 -33.50 -21.37
C ASN A 635 -38.71 -34.35 -20.63
N ASP A 806 -31.82 0.55 -27.64
CA ASP A 806 -30.44 0.85 -27.97
C ASP A 806 -29.86 1.89 -27.01
N ILE A 807 -30.28 1.83 -25.75
CA ILE A 807 -29.78 2.76 -24.74
C ILE A 807 -28.29 2.55 -24.52
N TYR A 808 -27.86 1.30 -24.40
CA TYR A 808 -26.44 0.97 -24.22
C TYR A 808 -25.82 0.74 -25.59
N SER A 809 -25.56 1.85 -26.30
CA SER A 809 -25.06 1.78 -27.66
C SER A 809 -23.63 1.24 -27.72
N ARG A 810 -22.68 1.95 -27.13
CA ARG A 810 -21.26 1.58 -27.19
C ARG A 810 -20.49 2.52 -26.28
N ARG A 811 -19.19 2.29 -26.19
CA ARG A 811 -18.30 3.14 -25.42
C ARG A 811 -16.91 3.12 -26.04
N LEU A 812 -16.21 4.24 -25.94
CA LEU A 812 -14.87 4.37 -26.46
C LEU A 812 -13.82 4.17 -25.35
N SER A 813 -12.57 4.06 -25.76
CA SER A 813 -11.47 3.90 -24.81
C SER A 813 -11.00 5.25 -24.30
N ILE A 820 -6.62 11.38 -9.47
CA ILE A 820 -6.28 11.62 -10.86
C ILE A 820 -5.20 12.69 -10.98
N SER A 821 -5.10 13.55 -9.96
CA SER A 821 -4.18 14.67 -9.99
C SER A 821 -2.86 14.42 -9.28
N GLU A 822 -2.79 13.37 -8.45
CA GLU A 822 -1.56 12.99 -7.74
C GLU A 822 -1.10 14.06 -6.74
N GLU A 823 -1.90 15.11 -6.57
CA GLU A 823 -1.52 16.25 -5.76
C GLU A 823 -2.63 16.61 -4.78
N ILE A 824 -2.22 17.07 -3.60
CA ILE A 824 -3.16 17.53 -2.57
C ILE A 824 -3.38 19.02 -2.78
N ASN A 825 -4.64 19.40 -3.02
CA ASN A 825 -4.95 20.81 -3.25
C ASN A 825 -5.33 21.53 -1.95
N GLU A 826 -6.53 21.26 -1.43
CA GLU A 826 -6.90 21.80 -0.13
C GLU A 826 -7.66 20.80 0.72
N GLU A 827 -8.36 19.85 0.09
CA GLU A 827 -9.35 19.07 0.80
C GLU A 827 -8.73 17.91 1.57
N ASP A 828 -7.73 17.25 0.98
CA ASP A 828 -7.23 16.01 1.55
C ASP A 828 -6.62 16.22 2.93
N LEU A 829 -5.95 17.35 3.16
CA LEU A 829 -5.38 17.64 4.46
C LEU A 829 -6.37 18.51 5.25
N LYS A 830 -7.50 17.90 5.59
CA LYS A 830 -8.50 18.56 6.41
C LYS A 830 -8.94 17.69 7.59
N GLU A 831 -9.04 16.38 7.36
CA GLU A 831 -9.46 15.45 8.40
C GLU A 831 -8.38 15.25 9.47
N CYS A 832 -7.13 15.57 9.16
CA CYS A 832 -6.07 15.43 10.16
C CYS A 832 -6.26 16.40 11.32
N PHE A 833 -6.82 17.58 11.05
CA PHE A 833 -7.09 18.56 12.08
C PHE A 833 -8.36 18.23 12.86
N TRP A 846 2.77 18.34 32.92
CA TRP A 846 1.64 18.07 32.05
C TRP A 846 0.99 16.74 32.46
N ASN A 847 -0.32 16.76 32.66
CA ASN A 847 -1.01 15.68 33.36
C ASN A 847 -1.02 14.36 32.60
N THR A 848 -0.63 14.33 31.33
CA THR A 848 -0.51 13.05 30.65
C THR A 848 0.58 12.20 31.28
N TYR A 849 1.68 12.83 31.71
CA TYR A 849 2.71 12.13 32.44
C TYR A 849 2.18 11.57 33.75
N LEU A 850 1.35 12.36 34.45
CA LEU A 850 0.79 11.90 35.72
C LEU A 850 -0.13 10.71 35.52
N ARG A 851 -1.00 10.76 34.50
CA ARG A 851 -1.88 9.63 34.24
C ARG A 851 -1.10 8.39 33.84
N TYR A 852 -0.03 8.56 33.07
CA TYR A 852 0.78 7.41 32.69
C TYR A 852 1.49 6.81 33.90
N ILE A 853 2.01 7.65 34.79
CA ILE A 853 2.76 7.14 35.94
C ILE A 853 1.85 6.46 36.94
N THR A 854 0.71 7.07 37.26
CA THR A 854 -0.14 6.61 38.36
C THR A 854 -1.07 5.47 37.97
N VAL A 855 -1.07 5.05 36.70
CA VAL A 855 -1.95 3.95 36.30
C VAL A 855 -1.51 2.62 36.92
N HIS A 856 -0.24 2.50 37.31
CA HIS A 856 0.29 1.27 37.89
C HIS A 856 0.95 1.59 39.22
N LYS A 857 0.52 0.90 40.28
CA LYS A 857 0.88 1.29 41.63
C LYS A 857 2.33 0.98 41.97
N SER A 858 2.90 -0.07 41.37
CA SER A 858 4.27 -0.48 41.71
C SER A 858 5.32 0.48 41.15
N LEU A 859 4.98 1.20 40.07
CA LEU A 859 5.95 2.07 39.43
C LEU A 859 6.38 3.20 40.36
N ILE A 860 5.45 3.72 41.16
CA ILE A 860 5.75 4.79 42.10
C ILE A 860 6.77 4.30 43.14
N PHE A 861 6.55 3.09 43.66
CA PHE A 861 7.48 2.53 44.64
C PHE A 861 8.86 2.33 44.02
N VAL A 862 8.89 1.86 42.77
CA VAL A 862 10.18 1.66 42.11
C VAL A 862 10.93 2.98 41.96
N LEU A 863 10.21 4.03 41.58
CA LEU A 863 10.86 5.34 41.42
C LEU A 863 11.37 5.88 42.76
N ILE A 864 10.59 5.71 43.82
CA ILE A 864 11.04 6.17 45.14
C ILE A 864 12.28 5.40 45.58
N TRP A 865 12.30 4.10 45.34
CA TRP A 865 13.49 3.29 45.61
C TRP A 865 14.71 3.83 44.88
N CYS A 866 14.54 4.15 43.58
CA CYS A 866 15.65 4.69 42.80
C CYS A 866 16.16 5.99 43.39
N LEU A 867 15.25 6.88 43.79
CA LEU A 867 15.69 8.15 44.38
C LEU A 867 16.41 7.94 45.70
N VAL A 868 15.97 6.97 46.50
CA VAL A 868 16.63 6.71 47.78
C VAL A 868 18.07 6.26 47.55
N ILE A 869 18.28 5.32 46.62
CA ILE A 869 19.65 4.86 46.38
C ILE A 869 20.48 5.97 45.76
N PHE A 870 19.88 6.81 44.92
CA PHE A 870 20.61 7.95 44.35
C PHE A 870 21.10 8.88 45.45
N LEU A 871 20.24 9.21 46.41
CA LEU A 871 20.65 10.11 47.49
C LEU A 871 21.73 9.49 48.34
N ALA A 872 21.65 8.18 48.59
CA ALA A 872 22.71 7.52 49.36
C ALA A 872 24.04 7.61 48.64
N GLU A 873 24.06 7.35 47.34
CA GLU A 873 25.30 7.44 46.58
C GLU A 873 25.84 8.87 46.57
N VAL A 874 24.96 9.87 46.43
CA VAL A 874 25.41 11.26 46.41
C VAL A 874 26.06 11.62 47.74
N ALA A 875 25.44 11.21 48.85
CA ALA A 875 26.02 11.51 50.16
C ALA A 875 27.37 10.84 50.34
N ALA A 876 27.49 9.58 49.94
CA ALA A 876 28.76 8.88 50.06
C ALA A 876 29.84 9.56 49.23
N SER A 877 29.51 9.95 47.99
CA SER A 877 30.49 10.61 47.14
C SER A 877 30.93 11.94 47.72
N LEU A 878 29.99 12.72 48.25
CA LEU A 878 30.34 14.00 48.85
C LEU A 878 31.26 13.79 50.06
N VAL A 879 30.95 12.81 50.90
CA VAL A 879 31.79 12.57 52.08
C VAL A 879 33.20 12.17 51.65
N VAL A 880 33.31 11.29 50.65
CA VAL A 880 34.64 10.86 50.22
C VAL A 880 35.41 12.04 49.63
N LEU A 881 34.76 12.85 48.79
CA LEU A 881 35.46 13.95 48.14
C LEU A 881 35.88 15.02 49.13
N TRP A 882 35.12 15.20 50.21
CA TRP A 882 35.53 16.16 51.24
C TRP A 882 36.79 15.70 51.97
N LEU A 883 37.02 14.38 52.04
CA LEU A 883 38.10 13.83 52.84
C LEU A 883 39.27 13.44 51.92
N LEU A 884 40.10 14.43 51.63
CA LEU A 884 41.41 14.21 50.99
C LEU A 884 42.18 15.52 50.88
N TYR A 903 54.87 9.47 47.08
CA TYR A 903 53.89 8.39 46.96
C TYR A 903 53.80 7.89 45.52
N ALA A 904 52.59 7.53 45.10
CA ALA A 904 52.37 7.03 43.75
C ALA A 904 51.94 8.12 42.76
N VAL A 905 51.34 9.21 43.24
CA VAL A 905 50.88 10.30 42.39
C VAL A 905 51.47 11.60 42.91
N ILE A 906 51.90 12.45 41.97
CA ILE A 906 52.47 13.75 42.32
C ILE A 906 51.33 14.77 42.37
N ILE A 907 50.97 15.19 43.57
CA ILE A 907 49.93 16.19 43.77
C ILE A 907 50.48 17.31 44.65
N THR A 908 50.18 18.54 44.28
CA THR A 908 50.58 19.71 45.07
C THR A 908 49.42 20.68 45.15
N SER A 909 49.44 21.53 46.17
CA SER A 909 48.37 22.50 46.35
C SER A 909 48.22 23.41 45.14
N THR A 910 49.32 23.65 44.42
CA THR A 910 49.26 24.48 43.22
C THR A 910 48.45 23.83 42.11
N SER A 911 48.49 22.51 42.00
CA SER A 911 47.80 21.77 40.96
C SER A 911 46.68 20.90 41.52
N SER A 912 46.14 21.25 42.68
CA SER A 912 45.12 20.44 43.32
C SER A 912 43.75 20.55 42.68
N TYR A 913 43.55 21.53 41.78
CA TYR A 913 42.24 21.75 41.18
C TYR A 913 41.80 20.61 40.26
N TYR A 914 42.72 19.75 39.83
CA TYR A 914 42.36 18.66 38.95
C TYR A 914 41.44 17.63 39.60
N VAL A 915 41.33 17.62 40.93
CA VAL A 915 40.51 16.62 41.60
C VAL A 915 39.05 16.74 41.18
N PHE A 916 38.53 17.97 41.15
CA PHE A 916 37.13 18.17 40.77
C PHE A 916 36.92 17.90 39.28
N TYR A 917 37.91 18.22 38.44
CA TYR A 917 37.80 17.91 37.02
C TYR A 917 37.71 16.41 36.78
N ILE A 918 38.56 15.65 37.48
CA ILE A 918 38.52 14.19 37.35
C ILE A 918 37.20 13.64 37.87
N TYR A 919 36.72 14.14 39.01
CA TYR A 919 35.45 13.68 39.54
C TYR A 919 34.32 13.94 38.55
N VAL A 920 34.26 15.15 37.97
CA VAL A 920 33.20 15.46 37.02
C VAL A 920 33.32 14.60 35.77
N GLY A 921 34.55 14.33 35.33
CA GLY A 921 34.73 13.51 34.15
C GLY A 921 34.55 12.02 34.34
N VAL A 922 34.50 11.55 35.59
CA VAL A 922 34.31 10.14 35.87
C VAL A 922 33.01 9.85 36.60
N ALA A 923 32.19 10.87 36.89
CA ALA A 923 30.95 10.66 37.62
C ALA A 923 29.94 9.77 36.90
N ASP A 924 30.13 9.55 35.59
CA ASP A 924 29.18 8.73 34.84
C ASP A 924 29.07 7.32 35.41
N THR A 925 30.11 6.82 36.05
CA THR A 925 30.11 5.46 36.58
C THR A 925 29.66 5.39 38.04
N LEU A 926 30.00 6.38 38.85
CA LEU A 926 29.65 6.33 40.26
C LEU A 926 28.14 6.43 40.47
N LEU A 927 27.47 7.27 39.69
CA LEU A 927 26.03 7.51 39.85
C LEU A 927 25.21 6.80 38.79
N ALA A 928 25.65 5.61 38.36
CA ALA A 928 24.94 4.83 37.36
C ALA A 928 23.97 3.88 38.04
N MET A 929 22.96 3.45 37.27
CA MET A 929 21.93 2.55 37.78
C MET A 929 22.29 1.11 37.42
N GLY A 930 22.65 0.32 38.41
CA GLY A 930 22.85 -1.10 38.20
C GLY A 930 21.53 -1.82 37.99
N PHE A 931 21.63 -3.11 37.66
CA PHE A 931 20.41 -3.87 37.35
C PHE A 931 19.47 -4.01 38.54
N PHE A 932 19.97 -3.87 39.78
CA PHE A 932 19.06 -3.80 40.94
C PHE A 932 18.08 -2.65 40.83
N ARG A 933 18.43 -1.58 40.11
CA ARG A 933 17.54 -0.47 39.87
C ARG A 933 17.13 -0.32 38.42
N GLY A 934 17.78 -1.03 37.51
CA GLY A 934 17.43 -0.99 36.10
C GLY A 934 16.37 -1.99 35.72
N LEU A 935 16.55 -3.26 36.10
CA LEU A 935 15.64 -4.32 35.66
C LEU A 935 14.21 -4.13 36.18
N PRO A 936 13.99 -3.83 37.46
CA PRO A 936 12.59 -3.63 37.91
C PRO A 936 11.87 -2.52 37.16
N LEU A 937 12.59 -1.44 36.82
CA LEU A 937 11.96 -0.33 36.11
C LEU A 937 11.50 -0.76 34.72
N VAL A 938 12.36 -1.50 34.01
CA VAL A 938 12.00 -1.98 32.68
C VAL A 938 10.84 -2.98 32.77
N HIS A 939 10.84 -3.81 33.80
CA HIS A 939 9.76 -4.78 33.99
C HIS A 939 8.42 -4.06 34.22
N THR A 940 8.41 -3.06 35.11
CA THR A 940 7.17 -2.38 35.44
C THR A 940 6.66 -1.52 34.28
N LEU A 941 7.58 -0.87 33.56
CA LEU A 941 7.17 -0.04 32.44
C LEU A 941 6.51 -0.85 31.33
N ILE A 942 6.85 -2.14 31.24
CA ILE A 942 6.16 -3.00 30.28
C ILE A 942 4.87 -3.54 30.87
N THR A 943 4.83 -3.76 32.19
CA THR A 943 3.57 -4.18 32.80
C THR A 943 2.49 -3.12 32.64
N VAL A 944 2.88 -1.85 32.53
CA VAL A 944 1.89 -0.76 32.35
C VAL A 944 1.12 -0.93 31.04
N SER A 945 1.82 -1.30 29.97
CA SER A 945 1.22 -1.29 28.64
C SER A 945 0.14 -2.35 28.50
N LYS A 946 0.24 -3.46 29.22
CA LYS A 946 -0.81 -4.48 29.16
C LYS A 946 -2.10 -3.97 29.78
N ILE A 947 -2.01 -3.22 30.87
CA ILE A 947 -3.19 -2.62 31.47
C ILE A 947 -3.81 -1.61 30.50
N LEU A 948 -2.97 -0.77 29.88
CA LEU A 948 -3.50 0.20 28.93
C LEU A 948 -4.20 -0.48 27.77
N HIS A 949 -3.61 -1.53 27.21
CA HIS A 949 -4.23 -2.24 26.09
C HIS A 949 -5.56 -2.88 26.48
N HIS A 950 -5.60 -3.55 27.64
CA HIS A 950 -6.84 -4.18 28.06
C HIS A 950 -7.93 -3.15 28.28
N LYS A 951 -7.59 -2.01 28.91
CA LYS A 951 -8.58 -0.97 29.12
C LYS A 951 -9.09 -0.42 27.80
N MET A 952 -8.19 -0.19 26.83
CA MET A 952 -8.62 0.35 25.55
C MET A 952 -9.56 -0.62 24.83
N LEU A 953 -9.22 -1.90 24.83
CA LEU A 953 -10.09 -2.89 24.18
C LEU A 953 -11.46 -2.94 24.86
N HIS A 954 -11.48 -2.93 26.20
CA HIS A 954 -12.74 -2.98 26.92
C HIS A 954 -13.59 -1.75 26.61
N SER A 955 -12.98 -0.56 26.58
CA SER A 955 -13.74 0.65 26.30
C SER A 955 -14.26 0.68 24.87
N VAL A 956 -13.48 0.16 23.92
CA VAL A 956 -13.96 0.09 22.54
C VAL A 956 -15.18 -0.82 22.44
N LEU A 957 -15.14 -1.97 23.10
CA LEU A 957 -16.26 -2.90 22.97
C LEU A 957 -17.55 -2.40 23.64
N GLN A 958 -17.45 -1.41 24.53
CA GLN A 958 -18.62 -0.94 25.27
C GLN A 958 -19.22 0.34 24.70
N ALA A 959 -18.62 0.92 23.65
CA ALA A 959 -19.08 2.20 23.13
C ALA A 959 -20.44 2.08 22.46
N PRO A 960 -21.26 3.14 22.48
CA PRO A 960 -22.52 3.10 21.74
C PRO A 960 -22.29 3.06 20.24
N MET A 961 -23.25 2.48 19.53
CA MET A 961 -23.10 2.28 18.10
C MET A 961 -22.98 3.60 17.35
N SER A 962 -23.58 4.67 17.86
CA SER A 962 -23.57 5.94 17.14
C SER A 962 -22.16 6.50 17.03
N THR A 963 -21.35 6.37 18.09
CA THR A 963 -20.02 6.94 18.07
C THR A 963 -19.00 6.04 17.38
N LEU A 964 -19.28 4.75 17.23
CA LEU A 964 -18.34 3.87 16.54
C LEU A 964 -18.29 4.13 15.04
N ASN A 965 -19.32 4.76 14.48
CA ASN A 965 -19.33 5.07 13.05
C ASN A 965 -18.50 6.30 12.71
N THR A 966 -18.21 7.16 13.69
CA THR A 966 -17.33 8.29 13.45
C THR A 966 -15.89 7.85 13.21
N LEU A 967 -15.54 6.63 13.62
CA LEU A 967 -14.20 6.09 13.39
C LEU A 967 -14.11 5.48 12.00
N LYS A 968 -12.87 5.20 11.59
CA LYS A 968 -12.58 4.51 10.35
C LYS A 968 -11.77 3.25 10.66
N ALA A 969 -11.77 2.31 9.70
CA ALA A 969 -11.00 1.08 9.89
C ALA A 969 -9.51 1.36 10.01
N GLY A 970 -9.01 2.34 9.24
CA GLY A 970 -7.62 2.67 9.30
C GLY A 970 -7.18 3.26 10.61
N GLY A 971 -8.05 4.03 11.27
CA GLY A 971 -7.71 4.53 12.60
C GLY A 971 -7.64 3.42 13.63
N ILE A 972 -8.53 2.43 13.53
CA ILE A 972 -8.48 1.29 14.43
C ILE A 972 -7.18 0.52 14.25
N LEU A 973 -6.84 0.21 12.99
CA LEU A 973 -5.58 -0.49 12.72
C LEU A 973 -4.38 0.32 13.19
N ASN A 974 -4.42 1.64 12.97
CA ASN A 974 -3.32 2.50 13.41
C ASN A 974 -3.13 2.44 14.92
N ARG A 975 -4.21 2.66 15.67
CA ARG A 975 -4.07 2.73 17.12
C ARG A 975 -3.74 1.38 17.74
N PHE A 976 -4.22 0.29 17.17
CA PHE A 976 -3.88 -1.00 17.77
C PHE A 976 -2.52 -1.53 17.31
N SER A 977 -2.00 -1.09 16.16
CA SER A 977 -0.68 -1.55 15.76
C SER A 977 0.44 -0.63 16.25
N LYS A 978 0.44 0.63 15.79
CA LYS A 978 1.61 1.46 15.97
C LYS A 978 1.71 1.98 17.40
N ASP A 979 0.59 2.39 17.98
CA ASP A 979 0.57 2.99 19.31
C ASP A 979 0.60 1.94 20.42
N ILE A 980 0.66 0.67 20.06
CA ILE A 980 0.92 -0.40 21.00
C ILE A 980 2.33 -0.95 20.84
N ALA A 981 2.83 -1.05 19.60
CA ALA A 981 4.22 -1.42 19.40
C ALA A 981 5.15 -0.38 20.01
N ILE A 982 4.83 0.90 19.83
CA ILE A 982 5.61 1.96 20.48
C ILE A 982 5.53 1.83 22.00
N LEU A 983 4.32 1.58 22.51
CA LEU A 983 4.14 1.53 23.96
C LEU A 983 4.90 0.37 24.59
N ASP A 984 5.06 -0.73 23.86
CA ASP A 984 5.80 -1.86 24.41
C ASP A 984 7.30 -1.71 24.24
N ASP A 985 7.76 -1.30 23.06
CA ASP A 985 9.19 -1.42 22.74
C ASP A 985 9.99 -0.16 23.05
N LEU A 986 9.64 0.96 22.43
CA LEU A 986 10.53 2.12 22.43
C LEU A 986 10.48 2.87 23.75
N LEU A 987 9.28 3.07 24.30
CA LEU A 987 9.13 3.97 25.44
C LEU A 987 9.92 3.57 26.69
N PRO A 988 9.92 2.32 27.15
CA PRO A 988 10.61 2.01 28.42
C PRO A 988 12.11 2.28 28.39
N LEU A 989 12.81 1.85 27.35
CA LEU A 989 14.25 2.04 27.30
C LEU A 989 14.61 3.52 27.13
N THR A 990 13.81 4.27 26.37
CA THR A 990 14.08 5.69 26.22
C THR A 990 13.87 6.42 27.54
N ILE A 991 12.83 6.05 28.29
CA ILE A 991 12.62 6.65 29.61
C ILE A 991 13.76 6.32 30.54
N PHE A 992 14.23 5.06 30.51
CA PHE A 992 15.38 4.66 31.30
C PHE A 992 16.60 5.53 30.99
N ASP A 993 16.92 5.70 29.71
CA ASP A 993 18.09 6.49 29.34
C ASP A 993 17.96 7.95 29.77
N PHE A 994 16.77 8.53 29.57
CA PHE A 994 16.53 9.91 29.97
C PHE A 994 16.72 10.07 31.47
N ILE A 995 16.17 9.15 32.26
CA ILE A 995 16.32 9.22 33.71
C ILE A 995 17.78 9.11 34.10
N GLN A 996 18.53 8.23 33.44
CA GLN A 996 19.94 8.07 33.77
C GLN A 996 20.71 9.37 33.55
N LEU A 997 20.53 9.99 32.38
CA LEU A 997 21.24 11.23 32.12
C LEU A 997 20.83 12.34 33.07
N LEU A 998 19.53 12.44 33.38
CA LEU A 998 19.06 13.47 34.30
C LEU A 998 19.67 13.30 35.68
N LEU A 999 19.71 12.05 36.17
CA LEU A 999 20.30 11.78 37.47
C LEU A 999 21.78 12.09 37.49
N ILE A 1000 22.50 11.77 36.40
CA ILE A 1000 23.92 12.08 36.35
C ILE A 1000 24.14 13.59 36.47
N VAL A 1001 23.37 14.36 35.70
CA VAL A 1001 23.53 15.82 35.72
C VAL A 1001 23.25 16.37 37.11
N ILE A 1002 22.13 15.95 37.71
CA ILE A 1002 21.74 16.48 39.02
C ILE A 1002 22.77 16.11 40.07
N GLY A 1003 23.25 14.87 40.07
CA GLY A 1003 24.22 14.46 41.08
C GLY A 1003 25.53 15.20 40.93
N ALA A 1004 26.01 15.37 39.70
CA ALA A 1004 27.26 16.10 39.50
C ALA A 1004 27.14 17.52 40.01
N ILE A 1005 26.06 18.21 39.64
CA ILE A 1005 25.89 19.59 40.09
C ILE A 1005 25.80 19.66 41.61
N ALA A 1006 24.99 18.78 42.20
CA ALA A 1006 24.76 18.85 43.64
C ALA A 1006 26.04 18.59 44.42
N VAL A 1007 26.83 17.59 44.00
CA VAL A 1007 28.04 17.29 44.75
C VAL A 1007 29.09 18.39 44.55
N VAL A 1008 29.27 18.85 43.31
CA VAL A 1008 30.37 19.78 43.04
C VAL A 1008 30.06 21.17 43.56
N ALA A 1009 28.79 21.54 43.69
CA ALA A 1009 28.47 22.90 44.11
C ALA A 1009 28.68 23.11 45.61
N VAL A 1010 28.52 22.07 46.42
CA VAL A 1010 28.54 22.22 47.87
C VAL A 1010 29.93 22.64 48.34
N LEU A 1011 30.99 22.08 47.75
CA LEU A 1011 32.33 22.32 48.26
C LEU A 1011 32.76 23.77 48.09
N GLN A 1012 32.38 24.41 46.99
CA GLN A 1012 32.56 25.85 46.86
C GLN A 1012 31.51 26.43 45.91
N PRO A 1013 30.48 27.08 46.45
CA PRO A 1013 29.31 27.42 45.65
C PRO A 1013 29.52 28.57 44.68
N TYR A 1014 30.23 28.33 43.58
CA TYR A 1014 30.24 29.29 42.48
C TYR A 1014 30.04 28.67 41.10
N ILE A 1015 30.10 27.35 40.95
CA ILE A 1015 29.67 26.74 39.69
C ILE A 1015 28.18 26.94 39.49
N PHE A 1016 27.40 26.77 40.55
CA PHE A 1016 25.95 26.86 40.43
C PHE A 1016 25.52 28.23 39.94
N VAL A 1017 26.13 29.29 40.48
CA VAL A 1017 25.82 30.64 39.99
C VAL A 1017 26.29 30.81 38.55
N ALA A 1018 27.46 30.27 38.22
CA ALA A 1018 28.00 30.41 36.88
C ALA A 1018 27.26 29.58 35.84
N THR A 1019 26.41 28.64 36.26
CA THR A 1019 25.74 27.74 35.33
C THR A 1019 24.27 28.12 35.09
N VAL A 1020 23.75 29.13 35.78
CA VAL A 1020 22.35 29.52 35.59
C VAL A 1020 22.04 29.98 34.16
N PRO A 1021 22.85 30.86 33.53
CA PRO A 1021 22.45 31.38 32.21
C PRO A 1021 22.33 30.32 31.14
N VAL A 1022 23.06 29.20 31.25
CA VAL A 1022 22.94 28.14 30.27
C VAL A 1022 21.70 27.30 30.54
N ILE A 1023 21.45 26.97 31.81
CA ILE A 1023 20.30 26.15 32.18
C ILE A 1023 19.01 26.86 31.81
N VAL A 1024 18.95 28.18 32.02
CA VAL A 1024 17.74 28.93 31.70
C VAL A 1024 17.46 28.89 30.20
N ALA A 1025 18.48 29.15 29.38
CA ALA A 1025 18.30 29.18 27.94
C ALA A 1025 17.90 27.82 27.39
N PHE A 1026 18.52 26.74 27.90
CA PHE A 1026 18.21 25.40 27.40
C PHE A 1026 16.76 25.01 27.68
N ILE A 1027 16.10 25.66 28.63
CA ILE A 1027 14.69 25.41 28.90
C ILE A 1027 13.79 26.33 28.10
N MET A 1028 14.19 27.60 27.97
CA MET A 1028 13.38 28.54 27.20
C MET A 1028 13.26 28.10 25.75
N LEU A 1029 14.39 27.76 25.12
CA LEU A 1029 14.36 27.33 23.73
C LEU A 1029 13.54 26.05 23.58
N ARG A 1030 13.68 25.13 24.53
CA ARG A 1030 12.96 23.87 24.46
C ARG A 1030 11.46 24.09 24.51
N ALA A 1031 11.00 24.97 25.41
CA ALA A 1031 9.56 25.27 25.47
C ALA A 1031 9.07 25.91 24.18
N TYR A 1032 9.85 26.87 23.65
CA TYR A 1032 9.43 27.55 22.44
C TYR A 1032 9.30 26.57 21.27
N PHE A 1033 10.25 25.64 21.15
CA PHE A 1033 10.18 24.64 20.09
C PHE A 1033 9.02 23.67 20.31
N LEU A 1034 8.86 23.17 21.53
CA LEU A 1034 7.86 22.14 21.79
C LEU A 1034 6.45 22.65 21.50
N GLN A 1035 6.20 23.93 21.76
CA GLN A 1035 4.85 24.48 21.55
C GLN A 1035 4.32 24.20 20.16
N THR A 1036 5.20 24.17 19.15
CA THR A 1036 4.81 23.82 17.79
C THR A 1036 5.08 22.36 17.45
N SER A 1037 6.13 21.78 18.03
CA SER A 1037 6.47 20.41 17.71
C SER A 1037 5.38 19.42 18.12
N GLN A 1038 4.65 19.70 19.20
CA GLN A 1038 3.56 18.80 19.59
C GLN A 1038 2.47 18.76 18.52
N GLN A 1039 2.09 19.93 18.00
CA GLN A 1039 1.06 19.98 16.97
C GLN A 1039 1.52 19.29 15.70
N LEU A 1040 2.78 19.51 15.31
CA LEU A 1040 3.27 18.85 14.11
C LEU A 1040 3.33 17.34 14.28
N LYS A 1041 3.71 16.87 15.46
CA LYS A 1041 3.74 15.43 15.72
C LYS A 1041 2.34 14.84 15.66
N GLN A 1042 1.34 15.53 16.21
CA GLN A 1042 -0.03 15.06 16.14
C GLN A 1042 -0.49 14.95 14.69
N LEU A 1043 -0.23 16.00 13.89
CA LEU A 1043 -0.67 15.99 12.49
C LEU A 1043 0.01 14.87 11.72
N GLU A 1044 1.29 14.63 11.97
CA GLU A 1044 1.97 13.51 11.31
C GLU A 1044 1.40 12.18 11.78
N SER A 1045 1.00 12.10 13.06
CA SER A 1045 0.45 10.86 13.59
C SER A 1045 -0.88 10.50 12.95
N GLU A 1046 -1.67 11.50 12.54
CA GLU A 1046 -2.91 11.19 11.84
C GLU A 1046 -2.76 11.04 10.34
N GLY A 1047 -1.58 11.29 9.77
CA GLY A 1047 -1.42 11.19 8.34
C GLY A 1047 -1.39 9.77 7.80
N ARG A 1048 -1.16 8.79 8.66
CA ARG A 1048 -0.94 7.42 8.23
C ARG A 1048 -2.18 6.53 8.33
N SER A 1049 -3.33 7.08 8.68
CA SER A 1049 -4.58 6.31 8.69
C SER A 1049 -5.14 6.08 7.28
N PRO A 1050 -5.13 7.08 6.39
CA PRO A 1050 -5.61 6.80 5.02
C PRO A 1050 -4.88 5.67 4.32
N ILE A 1051 -3.58 5.49 4.60
CA ILE A 1051 -2.83 4.39 4.02
C ILE A 1051 -3.47 3.06 4.41
N PHE A 1052 -3.78 2.90 5.70
CA PHE A 1052 -4.35 1.64 6.17
C PHE A 1052 -5.77 1.44 5.71
N THR A 1053 -6.60 2.51 5.66
CA THR A 1053 -7.96 2.29 5.18
C THR A 1053 -7.99 1.96 3.69
N HIS A 1054 -7.09 2.56 2.89
CA HIS A 1054 -7.00 2.18 1.49
C HIS A 1054 -6.49 0.74 1.36
N LEU A 1055 -5.52 0.35 2.18
CA LEU A 1055 -4.98 -1.00 2.09
C LEU A 1055 -6.03 -2.04 2.46
N VAL A 1056 -6.87 -1.74 3.45
CA VAL A 1056 -7.89 -2.71 3.86
C VAL A 1056 -9.06 -2.74 2.87
N THR A 1057 -9.38 -1.61 2.24
CA THR A 1057 -10.47 -1.64 1.26
C THR A 1057 -10.02 -2.20 -0.09
N SER A 1058 -8.72 -2.18 -0.39
CA SER A 1058 -8.25 -2.71 -1.66
C SER A 1058 -8.39 -4.22 -1.73
N LEU A 1059 -8.08 -4.91 -0.64
CA LEU A 1059 -8.06 -6.37 -0.67
C LEU A 1059 -9.46 -6.97 -0.78
N LYS A 1060 -10.49 -6.24 -0.33
CA LYS A 1060 -11.84 -6.79 -0.40
C LYS A 1060 -12.38 -6.80 -1.81
N GLY A 1061 -12.02 -5.81 -2.63
CA GLY A 1061 -12.50 -5.68 -3.99
C GLY A 1061 -11.53 -6.12 -5.06
N LEU A 1062 -10.58 -7.00 -4.74
CA LEU A 1062 -9.52 -7.32 -5.70
C LEU A 1062 -10.08 -7.95 -6.96
N TRP A 1063 -11.00 -8.91 -6.82
CA TRP A 1063 -11.57 -9.55 -8.00
C TRP A 1063 -12.37 -8.57 -8.84
N THR A 1064 -13.13 -7.68 -8.18
CA THR A 1064 -13.88 -6.67 -8.92
C THR A 1064 -12.94 -5.70 -9.62
N LEU A 1065 -11.84 -5.33 -8.96
CA LEU A 1065 -10.87 -4.44 -9.58
C LEU A 1065 -10.25 -5.07 -10.82
N ARG A 1066 -9.90 -6.35 -10.74
CA ARG A 1066 -9.29 -6.98 -11.91
C ARG A 1066 -10.32 -7.29 -13.01
N ALA A 1067 -11.58 -7.54 -12.63
CA ALA A 1067 -12.61 -7.76 -13.64
C ALA A 1067 -12.91 -6.49 -14.41
N PHE A 1068 -13.06 -5.36 -13.71
CA PHE A 1068 -13.32 -4.10 -14.40
C PHE A 1068 -12.06 -3.52 -15.04
N GLY A 1069 -10.90 -3.73 -14.42
CA GLY A 1069 -9.67 -3.16 -14.92
C GLY A 1069 -9.48 -1.71 -14.52
N ARG A 1070 -9.42 -1.46 -13.22
CA ARG A 1070 -9.26 -0.11 -12.68
C ARG A 1070 -8.01 0.01 -11.81
N GLN A 1071 -6.99 -0.81 -12.07
CA GLN A 1071 -5.78 -0.75 -11.25
C GLN A 1071 -5.08 0.61 -11.27
N PRO A 1072 -4.90 1.30 -12.40
CA PRO A 1072 -4.21 2.60 -12.36
C PRO A 1072 -4.92 3.62 -11.49
N TYR A 1073 -6.25 3.59 -11.44
CA TYR A 1073 -7.00 4.52 -10.61
C TYR A 1073 -6.66 4.34 -9.13
N PHE A 1074 -6.63 3.09 -8.67
CA PHE A 1074 -6.31 2.83 -7.27
C PHE A 1074 -4.84 3.09 -6.97
N GLU A 1075 -3.95 2.82 -7.94
CA GLU A 1075 -2.55 3.18 -7.76
C GLU A 1075 -2.39 4.68 -7.56
N THR A 1076 -3.11 5.48 -8.37
CA THR A 1076 -3.05 6.92 -8.22
C THR A 1076 -3.60 7.35 -6.86
N LEU A 1077 -4.68 6.73 -6.40
CA LEU A 1077 -5.22 7.07 -5.10
C LEU A 1077 -4.22 6.77 -3.98
N PHE A 1078 -3.53 5.64 -4.07
CA PHE A 1078 -2.57 5.28 -3.03
C PHE A 1078 -1.38 6.23 -3.04
N HIS A 1079 -0.92 6.63 -4.23
CA HIS A 1079 0.15 7.62 -4.29
C HIS A 1079 -0.27 8.95 -3.71
N LYS A 1080 -1.53 9.34 -3.92
CA LYS A 1080 -2.04 10.55 -3.30
C LYS A 1080 -1.99 10.47 -1.78
N ALA A 1081 -2.38 9.31 -1.23
CA ALA A 1081 -2.31 9.14 0.22
C ALA A 1081 -0.86 9.17 0.72
N LEU A 1082 0.07 8.59 -0.02
CA LEU A 1082 1.47 8.65 0.37
C LEU A 1082 1.99 10.08 0.39
N ASN A 1083 1.64 10.87 -0.63
CA ASN A 1083 2.04 12.27 -0.64
C ASN A 1083 1.43 13.03 0.52
N LEU A 1084 0.18 12.72 0.87
CA LEU A 1084 -0.45 13.35 2.04
C LEU A 1084 0.35 13.05 3.31
N HIS A 1085 0.80 11.81 3.47
CA HIS A 1085 1.61 11.49 4.65
C HIS A 1085 2.95 12.23 4.63
N THR A 1086 3.62 12.26 3.49
CA THR A 1086 4.93 12.89 3.42
C THR A 1086 4.87 14.38 3.71
N ALA A 1087 3.78 15.04 3.29
CA ALA A 1087 3.67 16.48 3.50
C ALA A 1087 3.78 16.85 4.98
N ASN A 1088 3.19 16.03 5.86
CA ASN A 1088 3.29 16.28 7.29
C ASN A 1088 4.53 15.68 7.92
N TRP A 1089 5.06 14.59 7.35
CA TRP A 1089 6.26 13.99 7.95
C TRP A 1089 7.51 14.84 7.73
N PHE A 1090 7.55 15.63 6.65
CA PHE A 1090 8.78 16.36 6.34
C PHE A 1090 9.04 17.51 7.32
N LEU A 1091 8.00 18.27 7.66
CA LEU A 1091 8.17 19.46 8.47
C LEU A 1091 8.63 19.14 9.88
N TYR A 1092 8.21 17.99 10.42
CA TYR A 1092 8.65 17.60 11.76
C TYR A 1092 10.16 17.44 11.80
N LEU A 1093 10.73 16.74 10.81
CA LEU A 1093 12.17 16.57 10.76
C LEU A 1093 12.87 17.91 10.53
N SER A 1094 12.31 18.77 9.69
CA SER A 1094 12.96 20.07 9.46
C SER A 1094 13.04 20.88 10.75
N THR A 1095 11.93 20.97 11.50
CA THR A 1095 11.95 21.72 12.75
C THR A 1095 12.81 21.07 13.81
N LEU A 1096 12.84 19.74 13.86
CA LEU A 1096 13.70 19.05 14.82
C LEU A 1096 15.17 19.35 14.55
N ARG A 1097 15.56 19.34 13.27
CA ARG A 1097 16.93 19.70 12.93
C ARG A 1097 17.23 21.16 13.30
N TRP A 1098 16.28 22.06 13.06
CA TRP A 1098 16.49 23.46 13.43
C TRP A 1098 16.75 23.59 14.93
N PHE A 1099 15.95 22.91 15.75
CA PHE A 1099 16.13 22.98 17.20
C PHE A 1099 17.48 22.41 17.63
N GLN A 1100 17.82 21.22 17.10
CA GLN A 1100 19.06 20.59 17.51
C GLN A 1100 20.29 21.33 17.01
N MET A 1101 20.15 22.18 15.98
CA MET A 1101 21.26 23.04 15.59
C MET A 1101 21.34 24.28 16.47
N ARG A 1102 20.19 24.85 16.84
CA ARG A 1102 20.21 26.04 17.69
C ARG A 1102 20.80 25.75 19.07
N ILE A 1103 20.49 24.58 19.64
CA ILE A 1103 21.01 24.31 20.98
C ILE A 1103 22.54 24.19 20.96
N GLU A 1104 23.10 23.58 19.92
CA GLU A 1104 24.55 23.47 19.81
C GLU A 1104 25.17 24.82 19.51
N MET A 1105 24.46 25.68 18.78
CA MET A 1105 24.93 27.05 18.58
C MET A 1105 25.04 27.80 19.90
N ILE A 1106 24.03 27.65 20.76
CA ILE A 1106 24.08 28.31 22.07
C ILE A 1106 25.26 27.81 22.87
N PHE A 1107 25.47 26.48 22.86
CA PHE A 1107 26.62 25.92 23.57
C PHE A 1107 27.94 26.48 23.03
N VAL A 1108 28.05 26.60 21.70
CA VAL A 1108 29.29 27.06 21.09
C VAL A 1108 29.59 28.50 21.49
N ILE A 1109 28.58 29.37 21.41
CA ILE A 1109 28.82 30.77 21.76
C ILE A 1109 29.17 30.91 23.23
N PHE A 1110 28.50 30.17 24.12
CA PHE A 1110 28.87 30.25 25.52
C PHE A 1110 30.27 29.73 25.76
N PHE A 1111 30.67 28.67 25.04
CA PHE A 1111 32.02 28.14 25.22
C PHE A 1111 33.07 29.15 24.79
N ILE A 1112 32.87 29.80 23.65
CA ILE A 1112 33.85 30.79 23.19
C ILE A 1112 33.92 31.96 24.17
N ALA A 1113 32.75 32.47 24.57
CA ALA A 1113 32.71 33.62 25.46
C ALA A 1113 33.39 33.31 26.79
N VAL A 1114 33.13 32.12 27.35
CA VAL A 1114 33.76 31.78 28.63
C VAL A 1114 35.24 31.48 28.46
N THR A 1115 35.65 30.92 27.31
CA THR A 1115 37.06 30.61 27.11
C THR A 1115 37.90 31.88 27.06
N PHE A 1116 37.44 32.91 26.36
CA PHE A 1116 38.24 34.13 26.27
C PHE A 1116 38.40 34.82 27.62
N ILE A 1117 37.33 34.89 28.42
CA ILE A 1117 37.45 35.53 29.73
C ILE A 1117 38.30 34.66 30.66
N SER A 1118 38.18 33.34 30.52
CA SER A 1118 39.00 32.43 31.33
C SER A 1118 40.49 32.62 31.05
N ILE A 1119 40.86 32.76 29.77
CA ILE A 1119 42.27 32.85 29.43
C ILE A 1119 42.83 34.26 29.67
N LEU A 1120 41.99 35.29 29.54
CA LEU A 1120 42.49 36.65 29.73
C LEU A 1120 42.93 36.89 31.17
N THR A 1121 42.26 36.27 32.14
CA THR A 1121 42.49 36.52 33.55
C THR A 1121 43.52 35.57 34.17
N THR A 1122 44.49 35.09 33.39
CA THR A 1122 45.59 34.27 33.90
C THR A 1122 46.88 35.06 34.01
N GLY A 1123 46.79 36.31 34.46
CA GLY A 1123 47.90 37.23 34.45
C GLY A 1123 49.01 36.88 35.42
N GLU A 1124 49.74 35.81 35.09
CA GLU A 1124 50.96 35.41 35.80
C GLU A 1124 50.67 34.97 37.23
N GLY A 1125 49.89 33.89 37.35
CA GLY A 1125 49.73 33.21 38.62
C GLY A 1125 48.31 32.96 39.07
N GLU A 1126 48.04 31.71 39.44
CA GLU A 1126 46.83 31.31 40.15
C GLU A 1126 45.55 31.76 39.44
N GLY A 1127 45.28 31.21 38.26
CA GLY A 1127 44.08 31.54 37.54
C GLY A 1127 42.81 31.03 38.22
N ARG A 1128 42.39 31.74 39.26
CA ARG A 1128 41.19 31.35 40.00
C ARG A 1128 39.95 31.33 39.11
N VAL A 1129 39.80 32.34 38.25
CA VAL A 1129 38.57 32.50 37.48
C VAL A 1129 38.36 31.31 36.55
N GLY A 1130 39.42 30.89 35.84
CA GLY A 1130 39.27 29.81 34.90
C GLY A 1130 39.00 28.48 35.55
N ILE A 1131 39.52 28.27 36.76
CA ILE A 1131 39.33 27.01 37.47
C ILE A 1131 37.85 26.74 37.66
N ILE A 1132 37.07 27.79 37.92
CA ILE A 1132 35.63 27.63 38.09
C ILE A 1132 34.93 27.65 36.73
N LEU A 1133 35.27 28.62 35.88
CA LEU A 1133 34.47 28.81 34.66
C LEU A 1133 34.63 27.65 33.68
N THR A 1134 35.85 27.13 33.50
CA THR A 1134 36.05 26.02 32.59
C THR A 1134 35.46 24.73 33.14
N LEU A 1135 35.50 24.54 34.46
CA LEU A 1135 34.82 23.42 35.08
C LEU A 1135 33.31 23.52 34.87
N ALA A 1136 32.78 24.73 34.76
CA ALA A 1136 31.34 24.91 34.60
C ALA A 1136 30.81 24.43 33.25
N MET A 1137 31.65 23.98 32.32
CA MET A 1137 31.20 23.55 31.00
C MET A 1137 31.22 22.04 30.81
N ASN A 1138 32.00 21.31 31.61
CA ASN A 1138 31.99 19.85 31.51
C ASN A 1138 30.64 19.28 31.92
N ILE A 1139 29.92 20.00 32.78
CA ILE A 1139 28.56 19.60 33.14
C ILE A 1139 27.59 19.84 31.98
N MET A 1140 27.76 20.96 31.27
CA MET A 1140 26.90 21.25 30.13
C MET A 1140 27.14 20.27 28.98
N SER A 1141 28.35 19.73 28.87
CA SER A 1141 28.63 18.76 27.81
C SER A 1141 27.69 17.56 27.88
N THR A 1142 27.20 17.19 29.06
CA THR A 1142 26.21 16.13 29.19
C THR A 1142 24.80 16.64 29.41
N LEU A 1143 24.64 17.86 29.94
CA LEU A 1143 23.30 18.42 30.06
C LEU A 1143 22.68 18.62 28.68
N GLN A 1144 23.49 18.97 27.69
CA GLN A 1144 22.99 19.09 26.32
C GLN A 1144 22.41 17.76 25.82
N TRP A 1145 23.11 16.66 26.10
CA TRP A 1145 22.64 15.35 25.67
C TRP A 1145 21.38 14.93 26.41
N ALA A 1146 21.27 15.29 27.70
CA ALA A 1146 20.03 15.05 28.43
C ALA A 1146 18.87 15.82 27.83
N VAL A 1147 19.10 17.08 27.43
CA VAL A 1147 18.03 17.85 26.83
C VAL A 1147 17.65 17.29 25.47
N ASN A 1148 18.63 16.77 24.71
CA ASN A 1148 18.32 16.11 23.45
C ASN A 1148 17.47 14.86 23.66
N SER A 1149 17.70 14.13 24.76
CA SER A 1149 16.87 12.96 25.04
C SER A 1149 15.47 13.35 25.50
N SER A 1150 15.32 14.52 26.12
CA SER A 1150 14.00 14.93 26.59
C SER A 1150 13.02 15.11 25.45
N ILE A 1151 13.48 15.65 24.31
CA ILE A 1151 12.60 15.83 23.16
C ILE A 1151 12.15 14.49 22.60
N ASP A 1152 13.06 13.50 22.60
CA ASP A 1152 12.67 12.16 22.16
C ASP A 1152 11.59 11.57 23.06
N VAL A 1153 11.77 11.71 24.38
CA VAL A 1153 10.77 11.18 25.31
C VAL A 1153 9.42 11.86 25.07
N ASP A 1154 9.43 13.18 24.90
CA ASP A 1154 8.18 13.90 24.68
C ASP A 1154 7.52 13.48 23.37
N SER A 1155 8.31 13.31 22.31
CA SER A 1155 7.76 12.91 21.02
C SER A 1155 7.12 11.53 21.11
N LEU A 1156 7.77 10.60 21.80
CA LEU A 1156 7.19 9.26 21.93
C LEU A 1156 5.99 9.23 22.85
N MET A 1157 5.78 10.29 23.65
CA MET A 1157 4.65 10.34 24.56
C MET A 1157 3.34 10.70 23.88
N ARG A 1158 3.38 11.13 22.62
CA ARG A 1158 2.14 11.45 21.90
C ARG A 1158 1.25 10.22 21.74
N SER A 1159 1.84 9.04 21.59
CA SER A 1159 1.05 7.83 21.45
C SER A 1159 0.23 7.56 22.70
N VAL A 1160 0.76 7.90 23.87
CA VAL A 1160 0.01 7.75 25.12
C VAL A 1160 -1.21 8.67 25.11
N SER A 1161 -1.03 9.90 24.63
CA SER A 1161 -2.16 10.83 24.55
C SER A 1161 -3.21 10.34 23.57
N ARG A 1162 -2.78 9.74 22.46
CA ARG A 1162 -3.76 9.21 21.51
C ARG A 1162 -4.44 7.96 22.05
N VAL A 1163 -3.76 7.18 22.88
CA VAL A 1163 -4.37 5.99 23.48
C VAL A 1163 -5.41 6.38 24.51
N PHE A 1164 -5.09 7.34 25.39
CA PHE A 1164 -6.04 7.71 26.44
C PHE A 1164 -7.34 8.27 25.89
N LYS A 1165 -7.32 8.83 24.68
CA LYS A 1165 -8.55 9.35 24.11
C LYS A 1165 -9.56 8.25 23.83
N PHE A 1166 -9.09 7.03 23.58
CA PHE A 1166 -9.99 5.91 23.34
C PHE A 1166 -10.59 5.37 24.63
N ILE A 1167 -9.87 5.45 25.75
CA ILE A 1167 -10.39 4.95 27.02
C ILE A 1167 -11.54 5.82 27.51
N ASP A 1168 -11.47 7.13 27.26
CA ASP A 1168 -12.48 8.07 27.72
C ASP A 1168 -13.75 8.05 26.87
N MET A 1169 -13.83 7.16 25.88
CA MET A 1169 -14.99 7.12 25.00
C MET A 1169 -16.25 6.77 25.80
N PRO A 1170 -17.35 7.47 25.60
CA PRO A 1170 -18.56 7.22 26.39
C PRO A 1170 -19.04 5.77 26.31
N THR A 1171 -19.64 5.30 27.40
CA THR A 1171 -20.16 3.94 27.48
C THR A 1171 -21.63 3.90 27.07
N GLU A 1172 -22.03 2.75 26.52
CA GLU A 1172 -23.42 2.54 26.14
C GLU A 1172 -24.29 2.36 27.38
N GLY A 1173 -25.41 3.06 27.42
CA GLY A 1173 -26.34 2.95 28.53
C GLY A 1173 -25.93 3.74 29.76
N ILE A 1203 -37.85 -18.25 36.00
CA ILE A 1203 -37.09 -17.46 35.04
C ILE A 1203 -37.92 -16.28 34.56
N TRP A 1204 -37.24 -15.26 34.07
CA TRP A 1204 -37.89 -14.02 33.64
C TRP A 1204 -38.59 -14.08 32.28
N PRO A 1205 -37.99 -14.65 31.23
CA PRO A 1205 -38.68 -14.62 29.93
C PRO A 1205 -40.05 -15.26 29.94
N SER A 1206 -40.18 -16.41 30.62
CA SER A 1206 -41.46 -17.04 30.92
C SER A 1206 -42.27 -17.41 29.68
N GLY A 1207 -43.07 -16.46 29.18
CA GLY A 1207 -43.94 -16.74 28.06
C GLY A 1207 -43.54 -16.11 26.73
N GLY A 1208 -43.16 -14.84 26.77
CA GLY A 1208 -42.85 -14.10 25.57
C GLY A 1208 -43.87 -13.08 25.14
N GLN A 1209 -44.91 -12.82 25.94
CA GLN A 1209 -45.88 -11.78 25.62
C GLN A 1209 -45.19 -10.42 25.60
N MET A 1210 -45.47 -9.64 24.56
CA MET A 1210 -44.76 -8.38 24.32
C MET A 1210 -45.73 -7.30 23.88
N THR A 1211 -45.47 -6.06 24.31
CA THR A 1211 -46.34 -4.94 23.99
C THR A 1211 -45.51 -3.67 23.86
N VAL A 1212 -45.72 -2.92 22.77
CA VAL A 1212 -45.03 -1.66 22.54
C VAL A 1212 -46.03 -0.52 22.67
N LYS A 1213 -45.52 0.68 22.92
CA LYS A 1213 -46.36 1.88 22.98
C LYS A 1213 -45.57 3.08 22.49
N ASP A 1214 -46.01 3.68 21.39
CA ASP A 1214 -45.45 4.93 20.87
C ASP A 1214 -43.94 4.85 20.70
N LEU A 1215 -43.47 3.72 20.17
CA LEU A 1215 -42.03 3.52 19.98
C LEU A 1215 -41.56 4.30 18.76
N THR A 1216 -40.50 5.10 18.93
CA THR A 1216 -39.87 5.82 17.83
C THR A 1216 -38.37 5.53 17.82
N ALA A 1217 -37.79 5.51 16.62
CA ALA A 1217 -36.38 5.16 16.46
C ALA A 1217 -35.73 6.07 15.42
N LYS A 1218 -34.51 6.51 15.72
CA LYS A 1218 -33.73 7.31 14.79
C LYS A 1218 -32.26 7.02 15.04
N TYR A 1219 -31.47 6.96 13.97
CA TYR A 1219 -30.09 6.52 14.11
C TYR A 1219 -29.20 7.57 14.76
N THR A 1220 -29.55 8.85 14.64
CA THR A 1220 -28.80 9.92 15.28
C THR A 1220 -29.75 10.82 16.05
N GLU A 1221 -29.33 11.23 17.24
CA GLU A 1221 -30.14 12.16 18.02
C GLU A 1221 -30.21 13.50 17.31
N GLY A 1222 -31.41 14.08 17.28
CA GLY A 1222 -31.64 15.28 16.50
C GLY A 1222 -31.70 15.07 15.01
N GLY A 1223 -31.73 13.82 14.56
CA GLY A 1223 -31.78 13.50 13.15
C GLY A 1223 -33.19 13.29 12.65
N ASN A 1224 -33.29 12.59 11.52
CA ASN A 1224 -34.57 12.28 10.90
C ASN A 1224 -35.12 10.97 11.44
N ALA A 1225 -36.39 10.98 11.82
CA ALA A 1225 -37.03 9.79 12.36
C ALA A 1225 -37.28 8.76 11.26
N ILE A 1226 -36.91 7.51 11.53
CA ILE A 1226 -37.16 6.45 10.56
C ILE A 1226 -38.57 5.91 10.71
N LEU A 1227 -39.07 5.77 11.94
CA LEU A 1227 -40.42 5.29 12.18
C LEU A 1227 -40.87 5.74 13.56
N GLU A 1228 -42.18 5.89 13.73
CA GLU A 1228 -42.72 6.35 15.00
C GLU A 1228 -44.20 6.00 15.09
N ASN A 1229 -44.73 6.08 16.31
CA ASN A 1229 -46.14 5.87 16.60
C ASN A 1229 -46.60 4.46 16.20
N ILE A 1230 -46.06 3.47 16.91
CA ILE A 1230 -46.39 2.07 16.69
C ILE A 1230 -46.86 1.47 18.01
N SER A 1231 -47.95 0.70 17.96
CA SER A 1231 -48.60 0.24 19.20
C SER A 1231 -49.08 -1.20 19.07
N PHE A 1232 -48.38 -2.02 18.27
CA PHE A 1232 -48.78 -3.41 18.09
C PHE A 1232 -48.50 -4.23 19.36
N SER A 1233 -49.09 -5.43 19.40
CA SER A 1233 -48.97 -6.31 20.56
C SER A 1233 -48.88 -7.76 20.08
N ILE A 1234 -47.92 -8.50 20.63
CA ILE A 1234 -47.67 -9.88 20.24
C ILE A 1234 -48.13 -10.81 21.36
N SER A 1235 -48.93 -11.83 21.00
CA SER A 1235 -49.37 -12.86 21.92
C SER A 1235 -48.24 -13.86 22.21
N PRO A 1236 -48.29 -14.55 23.33
CA PRO A 1236 -47.23 -15.52 23.66
C PRO A 1236 -47.25 -16.72 22.73
N GLY A 1237 -46.09 -17.07 22.20
CA GLY A 1237 -45.97 -18.26 21.36
C GLY A 1237 -46.58 -18.12 19.98
N GLN A 1238 -46.60 -16.90 19.44
CA GLN A 1238 -47.25 -16.60 18.18
C GLN A 1238 -46.22 -16.13 17.16
N ARG A 1239 -46.24 -16.73 15.98
CA ARG A 1239 -45.39 -16.27 14.88
C ARG A 1239 -45.92 -14.97 14.31
N VAL A 1240 -45.01 -14.03 14.09
CA VAL A 1240 -45.32 -12.72 13.50
C VAL A 1240 -44.52 -12.60 12.22
N GLY A 1241 -45.21 -12.48 11.08
CA GLY A 1241 -44.54 -12.30 9.81
C GLY A 1241 -44.30 -10.84 9.46
N LEU A 1242 -43.09 -10.36 9.70
CA LEU A 1242 -42.75 -8.97 9.40
C LEU A 1242 -42.50 -8.81 7.91
N LEU A 1243 -43.16 -7.83 7.29
CA LEU A 1243 -43.13 -7.66 5.85
C LEU A 1243 -42.92 -6.20 5.49
N GLY A 1244 -42.61 -5.96 4.23
CA GLY A 1244 -42.42 -4.61 3.72
C GLY A 1244 -41.56 -4.63 2.48
N ARG A 1245 -41.42 -3.44 1.89
CA ARG A 1245 -40.63 -3.25 0.69
C ARG A 1245 -39.14 -3.21 1.04
N THR A 1246 -38.28 -3.39 0.03
CA THR A 1246 -36.85 -3.34 0.27
C THR A 1246 -36.43 -1.93 0.69
N GLY A 1247 -36.19 -1.78 1.98
CA GLY A 1247 -35.85 -0.52 2.62
C GLY A 1247 -37.13 0.10 3.11
N SER A 1248 -37.48 -0.16 4.37
CA SER A 1248 -38.65 0.43 4.98
C SER A 1248 -38.47 0.81 6.44
N GLY A 1249 -37.51 0.23 7.14
CA GLY A 1249 -37.48 0.23 8.58
C GLY A 1249 -37.81 -1.12 9.20
N LYS A 1250 -37.90 -2.17 8.39
CA LYS A 1250 -38.26 -3.49 8.90
C LYS A 1250 -37.13 -4.10 9.72
N SER A 1251 -35.88 -3.89 9.29
CA SER A 1251 -34.76 -4.29 10.13
C SER A 1251 -34.60 -3.35 11.32
N THR A 1252 -34.95 -2.08 11.15
CA THR A 1252 -34.86 -1.11 12.24
C THR A 1252 -35.84 -1.46 13.36
N LEU A 1253 -37.02 -1.98 13.00
CA LEU A 1253 -38.00 -2.36 14.01
C LEU A 1253 -37.46 -3.45 14.94
N LEU A 1254 -36.86 -4.49 14.37
CA LEU A 1254 -36.33 -5.58 15.20
C LEU A 1254 -34.96 -5.25 15.77
N SER A 1255 -34.29 -4.21 15.28
CA SER A 1255 -33.09 -3.73 15.94
C SER A 1255 -33.41 -2.80 17.11
N ALA A 1256 -34.59 -2.19 17.11
CA ALA A 1256 -34.97 -1.31 18.21
C ALA A 1256 -35.28 -2.10 19.48
N PHE A 1257 -35.70 -3.36 19.35
CA PHE A 1257 -35.92 -4.19 20.53
C PHE A 1257 -34.65 -4.40 21.33
N LEU A 1258 -33.50 -4.39 20.66
CA LEU A 1258 -32.22 -4.56 21.34
C LEU A 1258 -31.64 -3.24 21.85
N ARG A 1259 -32.29 -2.11 21.56
CA ARG A 1259 -31.85 -0.80 22.02
C ARG A 1259 -30.48 -0.43 21.49
N LEU A 1260 -30.18 -0.85 20.27
CA LEU A 1260 -28.88 -0.56 19.67
C LEU A 1260 -28.79 0.86 19.13
N LEU A 1261 -29.92 1.55 18.97
CA LEU A 1261 -29.97 2.90 18.44
C LEU A 1261 -30.74 3.82 19.38
N ASN A 1262 -30.62 5.12 19.14
CA ASN A 1262 -31.28 6.13 19.97
C ASN A 1262 -32.80 5.99 19.84
N THR A 1263 -33.44 5.50 20.90
CA THR A 1263 -34.83 5.11 20.87
C THR A 1263 -35.59 5.75 22.01
N GLU A 1264 -36.90 5.85 21.83
CA GLU A 1264 -37.79 6.45 22.81
C GLU A 1264 -39.12 5.73 22.78
N GLY A 1265 -39.70 5.51 23.96
CA GLY A 1265 -40.95 4.76 24.06
C GLY A 1265 -41.00 3.80 25.22
N GLU A 1266 -41.73 2.70 25.06
CA GLU A 1266 -41.94 1.76 26.16
C GLU A 1266 -42.20 0.37 25.61
N ILE A 1267 -41.49 -0.62 26.15
CA ILE A 1267 -41.65 -2.02 25.77
C ILE A 1267 -41.85 -2.84 27.03
N GLN A 1268 -42.85 -3.72 27.02
CA GLN A 1268 -43.40 -4.35 28.22
C GLN A 1268 -43.39 -5.86 28.07
N ILE A 1269 -42.24 -6.44 27.69
CA ILE A 1269 -42.17 -7.88 27.50
C ILE A 1269 -42.54 -8.58 28.81
N ASP A 1270 -43.66 -9.30 28.79
CA ASP A 1270 -44.07 -10.21 29.86
C ASP A 1270 -44.52 -9.45 31.10
N GLY A 1271 -44.42 -8.12 31.07
CA GLY A 1271 -44.83 -7.29 32.19
C GLY A 1271 -43.72 -6.51 32.85
N VAL A 1272 -42.45 -6.82 32.56
CA VAL A 1272 -41.33 -6.09 33.12
C VAL A 1272 -40.88 -5.04 32.12
N SER A 1273 -40.92 -3.78 32.51
CA SER A 1273 -40.55 -2.70 31.59
C SER A 1273 -39.08 -2.80 31.20
N TRP A 1274 -38.80 -2.48 29.94
CA TRP A 1274 -37.44 -2.55 29.41
C TRP A 1274 -36.48 -1.59 30.09
N ASP A 1275 -37.01 -0.58 30.80
CA ASP A 1275 -36.19 0.37 31.53
C ASP A 1275 -35.85 -0.09 32.93
N SER A 1276 -36.42 -1.21 33.38
CA SER A 1276 -36.20 -1.70 34.74
C SER A 1276 -35.08 -2.74 34.84
N ILE A 1277 -34.45 -3.11 33.73
CA ILE A 1277 -33.41 -4.12 33.72
C ILE A 1277 -32.14 -3.55 33.09
N THR A 1278 -30.98 -3.95 33.60
CA THR A 1278 -29.72 -3.59 32.99
C THR A 1278 -29.63 -4.17 31.58
N LEU A 1279 -28.88 -3.48 30.72
CA LEU A 1279 -28.85 -3.82 29.30
C LEU A 1279 -28.37 -5.25 29.06
N GLN A 1280 -27.30 -5.66 29.73
CA GLN A 1280 -26.71 -6.96 29.43
C GLN A 1280 -27.62 -8.10 29.85
N GLN A 1281 -28.52 -7.85 30.80
CA GLN A 1281 -29.51 -8.84 31.22
C GLN A 1281 -30.78 -8.76 30.38
N TRP A 1282 -31.15 -7.54 29.96
CA TRP A 1282 -32.24 -7.38 29.02
C TRP A 1282 -31.96 -8.11 27.71
N ARG A 1283 -30.82 -7.82 27.11
CA ARG A 1283 -30.52 -8.27 25.75
C ARG A 1283 -30.28 -9.78 25.68
N LYS A 1284 -30.12 -10.45 26.83
CA LYS A 1284 -29.80 -11.86 26.82
C LYS A 1284 -30.97 -12.72 26.37
N ALA A 1285 -32.21 -12.21 26.51
CA ALA A 1285 -33.39 -13.01 26.23
C ALA A 1285 -33.71 -13.14 24.74
N PHE A 1286 -33.01 -12.42 23.87
CA PHE A 1286 -33.31 -12.38 22.44
C PHE A 1286 -32.28 -13.20 21.68
N GLY A 1287 -32.74 -14.24 21.00
CA GLY A 1287 -31.89 -14.98 20.07
C GLY A 1287 -32.02 -14.40 18.67
N VAL A 1288 -30.89 -14.06 18.05
CA VAL A 1288 -30.91 -13.28 16.81
C VAL A 1288 -30.24 -14.05 15.69
N ILE A 1289 -30.67 -13.77 14.47
CA ILE A 1289 -29.99 -14.21 13.25
C ILE A 1289 -29.70 -12.97 12.42
N PRO A 1290 -28.50 -12.39 12.54
CA PRO A 1290 -28.20 -11.15 11.83
C PRO A 1290 -28.25 -11.34 10.33
N GLN A 1291 -28.70 -10.28 9.64
CA GLN A 1291 -28.65 -10.26 8.18
C GLN A 1291 -27.21 -10.26 7.69
N LYS A 1292 -26.29 -9.75 8.49
CA LYS A 1292 -24.86 -9.70 8.16
C LYS A 1292 -24.16 -10.83 8.90
N VAL A 1293 -23.93 -11.95 8.21
CA VAL A 1293 -23.38 -13.14 8.83
C VAL A 1293 -21.94 -12.88 9.26
N PHE A 1294 -21.63 -13.17 10.53
CA PHE A 1294 -20.33 -12.89 11.12
C PHE A 1294 -19.58 -14.20 11.34
N ILE A 1295 -18.50 -14.40 10.57
CA ILE A 1295 -17.61 -15.54 10.74
C ILE A 1295 -16.21 -15.00 11.00
N PHE A 1296 -15.59 -15.45 12.09
CA PHE A 1296 -14.27 -15.00 12.49
C PHE A 1296 -13.27 -16.15 12.44
N SER A 1297 -11.99 -15.78 12.35
CA SER A 1297 -10.92 -16.76 12.26
C SER A 1297 -10.91 -17.68 13.48
N GLY A 1298 -10.85 -18.98 13.23
CA GLY A 1298 -10.85 -19.94 14.31
C GLY A 1298 -11.33 -21.29 13.81
N THR A 1299 -11.59 -22.18 14.77
CA THR A 1299 -12.08 -23.51 14.46
C THR A 1299 -13.60 -23.53 14.37
N PHE A 1300 -14.13 -24.63 13.84
CA PHE A 1300 -15.58 -24.80 13.78
C PHE A 1300 -16.20 -24.79 15.17
N ARG A 1301 -15.56 -25.49 16.11
CA ARG A 1301 -16.07 -25.54 17.48
C ARG A 1301 -16.03 -24.16 18.12
N LYS A 1302 -14.95 -23.41 17.90
CA LYS A 1302 -14.87 -22.06 18.45
C LYS A 1302 -15.91 -21.15 17.82
N ASN A 1303 -16.24 -21.35 16.55
CA ASN A 1303 -17.27 -20.55 15.92
C ASN A 1303 -18.65 -20.87 16.49
N LEU A 1304 -18.96 -22.15 16.70
CA LEU A 1304 -20.31 -22.49 17.12
C LEU A 1304 -20.58 -22.11 18.58
N ASP A 1305 -19.55 -22.08 19.42
CA ASP A 1305 -19.71 -21.63 20.80
C ASP A 1305 -18.39 -21.09 21.35
N PRO A 1306 -18.23 -19.77 21.40
CA PRO A 1306 -16.94 -19.22 21.84
C PRO A 1306 -16.79 -19.21 23.35
N TYR A 1307 -17.65 -19.95 24.04
CA TYR A 1307 -17.57 -20.10 25.49
C TYR A 1307 -17.14 -21.49 25.93
N GLU A 1308 -17.13 -22.48 25.04
CA GLU A 1308 -16.76 -23.85 25.37
C GLU A 1308 -17.65 -24.44 26.46
N GLN A 1309 -18.92 -24.06 26.46
CA GLN A 1309 -19.90 -24.57 27.41
C GLN A 1309 -20.63 -25.81 26.91
N TRP A 1310 -20.29 -26.32 25.72
CA TRP A 1310 -20.81 -27.57 25.21
C TRP A 1310 -19.66 -28.40 24.66
N SER A 1311 -19.77 -29.73 24.73
CA SER A 1311 -18.66 -30.62 24.39
C SER A 1311 -19.11 -31.71 23.41
N ASP A 1312 -19.13 -31.36 22.12
CA ASP A 1312 -18.97 -32.28 21.00
C ASP A 1312 -20.09 -33.30 20.83
N GLN A 1313 -20.96 -33.48 21.82
CA GLN A 1313 -22.06 -34.42 21.65
C GLN A 1313 -23.34 -33.69 21.29
N GLU A 1314 -23.70 -32.71 22.10
CA GLU A 1314 -24.81 -31.81 21.82
C GLU A 1314 -24.54 -30.91 20.62
N ILE A 1315 -23.28 -30.83 20.17
CA ILE A 1315 -22.98 -30.12 18.94
C ILE A 1315 -23.28 -30.97 17.72
N TRP A 1316 -22.86 -32.25 17.74
CA TRP A 1316 -23.25 -33.15 16.65
C TRP A 1316 -24.75 -33.40 16.62
N LYS A 1317 -25.41 -33.35 17.77
CA LYS A 1317 -26.86 -33.55 17.79
C LYS A 1317 -27.61 -32.38 17.17
N VAL A 1318 -26.97 -31.23 17.01
CA VAL A 1318 -27.58 -30.06 16.42
C VAL A 1318 -27.14 -29.86 14.97
N ALA A 1319 -25.85 -30.11 14.68
CA ALA A 1319 -25.32 -29.83 13.35
C ALA A 1319 -25.96 -30.70 12.28
N ASP A 1320 -26.41 -31.91 12.63
CA ASP A 1320 -27.01 -32.78 11.63
C ASP A 1320 -28.42 -32.34 11.25
N GLU A 1321 -29.13 -31.67 12.16
CA GLU A 1321 -30.48 -31.21 11.86
C GLU A 1321 -30.49 -30.18 10.74
N VAL A 1322 -29.53 -29.25 10.76
CA VAL A 1322 -29.51 -28.13 9.83
C VAL A 1322 -28.78 -28.52 8.55
N GLY A 1323 -28.50 -29.82 8.39
CA GLY A 1323 -27.87 -30.29 7.17
C GLY A 1323 -26.40 -29.97 7.05
N LEU A 1324 -25.70 -29.83 8.17
CA LEU A 1324 -24.27 -29.55 8.17
C LEU A 1324 -23.41 -30.79 8.36
N ARG A 1325 -24.02 -31.97 8.37
CA ARG A 1325 -23.26 -33.21 8.54
C ARG A 1325 -22.18 -33.35 7.47
N SER A 1326 -22.59 -33.42 6.20
CA SER A 1326 -21.66 -33.65 5.10
C SER A 1326 -20.96 -32.38 4.63
N VAL A 1327 -21.17 -31.25 5.31
CA VAL A 1327 -20.51 -30.00 4.96
C VAL A 1327 -19.29 -29.83 5.84
N ILE A 1328 -19.39 -30.26 7.09
CA ILE A 1328 -18.25 -30.18 8.01
C ILE A 1328 -17.27 -31.31 7.77
N GLU A 1329 -17.79 -32.52 7.51
CA GLU A 1329 -16.97 -33.72 7.46
C GLU A 1329 -16.18 -33.87 6.17
N GLN A 1330 -16.42 -33.01 5.17
CA GLN A 1330 -15.66 -33.06 3.93
C GLN A 1330 -14.29 -32.39 4.05
N PHE A 1331 -13.89 -31.98 5.24
CA PHE A 1331 -12.61 -31.33 5.50
C PHE A 1331 -11.70 -32.23 6.33
N PRO A 1332 -10.39 -32.03 6.25
CA PRO A 1332 -9.47 -32.94 6.98
C PRO A 1332 -9.68 -32.95 8.48
N GLY A 1333 -10.09 -31.84 9.09
CA GLY A 1333 -10.36 -31.81 10.51
C GLY A 1333 -11.83 -31.72 10.83
N LYS A 1334 -12.39 -32.80 11.37
CA LYS A 1334 -13.82 -32.85 11.67
C LYS A 1334 -14.09 -32.03 12.93
N LEU A 1335 -14.90 -30.98 12.80
CA LEU A 1335 -15.21 -30.01 13.85
C LEU A 1335 -13.98 -29.26 14.35
N ASP A 1336 -12.84 -29.40 13.65
CA ASP A 1336 -11.62 -28.74 14.11
C ASP A 1336 -10.86 -28.08 12.96
N PHE A 1337 -11.46 -27.95 11.78
CA PHE A 1337 -10.78 -27.31 10.66
C PHE A 1337 -10.65 -25.81 10.93
N VAL A 1338 -9.51 -25.23 10.56
CA VAL A 1338 -9.22 -23.83 10.82
C VAL A 1338 -9.84 -23.00 9.69
N LEU A 1339 -10.91 -22.27 10.00
CA LEU A 1339 -11.51 -21.34 9.05
C LEU A 1339 -10.70 -20.04 9.04
N VAL A 1340 -10.28 -19.61 7.85
CA VAL A 1340 -9.36 -18.49 7.71
C VAL A 1340 -9.89 -17.55 6.64
N ASP A 1341 -9.49 -16.28 6.74
CA ASP A 1341 -9.81 -15.24 5.75
C ASP A 1341 -11.32 -15.02 5.67
N GLY A 1342 -11.94 -14.80 6.82
CA GLY A 1342 -13.37 -14.60 6.86
C GLY A 1342 -14.18 -15.84 6.61
N GLY A 1343 -13.59 -17.03 6.77
CA GLY A 1343 -14.30 -18.26 6.51
C GLY A 1343 -14.70 -18.40 5.05
N CYS A 1344 -13.79 -18.04 4.15
CA CYS A 1344 -14.09 -18.08 2.72
C CYS A 1344 -14.29 -19.50 2.20
N VAL A 1345 -13.80 -20.50 2.93
CA VAL A 1345 -13.90 -21.89 2.47
C VAL A 1345 -15.36 -22.29 2.31
N LEU A 1346 -16.23 -21.83 3.21
CA LEU A 1346 -17.64 -22.16 3.14
C LEU A 1346 -18.33 -21.39 2.02
N SER A 1347 -19.31 -22.02 1.40
CA SER A 1347 -20.16 -21.35 0.43
C SER A 1347 -21.11 -20.39 1.15
N HIS A 1348 -21.75 -19.52 0.36
CA HIS A 1348 -22.65 -18.53 0.94
C HIS A 1348 -23.88 -19.18 1.56
N GLY A 1349 -24.32 -20.32 1.03
CA GLY A 1349 -25.49 -20.98 1.59
C GLY A 1349 -25.21 -21.69 2.90
N HIS A 1350 -23.97 -22.09 3.14
CA HIS A 1350 -23.63 -22.79 4.37
C HIS A 1350 -23.54 -21.85 5.55
N LYS A 1351 -23.23 -20.57 5.29
CA LYS A 1351 -23.11 -19.59 6.36
C LYS A 1351 -24.46 -19.33 7.03
N GLN A 1352 -25.54 -19.33 6.23
CA GLN A 1352 -26.88 -19.19 6.80
C GLN A 1352 -27.19 -20.35 7.73
N LEU A 1353 -26.80 -21.56 7.34
CA LEU A 1353 -27.04 -22.74 8.17
C LEU A 1353 -26.18 -22.69 9.43
N MET A 1354 -24.99 -22.10 9.35
CA MET A 1354 -24.17 -21.94 10.55
C MET A 1354 -24.82 -20.96 11.53
N CYS A 1355 -25.36 -19.85 11.02
CA CYS A 1355 -26.07 -18.93 11.90
C CYS A 1355 -27.31 -19.58 12.50
N LEU A 1356 -28.02 -20.40 11.70
CA LEU A 1356 -29.16 -21.12 12.23
C LEU A 1356 -28.76 -22.11 13.31
N ALA A 1357 -27.61 -22.77 13.14
CA ALA A 1357 -27.12 -23.68 14.17
C ALA A 1357 -26.78 -22.94 15.45
N ARG A 1358 -26.16 -21.76 15.34
CA ARG A 1358 -25.91 -20.97 16.53
C ARG A 1358 -27.22 -20.60 17.23
N SER A 1359 -28.24 -20.22 16.46
CA SER A 1359 -29.51 -19.88 17.08
C SER A 1359 -30.17 -21.10 17.73
N VAL A 1360 -30.00 -22.29 17.13
CA VAL A 1360 -30.58 -23.50 17.70
C VAL A 1360 -29.91 -23.85 19.02
N LEU A 1361 -28.58 -23.70 19.09
CA LEU A 1361 -27.88 -24.04 20.32
C LEU A 1361 -28.33 -23.16 21.49
N SER A 1362 -28.44 -21.85 21.26
CA SER A 1362 -28.79 -20.90 22.31
C SER A 1362 -30.32 -20.78 22.39
N LYS A 1363 -30.92 -21.63 23.22
CA LYS A 1363 -32.37 -21.65 23.38
C LYS A 1363 -32.84 -20.43 24.17
N ALA A 1364 -33.49 -19.50 23.47
CA ALA A 1364 -34.10 -18.33 24.09
C ALA A 1364 -35.60 -18.33 23.80
N LYS A 1365 -36.35 -17.70 24.69
CA LYS A 1365 -37.80 -17.67 24.53
C LYS A 1365 -38.26 -16.72 23.43
N ILE A 1366 -37.46 -15.70 23.13
CA ILE A 1366 -37.77 -14.73 22.08
C ILE A 1366 -36.74 -14.89 20.96
N LEU A 1367 -37.21 -14.89 19.72
CA LEU A 1367 -36.34 -15.03 18.57
C LEU A 1367 -36.62 -13.92 17.57
N LEU A 1368 -35.56 -13.37 17.00
CA LEU A 1368 -35.62 -12.29 16.02
C LEU A 1368 -34.88 -12.76 14.77
N LEU A 1369 -35.58 -13.44 13.89
CA LEU A 1369 -34.99 -14.00 12.68
C LEU A 1369 -35.12 -12.98 11.55
N ASP A 1370 -33.97 -12.46 11.09
CA ASP A 1370 -33.93 -11.49 10.00
C ASP A 1370 -33.28 -12.16 8.80
N GLN A 1371 -34.10 -12.45 7.78
CA GLN A 1371 -33.67 -13.14 6.57
C GLN A 1371 -33.00 -14.47 6.90
N PRO A 1372 -33.70 -15.40 7.54
CA PRO A 1372 -33.07 -16.70 7.83
C PRO A 1372 -32.65 -17.46 6.59
N SER A 1373 -33.40 -17.33 5.50
CA SER A 1373 -33.08 -17.96 4.22
C SER A 1373 -32.80 -16.86 3.21
N ALA A 1374 -31.53 -16.49 3.07
CA ALA A 1374 -31.15 -15.36 2.23
C ALA A 1374 -30.98 -15.75 0.76
N HIS A 1375 -30.31 -16.86 0.49
CA HIS A 1375 -29.99 -17.23 -0.88
C HIS A 1375 -30.35 -18.67 -1.24
N LEU A 1376 -30.59 -19.54 -0.27
CA LEU A 1376 -30.83 -20.94 -0.56
C LEU A 1376 -32.16 -21.16 -1.27
N ASP A 1377 -32.17 -22.15 -2.17
CA ASP A 1377 -33.35 -22.51 -2.95
C ASP A 1377 -34.30 -23.38 -2.14
N PRO A 1378 -35.54 -23.56 -2.62
CA PRO A 1378 -36.53 -24.31 -1.83
C PRO A 1378 -36.09 -25.69 -1.36
N VAL A 1379 -35.30 -26.41 -2.14
CA VAL A 1379 -34.91 -27.77 -1.75
C VAL A 1379 -34.12 -27.76 -0.45
N THR A 1380 -33.49 -26.63 -0.12
CA THR A 1380 -32.81 -26.46 1.15
C THR A 1380 -33.63 -25.70 2.18
N TYR A 1381 -34.57 -24.86 1.72
CA TYR A 1381 -35.41 -24.11 2.63
C TYR A 1381 -36.27 -25.01 3.51
N GLN A 1382 -36.56 -26.23 3.04
CA GLN A 1382 -37.34 -27.16 3.84
C GLN A 1382 -36.69 -27.44 5.18
N ILE A 1383 -35.35 -27.40 5.23
CA ILE A 1383 -34.65 -27.60 6.50
C ILE A 1383 -34.97 -26.47 7.47
N ILE A 1384 -34.95 -25.23 6.99
CA ILE A 1384 -35.29 -24.10 7.84
C ILE A 1384 -36.74 -24.20 8.31
N ARG A 1385 -37.65 -24.59 7.40
CA ARG A 1385 -39.04 -24.76 7.76
C ARG A 1385 -39.20 -25.80 8.87
N ARG A 1386 -38.54 -26.96 8.71
CA ARG A 1386 -38.68 -28.05 9.66
C ARG A 1386 -38.09 -27.67 11.01
N THR A 1387 -36.92 -27.01 11.01
CA THR A 1387 -36.31 -26.65 12.29
C THR A 1387 -37.08 -25.51 12.97
N LEU A 1388 -37.72 -24.64 12.19
CA LEU A 1388 -38.59 -23.63 12.80
C LEU A 1388 -39.83 -24.27 13.42
N LYS A 1389 -40.31 -25.36 12.82
CA LYS A 1389 -41.47 -26.06 13.36
C LYS A 1389 -41.12 -27.09 14.44
N GLN A 1390 -39.85 -27.45 14.59
CA GLN A 1390 -39.47 -28.56 15.46
C GLN A 1390 -38.58 -28.14 16.62
N ALA A 1391 -37.46 -27.46 16.38
CA ALA A 1391 -36.47 -27.24 17.43
C ALA A 1391 -36.99 -26.31 18.51
N PHE A 1392 -37.71 -25.27 18.13
CA PHE A 1392 -38.22 -24.26 19.06
C PHE A 1392 -39.68 -23.94 18.74
N ALA A 1393 -40.48 -24.98 18.55
CA ALA A 1393 -41.90 -24.81 18.24
C ALA A 1393 -42.65 -24.05 19.33
N ASP A 1394 -42.16 -24.10 20.57
CA ASP A 1394 -42.86 -23.45 21.68
C ASP A 1394 -42.54 -21.97 21.83
N CYS A 1395 -41.52 -21.48 21.14
CA CYS A 1395 -41.07 -20.09 21.27
C CYS A 1395 -41.80 -19.18 20.29
N THR A 1396 -41.99 -17.93 20.71
CA THR A 1396 -42.48 -16.90 19.80
C THR A 1396 -41.33 -16.36 18.96
N VAL A 1397 -41.59 -16.12 17.67
CA VAL A 1397 -40.56 -15.73 16.72
C VAL A 1397 -41.09 -14.59 15.86
N ILE A 1398 -40.24 -13.60 15.60
CA ILE A 1398 -40.50 -12.59 14.58
C ILE A 1398 -39.76 -12.99 13.32
N LEU A 1399 -40.49 -13.24 12.25
CA LEU A 1399 -39.94 -13.84 11.03
C LEU A 1399 -39.90 -12.78 9.93
N CYS A 1400 -38.80 -12.03 9.88
CA CYS A 1400 -38.60 -11.01 8.85
C CYS A 1400 -37.97 -11.67 7.64
N GLU A 1401 -38.74 -11.79 6.55
CA GLU A 1401 -38.32 -12.50 5.36
C GLU A 1401 -39.09 -12.11 4.11
N HIS A 1402 -38.45 -12.18 2.94
CA HIS A 1402 -39.08 -11.81 1.69
C HIS A 1402 -39.73 -12.99 0.97
N ARG A 1403 -39.42 -14.22 1.38
CA ARG A 1403 -39.97 -15.39 0.73
C ARG A 1403 -41.47 -15.48 0.99
N ILE A 1404 -42.26 -15.56 -0.08
CA ILE A 1404 -43.71 -15.67 0.07
C ILE A 1404 -44.09 -16.99 0.72
N GLU A 1405 -43.37 -18.07 0.39
CA GLU A 1405 -43.64 -19.36 1.00
C GLU A 1405 -43.43 -19.32 2.51
N ALA A 1406 -42.55 -18.45 2.99
CA ALA A 1406 -42.28 -18.36 4.42
C ALA A 1406 -43.44 -17.76 5.19
N MET A 1407 -44.30 -17.01 4.52
CA MET A 1407 -45.45 -16.37 5.17
C MET A 1407 -46.70 -17.23 5.10
N LEU A 1408 -46.50 -18.55 5.05
CA LEU A 1408 -47.59 -19.51 5.11
C LEU A 1408 -47.77 -20.12 6.50
N GLU A 1409 -46.74 -20.05 7.34
CA GLU A 1409 -46.82 -20.55 8.71
C GLU A 1409 -47.28 -19.48 9.70
N CYS A 1410 -46.98 -18.21 9.44
CA CYS A 1410 -47.31 -17.15 10.39
C CYS A 1410 -48.81 -16.92 10.45
N GLN A 1411 -49.28 -16.51 11.64
CA GLN A 1411 -50.68 -16.20 11.85
C GLN A 1411 -50.92 -14.76 12.30
N GLN A 1412 -49.88 -13.95 12.45
CA GLN A 1412 -50.01 -12.50 12.58
C GLN A 1412 -49.00 -11.84 11.65
N PHE A 1413 -49.40 -10.71 11.07
CA PHE A 1413 -48.58 -10.02 10.08
C PHE A 1413 -48.44 -8.54 10.44
N LEU A 1414 -47.26 -7.99 10.15
CA LEU A 1414 -46.94 -6.58 10.43
C LEU A 1414 -46.26 -6.00 9.20
N VAL A 1415 -47.00 -5.28 8.38
CA VAL A 1415 -46.46 -4.64 7.18
C VAL A 1415 -46.05 -3.22 7.51
N ILE A 1416 -44.84 -2.84 7.11
CA ILE A 1416 -44.29 -1.51 7.33
C ILE A 1416 -44.38 -0.74 6.03
N GLU A 1417 -45.04 0.42 6.05
CA GLU A 1417 -45.16 1.27 4.88
C GLU A 1417 -45.25 2.72 5.32
N GLU A 1418 -44.56 3.59 4.59
CA GLU A 1418 -44.44 5.03 4.88
C GLU A 1418 -44.30 5.28 6.38
N ASN A 1419 -43.22 4.74 6.94
CA ASN A 1419 -42.71 5.05 8.29
C ASN A 1419 -43.74 4.79 9.39
N LYS A 1420 -44.67 3.87 9.15
CA LYS A 1420 -45.55 3.41 10.22
C LYS A 1420 -45.96 1.97 9.93
N VAL A 1421 -46.39 1.27 10.98
CA VAL A 1421 -46.72 -0.14 10.91
C VAL A 1421 -48.23 -0.33 10.88
N ARG A 1422 -48.67 -1.42 10.25
CA ARG A 1422 -50.07 -1.78 10.18
C ARG A 1422 -50.20 -3.27 10.46
N GLN A 1423 -51.17 -3.65 11.26
CA GLN A 1423 -51.33 -5.03 11.71
C GLN A 1423 -52.45 -5.73 10.97
N TYR A 1424 -52.23 -6.99 10.62
CA TYR A 1424 -53.25 -7.84 10.02
C TYR A 1424 -53.16 -9.21 10.67
N ASP A 1425 -54.31 -9.75 11.09
CA ASP A 1425 -54.40 -11.10 11.63
C ASP A 1425 -54.93 -12.08 10.61
N SER A 1426 -54.58 -11.87 9.34
CA SER A 1426 -54.99 -12.73 8.25
C SER A 1426 -54.08 -12.46 7.05
N ILE A 1427 -53.79 -13.52 6.30
CA ILE A 1427 -52.97 -13.38 5.10
C ILE A 1427 -53.85 -13.12 3.88
N GLN A 1428 -55.10 -13.57 3.91
CA GLN A 1428 -56.00 -13.35 2.77
C GLN A 1428 -56.39 -11.87 2.67
N LYS A 1429 -56.71 -11.26 3.81
CA LYS A 1429 -57.09 -9.85 3.83
C LYS A 1429 -55.94 -8.96 3.38
N LEU A 1430 -54.71 -9.33 3.72
CA LEU A 1430 -53.56 -8.49 3.42
C LEU A 1430 -53.38 -8.28 1.92
N LEU A 1431 -53.57 -9.32 1.13
CA LEU A 1431 -53.30 -9.24 -0.30
C LEU A 1431 -54.37 -8.47 -1.07
N ASN A 1432 -55.56 -8.29 -0.49
CA ASN A 1432 -56.65 -7.66 -1.23
C ASN A 1432 -56.48 -6.15 -1.36
N GLU A 1433 -55.80 -5.51 -0.41
CA GLU A 1433 -55.70 -4.05 -0.38
C GLU A 1433 -54.56 -3.50 -1.24
N ARG A 1434 -53.70 -4.34 -1.79
CA ARG A 1434 -52.58 -3.89 -2.61
C ARG A 1434 -52.50 -4.79 -3.85
N SER A 1435 -52.86 -4.22 -5.00
CA SER A 1435 -53.03 -5.01 -6.21
C SER A 1435 -51.70 -5.39 -6.84
N LEU A 1436 -50.79 -4.42 -6.97
CA LEU A 1436 -49.55 -4.66 -7.71
C LEU A 1436 -48.71 -5.75 -7.05
N PHE A 1437 -48.64 -5.74 -5.72
CA PHE A 1437 -47.91 -6.79 -5.03
C PHE A 1437 -48.61 -8.14 -5.21
N ARG A 1438 -49.94 -8.16 -5.16
CA ARG A 1438 -50.68 -9.40 -5.31
C ARG A 1438 -50.52 -9.99 -6.71
N GLN A 1439 -50.35 -9.14 -7.72
CA GLN A 1439 -50.23 -9.59 -9.10
C GLN A 1439 -48.79 -9.92 -9.49
N ALA A 1440 -47.84 -9.86 -8.56
CA ALA A 1440 -46.44 -10.11 -8.88
C ALA A 1440 -45.95 -11.47 -8.39
N ILE A 1441 -46.70 -12.16 -7.53
CA ILE A 1441 -46.24 -13.44 -7.00
C ILE A 1441 -46.35 -14.53 -8.07
N SER A 1442 -45.43 -15.49 -8.01
CA SER A 1442 -45.43 -16.58 -8.97
C SER A 1442 -46.66 -17.47 -8.79
N PRO A 1443 -47.12 -18.12 -9.86
CA PRO A 1443 -48.28 -19.01 -9.74
C PRO A 1443 -48.09 -20.15 -8.74
N SER A 1444 -46.86 -20.62 -8.55
CA SER A 1444 -46.63 -21.76 -7.66
C SER A 1444 -47.10 -21.46 -6.24
N ASP A 1445 -46.77 -20.27 -5.75
CA ASP A 1445 -47.24 -19.87 -4.42
C ASP A 1445 -48.70 -19.43 -4.43
N ARG A 1446 -49.19 -18.91 -5.56
CA ARG A 1446 -50.56 -18.43 -5.61
C ARG A 1446 -51.55 -19.58 -5.54
N VAL A 1447 -51.16 -20.77 -5.99
CA VAL A 1447 -52.01 -21.95 -5.82
C VAL A 1447 -51.78 -22.62 -4.48
N LYS A 1448 -50.61 -22.43 -3.86
CA LYS A 1448 -50.39 -22.93 -2.50
C LYS A 1448 -51.23 -22.15 -1.50
N LEU A 1449 -51.33 -20.83 -1.68
CA LEU A 1449 -52.05 -20.00 -0.73
C LEU A 1449 -53.56 -20.11 -0.92
N PHE A 1450 -54.02 -19.92 -2.15
CA PHE A 1450 -55.44 -19.93 -2.45
C PHE A 1450 -55.92 -21.35 -2.74
N PRO A 1451 -57.05 -21.78 -2.16
CA PRO A 1451 -57.63 -23.10 -2.44
C PRO A 1451 -58.38 -23.14 -3.78
N SER B 15 28.95 -16.37 -40.98
CA SER B 15 27.87 -16.55 -41.93
C SER B 15 27.15 -15.22 -42.19
N VAL B 16 26.59 -14.65 -41.11
CA VAL B 16 25.84 -13.40 -41.23
C VAL B 16 26.75 -12.26 -41.69
N LYS B 17 27.98 -12.22 -41.18
CA LYS B 17 28.91 -11.17 -41.58
C LYS B 17 29.29 -11.28 -43.06
N GLU B 18 29.55 -12.50 -43.53
CA GLU B 18 29.86 -12.69 -44.94
C GLU B 18 28.65 -12.36 -45.80
N PHE B 19 27.46 -12.74 -45.35
CA PHE B 19 26.24 -12.42 -46.09
C PHE B 19 26.04 -10.92 -46.22
N LEU B 20 26.27 -10.18 -45.13
CA LEU B 20 26.10 -8.73 -45.19
C LEU B 20 27.17 -8.09 -46.06
N ALA B 21 28.39 -8.61 -46.04
CA ALA B 21 29.42 -8.10 -46.93
C ALA B 21 29.04 -8.34 -48.39
N LYS B 22 28.50 -9.52 -48.70
CA LYS B 22 28.07 -9.82 -50.06
C LYS B 22 26.94 -8.88 -50.49
N ALA B 23 25.98 -8.66 -49.59
CA ALA B 23 24.86 -7.77 -49.91
C ALA B 23 25.34 -6.35 -50.17
N LYS B 24 26.27 -5.85 -49.35
CA LYS B 24 26.79 -4.51 -49.58
C LYS B 24 27.62 -4.44 -50.84
N GLU B 25 28.32 -5.52 -51.18
CA GLU B 25 29.11 -5.54 -52.41
C GLU B 25 28.23 -5.49 -53.65
N ASP B 26 27.19 -6.33 -53.70
CA ASP B 26 26.35 -6.37 -54.89
C ASP B 26 25.34 -5.23 -54.95
N PHE B 27 25.05 -4.56 -53.84
CA PHE B 27 24.14 -3.42 -53.89
C PHE B 27 24.72 -2.30 -54.75
N LEU B 28 26.03 -2.04 -54.62
CA LEU B 28 26.63 -0.90 -55.30
C LEU B 28 26.55 -1.01 -56.81
N LYS B 29 26.64 -2.23 -57.34
CA LYS B 29 26.57 -2.41 -58.79
C LYS B 29 25.23 -1.99 -59.35
N LYS B 30 24.13 -2.33 -58.67
CA LYS B 30 22.81 -1.88 -59.08
C LYS B 30 22.57 -0.42 -58.73
N TRP B 31 23.23 0.11 -57.70
CA TRP B 31 23.07 1.52 -57.36
C TRP B 31 23.60 2.42 -58.46
N GLU B 32 24.74 2.05 -59.06
CA GLU B 32 25.35 2.87 -60.09
C GLU B 32 24.71 2.67 -61.45
N ASN B 33 23.91 1.60 -61.63
CA ASN B 33 23.26 1.28 -62.90
C ASN B 33 21.75 1.30 -62.69
N PRO B 34 21.14 2.49 -62.62
CA PRO B 34 19.69 2.61 -62.40
C PRO B 34 18.89 2.39 -63.67
N LEU B 41 1.56 3.06 -70.02
CA LEU B 41 0.38 2.67 -69.27
C LEU B 41 -0.67 2.06 -70.18
N ASP B 42 -0.24 1.11 -71.02
CA ASP B 42 -1.12 0.44 -71.98
C ASP B 42 -1.23 -1.05 -71.71
N GLN B 43 -0.72 -1.54 -70.59
CA GLN B 43 -0.80 -2.94 -70.20
C GLN B 43 -1.23 -3.06 -68.75
N PHE B 44 -2.23 -2.29 -68.35
CA PHE B 44 -2.68 -2.25 -66.98
C PHE B 44 -4.19 -2.01 -66.94
N GLU B 45 -4.84 -2.62 -65.96
CA GLU B 45 -6.26 -2.44 -65.71
C GLU B 45 -6.48 -1.50 -64.54
N ARG B 46 -7.74 -1.08 -64.38
CA ARG B 46 -8.15 -0.24 -63.26
C ARG B 46 -9.30 -0.90 -62.52
N ILE B 47 -9.13 -2.19 -62.19
CA ILE B 47 -10.18 -2.96 -61.54
C ILE B 47 -10.59 -2.33 -60.23
N LYS B 48 -9.61 -1.95 -59.41
CA LYS B 48 -9.89 -1.46 -58.06
C LYS B 48 -8.89 -0.40 -57.67
N THR B 49 -9.26 0.36 -56.64
CA THR B 49 -8.38 1.33 -56.01
C THR B 49 -8.13 0.89 -54.57
N LEU B 50 -6.86 0.81 -54.18
CA LEU B 50 -6.46 0.32 -52.88
C LEU B 50 -6.07 1.44 -51.93
N GLY B 51 -6.71 2.60 -52.05
CA GLY B 51 -6.41 3.74 -51.20
C GLY B 51 -5.48 4.70 -51.92
N THR B 52 -5.86 5.97 -52.00
CA THR B 52 -5.06 6.89 -52.80
C THR B 52 -3.84 7.39 -52.04
N GLY B 53 -4.07 8.19 -51.00
CA GLY B 53 -2.99 8.61 -50.12
C GLY B 53 -2.21 9.76 -50.69
N SER B 54 -2.21 10.91 -50.02
CA SER B 54 -1.28 12.02 -50.29
C SER B 54 -1.44 12.44 -51.75
N PHE B 55 -0.35 12.59 -52.51
CA PHE B 55 -0.40 12.96 -53.92
C PHE B 55 -0.43 11.69 -54.77
N GLY B 56 -1.55 11.43 -55.43
CA GLY B 56 -1.69 10.28 -56.30
C GLY B 56 -2.55 9.18 -55.68
N ARG B 57 -2.53 8.03 -56.35
CA ARG B 57 -3.37 6.91 -55.95
C ARG B 57 -2.74 5.62 -56.44
N VAL B 58 -3.00 4.53 -55.71
CA VAL B 58 -2.56 3.19 -56.07
C VAL B 58 -3.74 2.41 -56.58
N MET B 59 -3.65 1.94 -57.83
CA MET B 59 -4.71 1.17 -58.46
C MET B 59 -4.25 -0.25 -58.74
N LEU B 60 -5.21 -1.18 -58.72
CA LEU B 60 -4.91 -2.58 -59.01
C LEU B 60 -4.89 -2.80 -60.51
N VAL B 61 -3.83 -3.46 -60.98
CA VAL B 61 -3.67 -3.75 -62.41
C VAL B 61 -3.51 -5.26 -62.57
N LYS B 62 -3.81 -5.73 -63.79
CA LYS B 62 -3.71 -7.15 -64.13
C LYS B 62 -2.91 -7.25 -65.42
N HIS B 63 -1.89 -8.10 -65.40
CA HIS B 63 -0.98 -8.21 -66.53
C HIS B 63 -1.68 -8.90 -67.70
N MET B 64 -1.78 -8.20 -68.83
CA MET B 64 -2.43 -8.80 -70.00
C MET B 64 -1.64 -10.01 -70.51
N GLU B 65 -0.32 -9.88 -70.59
CA GLU B 65 0.50 -10.88 -71.26
C GLU B 65 0.58 -12.18 -70.46
N THR B 66 0.59 -12.09 -69.14
CA THR B 66 0.74 -13.26 -68.28
C THR B 66 -0.48 -13.53 -67.43
N GLY B 67 -1.02 -12.51 -66.76
CA GLY B 67 -2.15 -12.68 -65.86
C GLY B 67 -1.84 -12.37 -64.42
N ASN B 68 -0.57 -12.09 -64.09
CA ASN B 68 -0.20 -11.77 -62.71
C ASN B 68 -0.77 -10.42 -62.31
N HIS B 69 -1.33 -10.34 -61.11
CA HIS B 69 -1.86 -9.10 -60.59
C HIS B 69 -0.77 -8.29 -59.91
N TYR B 70 -0.74 -6.98 -60.18
CA TYR B 70 0.23 -6.07 -59.62
C TYR B 70 -0.46 -4.83 -59.08
N ALA B 71 0.28 -4.05 -58.30
CA ALA B 71 -0.14 -2.71 -57.91
C ALA B 71 0.48 -1.67 -58.84
N MET B 72 0.01 -0.42 -58.72
CA MET B 72 0.45 0.66 -59.60
C MET B 72 0.29 1.98 -58.86
N LYS B 73 1.39 2.52 -58.34
CA LYS B 73 1.38 3.75 -57.56
C LYS B 73 1.61 4.94 -58.48
N ILE B 74 0.60 5.80 -58.62
CA ILE B 74 0.71 7.02 -59.41
C ILE B 74 1.23 8.15 -58.53
N LEU B 75 2.00 9.05 -59.12
CA LEU B 75 2.55 10.21 -58.42
C LEU B 75 2.34 11.46 -59.26
N ASP B 76 1.85 12.52 -58.63
CA ASP B 76 1.56 13.78 -59.31
C ASP B 76 2.83 14.62 -59.42
N LYS B 77 3.19 15.00 -60.65
CA LYS B 77 4.39 15.79 -60.88
C LYS B 77 4.24 17.21 -60.34
N GLN B 78 3.10 17.85 -60.61
CA GLN B 78 2.89 19.21 -60.16
C GLN B 78 2.84 19.31 -58.64
N LYS B 79 2.26 18.30 -57.99
CA LYS B 79 2.30 18.25 -56.53
C LYS B 79 3.70 17.94 -56.03
N VAL B 80 4.48 17.15 -56.78
CA VAL B 80 5.86 16.87 -56.39
C VAL B 80 6.67 18.16 -56.38
N VAL B 81 6.54 18.98 -57.42
CA VAL B 81 7.29 20.24 -57.45
C VAL B 81 6.71 21.25 -56.49
N LYS B 82 5.39 21.26 -56.30
CA LYS B 82 4.77 22.22 -55.41
C LYS B 82 5.09 21.94 -53.95
N LEU B 83 5.14 20.66 -53.56
CA LEU B 83 5.43 20.28 -52.19
C LEU B 83 6.93 20.31 -51.88
N LYS B 84 7.77 20.62 -52.87
CA LYS B 84 9.22 20.65 -52.70
C LYS B 84 9.76 19.30 -52.26
N GLN B 85 9.22 18.23 -52.84
CA GLN B 85 9.71 16.87 -52.63
C GLN B 85 9.94 16.23 -54.00
N ILE B 86 11.13 16.48 -54.56
CA ILE B 86 11.53 15.93 -55.85
C ILE B 86 12.66 14.93 -55.69
N GLU B 87 13.64 15.25 -54.85
CA GLU B 87 14.67 14.29 -54.48
C GLU B 87 14.05 13.06 -53.83
N HIS B 88 13.04 13.25 -52.99
CA HIS B 88 12.39 12.14 -52.31
C HIS B 88 11.91 11.09 -53.29
N THR B 89 11.17 11.51 -54.32
CA THR B 89 10.59 10.56 -55.26
C THR B 89 11.67 9.85 -56.08
N LEU B 90 12.65 10.60 -56.59
CA LEU B 90 13.67 9.99 -57.43
C LEU B 90 14.51 8.99 -56.66
N ASN B 91 14.95 9.36 -55.45
CA ASN B 91 15.75 8.42 -54.68
C ASN B 91 14.90 7.27 -54.15
N GLU B 92 13.60 7.49 -53.92
CA GLU B 92 12.71 6.38 -53.61
C GLU B 92 12.70 5.37 -54.74
N LYS B 93 12.51 5.85 -55.97
CA LYS B 93 12.55 4.96 -57.13
C LYS B 93 13.87 4.20 -57.19
N ARG B 94 14.99 4.93 -57.05
CA ARG B 94 16.29 4.29 -57.25
C ARG B 94 16.60 3.30 -56.12
N ILE B 95 16.23 3.62 -54.89
CA ILE B 95 16.41 2.69 -53.78
C ILE B 95 15.54 1.45 -53.97
N LEU B 96 14.25 1.65 -54.23
CA LEU B 96 13.36 0.52 -54.38
C LEU B 96 13.78 -0.36 -55.55
N GLN B 97 14.48 0.21 -56.53
CA GLN B 97 15.13 -0.61 -57.53
C GLN B 97 16.28 -1.41 -56.93
N ALA B 98 17.23 -0.73 -56.28
CA ALA B 98 18.49 -1.37 -55.91
C ALA B 98 18.32 -2.46 -54.86
N VAL B 99 17.46 -2.24 -53.85
CA VAL B 99 17.40 -3.15 -52.70
C VAL B 99 16.80 -4.49 -53.08
N ASN B 100 17.25 -5.55 -52.42
CA ASN B 100 16.74 -6.91 -52.61
C ASN B 100 16.77 -7.62 -51.26
N PHE B 101 15.58 -7.91 -50.70
CA PHE B 101 15.48 -8.59 -49.42
C PHE B 101 14.09 -9.21 -49.32
N PRO B 102 13.95 -10.39 -48.69
CA PRO B 102 12.65 -11.07 -48.69
C PRO B 102 11.50 -10.27 -48.09
N PHE B 103 11.75 -9.48 -47.05
CA PHE B 103 10.68 -8.79 -46.34
C PHE B 103 10.35 -7.42 -46.93
N LEU B 104 11.00 -7.04 -48.03
CA LEU B 104 10.76 -5.77 -48.69
C LEU B 104 10.09 -6.01 -50.02
N VAL B 105 9.01 -5.27 -50.28
CA VAL B 105 8.25 -5.46 -51.52
C VAL B 105 9.10 -5.01 -52.70
N LYS B 106 9.23 -5.87 -53.69
CA LYS B 106 10.10 -5.62 -54.83
C LYS B 106 9.36 -4.88 -55.94
N LEU B 107 10.08 -4.01 -56.65
CA LEU B 107 9.53 -3.26 -57.77
C LEU B 107 9.95 -3.94 -59.07
N GLU B 108 9.03 -4.04 -60.01
CA GLU B 108 9.27 -4.72 -61.28
C GLU B 108 9.49 -3.75 -62.44
N PHE B 109 8.58 -2.82 -62.66
CA PHE B 109 8.62 -1.95 -63.82
C PHE B 109 8.40 -0.50 -63.40
N SER B 110 9.04 0.42 -64.12
CA SER B 110 8.94 1.85 -63.87
C SER B 110 8.43 2.56 -65.12
N PHE B 111 7.50 3.48 -64.92
CA PHE B 111 6.87 4.20 -66.02
C PHE B 111 7.20 5.69 -65.93
N LYS B 112 7.21 6.34 -67.09
CA LYS B 112 7.44 7.78 -67.18
C LYS B 112 6.50 8.34 -68.23
N ASP B 113 5.46 9.05 -67.80
CA ASP B 113 4.47 9.62 -68.69
C ASP B 113 4.42 11.13 -68.52
N ASN B 114 3.88 11.80 -69.54
CA ASN B 114 3.78 13.26 -69.53
C ASN B 114 2.82 13.79 -68.47
N SER B 115 1.97 12.93 -67.90
CA SER B 115 1.01 13.35 -66.89
C SER B 115 1.45 12.98 -65.47
N ASN B 116 1.83 11.71 -65.26
CA ASN B 116 2.16 11.23 -63.93
C ASN B 116 3.22 10.14 -64.04
N LEU B 117 3.82 9.82 -62.89
CA LEU B 117 4.79 8.75 -62.79
C LEU B 117 4.15 7.53 -62.13
N TYR B 118 4.45 6.35 -62.67
CA TYR B 118 3.86 5.11 -62.19
C TYR B 118 4.95 4.07 -61.93
N MET B 119 4.77 3.30 -60.87
CA MET B 119 5.67 2.21 -60.51
C MET B 119 4.86 0.96 -60.21
N VAL B 120 5.28 -0.17 -60.76
CA VAL B 120 4.56 -1.43 -60.63
C VAL B 120 5.20 -2.24 -59.50
N MET B 121 4.42 -2.53 -58.47
CA MET B 121 4.86 -3.33 -57.33
C MET B 121 4.13 -4.68 -57.30
N GLU B 122 4.76 -5.64 -56.65
CA GLU B 122 4.17 -6.97 -56.52
C GLU B 122 2.98 -6.94 -55.56
N TYR B 123 1.89 -7.59 -55.97
CA TYR B 123 0.64 -7.52 -55.23
C TYR B 123 0.75 -8.25 -53.90
N VAL B 124 0.22 -7.65 -52.84
CA VAL B 124 0.21 -8.23 -51.50
C VAL B 124 -1.24 -8.35 -51.06
N PRO B 125 -1.81 -9.57 -51.06
CA PRO B 125 -3.26 -9.71 -50.84
C PRO B 125 -3.71 -9.52 -49.41
N GLY B 126 -2.83 -9.61 -48.42
CA GLY B 126 -3.28 -9.61 -47.04
C GLY B 126 -3.69 -8.26 -46.49
N GLY B 127 -3.45 -7.18 -47.22
CA GLY B 127 -3.87 -5.89 -46.75
C GLY B 127 -3.02 -5.35 -45.59
N GLU B 128 -3.58 -4.34 -44.94
CA GLU B 128 -2.85 -3.57 -43.94
C GLU B 128 -2.82 -4.28 -42.59
N MET B 129 -1.72 -4.10 -41.86
CA MET B 129 -1.72 -4.51 -40.45
C MET B 129 -2.54 -3.56 -39.60
N PHE B 130 -2.59 -2.28 -39.96
CA PHE B 130 -3.37 -1.30 -39.20
C PHE B 130 -4.81 -1.73 -39.07
N SER B 131 -5.40 -2.23 -40.15
CA SER B 131 -6.78 -2.71 -40.10
C SER B 131 -6.93 -3.84 -39.09
N HIS B 132 -6.00 -4.80 -39.10
CA HIS B 132 -6.08 -5.91 -38.15
C HIS B 132 -5.89 -5.43 -36.71
N LEU B 133 -5.01 -4.46 -36.50
CA LEU B 133 -4.78 -3.94 -35.15
C LEU B 133 -6.01 -3.22 -34.62
N ARG B 134 -6.68 -2.42 -35.47
CA ARG B 134 -7.91 -1.78 -35.03
C ARG B 134 -9.07 -2.75 -34.95
N ARG B 135 -8.98 -3.89 -35.63
CA ARG B 135 -10.04 -4.90 -35.59
C ARG B 135 -9.96 -5.76 -34.34
N ILE B 136 -8.77 -6.22 -33.99
CA ILE B 136 -8.60 -7.11 -32.85
C ILE B 136 -8.42 -6.35 -31.54
N GLY B 137 -7.98 -5.10 -31.61
CA GLY B 137 -7.69 -4.32 -30.42
C GLY B 137 -6.23 -4.33 -29.99
N ARG B 138 -5.70 -5.50 -29.64
CA ARG B 138 -4.28 -5.57 -29.32
C ARG B 138 -3.78 -7.00 -29.50
N PHE B 139 -2.50 -7.11 -29.83
CA PHE B 139 -1.84 -8.40 -29.99
C PHE B 139 -1.20 -8.85 -28.68
N SER B 140 -1.16 -10.16 -28.50
CA SER B 140 -0.43 -10.74 -27.38
C SER B 140 1.07 -10.62 -27.61
N GLU B 141 1.83 -10.81 -26.53
CA GLU B 141 3.28 -10.60 -26.62
C GLU B 141 3.97 -11.49 -27.64
N PRO B 142 3.71 -12.81 -27.72
CA PRO B 142 4.32 -13.58 -28.83
C PRO B 142 3.87 -13.11 -30.19
N HIS B 143 2.61 -12.67 -30.31
CA HIS B 143 2.09 -12.18 -31.58
C HIS B 143 2.83 -10.91 -32.01
N ALA B 144 3.17 -10.05 -31.04
CA ALA B 144 3.94 -8.86 -31.36
C ALA B 144 5.39 -9.19 -31.65
N ARG B 145 5.97 -10.12 -30.88
CA ARG B 145 7.37 -10.50 -31.04
C ARG B 145 7.62 -11.09 -32.42
N PHE B 146 6.64 -11.80 -32.97
CA PHE B 146 6.80 -12.40 -34.29
C PHE B 146 7.08 -11.33 -35.35
N TYR B 147 6.35 -10.21 -35.31
CA TYR B 147 6.61 -9.13 -36.25
C TYR B 147 7.83 -8.29 -35.86
N ALA B 148 8.10 -8.16 -34.56
CA ALA B 148 9.24 -7.38 -34.10
C ALA B 148 10.55 -7.97 -34.60
N ALA B 149 10.65 -9.31 -34.61
CA ALA B 149 11.86 -9.95 -35.12
C ALA B 149 12.09 -9.61 -36.59
N GLN B 150 11.03 -9.65 -37.40
CA GLN B 150 11.17 -9.33 -38.81
C GLN B 150 11.58 -7.88 -39.01
N ILE B 151 11.00 -6.97 -38.23
CA ILE B 151 11.39 -5.56 -38.37
C ILE B 151 12.83 -5.34 -37.94
N VAL B 152 13.28 -6.05 -36.90
CA VAL B 152 14.67 -5.94 -36.47
C VAL B 152 15.61 -6.40 -37.58
N LEU B 153 15.30 -7.53 -38.22
CA LEU B 153 16.15 -8.00 -39.31
C LEU B 153 16.15 -7.02 -40.48
N THR B 154 14.97 -6.46 -40.81
CA THR B 154 14.90 -5.52 -41.92
C THR B 154 15.74 -4.28 -41.65
N PHE B 155 15.67 -3.73 -40.42
CA PHE B 155 16.48 -2.57 -40.12
C PHE B 155 17.96 -2.89 -40.06
N GLU B 156 18.34 -4.08 -39.59
CA GLU B 156 19.74 -4.47 -39.65
C GLU B 156 20.24 -4.45 -41.09
N TYR B 157 19.47 -5.07 -42.00
CA TYR B 157 19.86 -5.10 -43.40
C TYR B 157 19.95 -3.69 -43.99
N LEU B 158 18.95 -2.85 -43.73
CA LEU B 158 18.94 -1.51 -44.31
C LEU B 158 20.09 -0.66 -43.79
N HIS B 159 20.33 -0.68 -42.48
CA HIS B 159 21.42 0.12 -41.92
C HIS B 159 22.77 -0.41 -42.34
N SER B 160 22.88 -1.70 -42.66
CA SER B 160 24.15 -2.20 -43.17
C SER B 160 24.54 -1.55 -44.48
N LEU B 161 23.56 -1.10 -45.26
CA LEU B 161 23.78 -0.43 -46.54
C LEU B 161 23.84 1.08 -46.41
N ASP B 162 23.80 1.62 -45.19
CA ASP B 162 23.81 3.05 -44.93
C ASP B 162 22.53 3.74 -45.41
N LEU B 163 21.41 3.02 -45.41
CA LEU B 163 20.12 3.58 -45.75
C LEU B 163 19.34 3.95 -44.50
N ILE B 164 18.50 4.96 -44.61
CA ILE B 164 17.60 5.39 -43.54
C ILE B 164 16.17 5.32 -44.06
N TYR B 165 15.26 4.80 -43.23
CA TYR B 165 13.87 4.60 -43.61
C TYR B 165 12.95 5.72 -43.10
N ARG B 166 13.06 6.06 -41.82
CA ARG B 166 12.54 7.27 -41.18
C ARG B 166 11.04 7.49 -41.34
N ASP B 167 10.29 6.50 -41.82
CA ASP B 167 8.84 6.66 -41.92
C ASP B 167 8.08 5.42 -41.45
N LEU B 168 8.65 4.69 -40.50
CA LEU B 168 8.02 3.49 -39.97
C LEU B 168 6.71 3.83 -39.27
N LYS B 169 5.64 3.17 -39.68
CA LYS B 169 4.34 3.24 -39.03
C LYS B 169 3.50 2.06 -39.50
N PRO B 170 2.48 1.66 -38.74
CA PRO B 170 1.69 0.49 -39.14
C PRO B 170 1.00 0.64 -40.49
N GLU B 171 0.84 1.86 -40.99
CA GLU B 171 0.21 2.08 -42.28
C GLU B 171 1.15 1.84 -43.46
N ASN B 172 2.40 1.44 -43.22
CA ASN B 172 3.35 1.13 -44.28
C ASN B 172 3.66 -0.34 -44.43
N LEU B 173 3.18 -1.19 -43.53
CA LEU B 173 3.59 -2.59 -43.46
C LEU B 173 2.41 -3.49 -43.82
N LEU B 174 2.54 -4.23 -44.91
CA LEU B 174 1.51 -5.14 -45.37
C LEU B 174 1.79 -6.57 -44.90
N ILE B 175 0.81 -7.45 -45.10
CA ILE B 175 0.89 -8.85 -44.72
C ILE B 175 0.72 -9.71 -45.96
N ASP B 176 1.67 -10.61 -46.20
CA ASP B 176 1.59 -11.51 -47.34
C ASP B 176 0.70 -12.71 -47.01
N GLN B 177 0.66 -13.69 -47.91
CA GLN B 177 -0.20 -14.85 -47.71
C GLN B 177 0.21 -15.65 -46.47
N GLN B 178 1.50 -15.95 -46.35
CA GLN B 178 1.96 -16.79 -45.23
C GLN B 178 1.84 -16.09 -43.89
N GLY B 179 1.81 -14.75 -43.86
CA GLY B 179 1.69 -14.01 -42.63
C GLY B 179 2.88 -13.14 -42.28
N TYR B 180 3.86 -13.01 -43.15
CA TYR B 180 5.04 -12.21 -42.88
C TYR B 180 4.85 -10.76 -43.35
N ILE B 181 5.66 -9.88 -42.78
CA ILE B 181 5.57 -8.45 -43.08
C ILE B 181 6.07 -8.17 -44.48
N GLN B 182 5.46 -7.19 -45.14
CA GLN B 182 5.89 -6.71 -46.46
C GLN B 182 5.99 -5.19 -46.39
N VAL B 183 7.21 -4.66 -46.43
CA VAL B 183 7.43 -3.23 -46.27
C VAL B 183 7.30 -2.51 -47.61
N THR B 184 6.59 -1.38 -47.60
CA THR B 184 6.37 -0.55 -48.78
C THR B 184 6.67 0.91 -48.46
N ASP B 185 6.39 1.79 -49.42
CA ASP B 185 6.44 3.24 -49.22
C ASP B 185 7.80 3.77 -48.78
N PHE B 186 8.81 3.67 -49.65
CA PHE B 186 10.14 4.22 -49.37
C PHE B 186 10.26 5.69 -49.75
N GLY B 187 9.19 6.47 -49.62
CA GLY B 187 9.20 7.84 -50.10
C GLY B 187 10.24 8.71 -49.43
N PHE B 188 10.29 8.68 -48.10
CA PHE B 188 11.20 9.55 -47.35
C PHE B 188 12.56 8.92 -47.09
N ALA B 189 12.81 7.73 -47.62
CA ALA B 189 14.09 7.08 -47.43
C ALA B 189 15.21 7.91 -48.08
N LYS B 190 16.44 7.61 -47.67
CA LYS B 190 17.61 8.31 -48.19
C LYS B 190 18.86 7.51 -47.83
N ARG B 191 19.80 7.43 -48.78
CA ARG B 191 21.11 6.86 -48.52
C ARG B 191 22.05 7.98 -48.09
N VAL B 192 22.55 7.91 -46.87
CA VAL B 192 23.38 8.98 -46.31
C VAL B 192 24.37 8.36 -45.35
N LYS B 193 25.59 8.91 -45.36
CA LYS B 193 26.62 8.57 -44.38
C LYS B 193 26.90 9.84 -43.59
N GLY B 194 26.57 9.82 -42.29
CA GLY B 194 26.75 10.99 -41.47
C GLY B 194 25.48 11.53 -40.83
N ARG B 195 25.20 12.81 -41.05
CA ARG B 195 24.15 13.50 -40.33
C ARG B 195 23.18 14.15 -41.31
N THR B 196 21.91 14.26 -40.90
CA THR B 196 20.87 14.86 -41.71
C THR B 196 20.08 15.85 -40.87
N TRP B 197 19.41 16.79 -41.54
CA TRP B 197 18.67 17.84 -40.86
C TRP B 197 17.21 17.98 -41.31
N TPO B 198 16.82 17.21 -42.32
CA TPO B 198 15.47 17.32 -42.86
CB TPO B 198 15.31 16.53 -44.17
CG2 TPO B 198 13.94 16.77 -44.79
OG1 TPO B 198 16.32 16.91 -45.07
P TPO B 198 17.09 15.71 -46.01
O1P TPO B 198 15.89 14.93 -46.53
O2P TPO B 198 17.85 16.48 -47.09
O3P TPO B 198 17.98 14.94 -45.04
C TPO B 198 14.40 16.85 -41.87
O TPO B 198 14.55 15.79 -41.25
N LEU B 199 13.35 17.64 -41.71
CA LEU B 199 12.24 17.29 -40.83
C LEU B 199 11.09 16.72 -41.66
N CYS B 200 10.63 15.53 -41.30
CA CYS B 200 9.51 14.87 -41.96
C CYS B 200 9.06 13.70 -41.12
N GLY B 201 7.85 13.25 -41.37
CA GLY B 201 7.29 12.08 -40.71
C GLY B 201 5.99 12.40 -39.99
N THR B 202 5.47 11.38 -39.29
CA THR B 202 4.23 11.39 -38.53
C THR B 202 4.51 11.85 -37.11
N PRO B 203 3.72 12.78 -36.55
CA PRO B 203 4.13 13.43 -35.29
C PRO B 203 4.40 12.49 -34.12
N GLU B 204 3.62 11.42 -33.94
CA GLU B 204 3.85 10.54 -32.80
C GLU B 204 5.13 9.74 -32.94
N TYR B 205 5.57 9.47 -34.16
CA TYR B 205 6.74 8.62 -34.39
C TYR B 205 8.04 9.40 -34.52
N LEU B 206 8.01 10.71 -34.32
CA LEU B 206 9.22 11.51 -34.41
C LEU B 206 10.06 11.38 -33.15
N ALA B 207 11.37 11.33 -33.33
CA ALA B 207 12.32 11.28 -32.22
C ALA B 207 12.54 12.67 -31.63
N PRO B 208 13.04 12.75 -30.40
CA PRO B 208 13.31 14.09 -29.82
C PRO B 208 14.33 14.91 -30.60
N GLU B 209 15.36 14.28 -31.16
CA GLU B 209 16.42 15.05 -31.81
C GLU B 209 15.92 15.69 -33.11
N ILE B 210 15.06 14.99 -33.87
CA ILE B 210 14.50 15.59 -35.07
C ILE B 210 13.48 16.66 -34.71
N ILE B 211 12.75 16.48 -33.59
CA ILE B 211 11.81 17.50 -33.14
C ILE B 211 12.54 18.81 -32.84
N LEU B 212 13.69 18.72 -32.19
CA LEU B 212 14.47 19.89 -31.80
C LEU B 212 15.18 20.56 -32.98
N SER B 213 14.95 20.10 -34.21
CA SER B 213 15.53 20.71 -35.42
C SER B 213 17.06 20.65 -35.42
N LYS B 214 17.61 19.64 -34.76
CA LYS B 214 19.04 19.41 -34.73
C LYS B 214 19.43 18.28 -35.69
N GLY B 215 20.72 18.18 -35.96
CA GLY B 215 21.21 17.09 -36.79
C GLY B 215 20.95 15.75 -36.13
N TYR B 216 20.53 14.78 -36.95
CA TYR B 216 20.18 13.45 -36.46
C TYR B 216 20.71 12.39 -37.40
N ASN B 217 20.75 11.15 -36.91
CA ASN B 217 21.36 10.05 -37.63
C ASN B 217 20.45 8.82 -37.67
N LYS B 218 21.03 7.66 -37.99
CA LYS B 218 20.26 6.45 -38.23
C LYS B 218 19.59 5.92 -36.96
N ALA B 219 19.93 6.45 -35.79
CA ALA B 219 19.35 5.94 -34.54
C ALA B 219 17.86 6.20 -34.42
N VAL B 220 17.28 7.04 -35.26
CA VAL B 220 15.86 7.38 -35.15
C VAL B 220 14.97 6.17 -35.38
N ASP B 221 15.40 5.24 -36.24
CA ASP B 221 14.57 4.07 -36.54
C ASP B 221 14.39 3.17 -35.34
N TRP B 222 15.30 3.22 -34.36
CA TRP B 222 15.09 2.45 -33.15
C TRP B 222 14.02 3.08 -32.26
N TRP B 223 13.93 4.41 -32.25
CA TRP B 223 12.80 5.06 -31.59
C TRP B 223 11.50 4.69 -32.27
N ALA B 224 11.50 4.65 -33.60
CA ALA B 224 10.30 4.24 -34.33
C ALA B 224 9.93 2.79 -34.02
N LEU B 225 10.91 1.91 -33.90
CA LEU B 225 10.63 0.52 -33.53
C LEU B 225 10.05 0.43 -32.13
N GLY B 226 10.62 1.17 -31.18
CA GLY B 226 10.07 1.15 -29.83
C GLY B 226 8.64 1.61 -29.76
N VAL B 227 8.32 2.72 -30.45
CA VAL B 227 6.95 3.20 -30.42
C VAL B 227 6.02 2.23 -31.17
N LEU B 228 6.52 1.57 -32.23
CA LEU B 228 5.71 0.60 -32.94
C LEU B 228 5.36 -0.58 -32.03
N ILE B 229 6.35 -1.09 -31.29
CA ILE B 229 6.08 -2.21 -30.40
C ILE B 229 5.13 -1.79 -29.29
N TYR B 230 5.28 -0.58 -28.76
CA TYR B 230 4.34 -0.11 -27.74
C TYR B 230 2.92 -0.07 -28.28
N GLU B 231 2.74 0.51 -29.47
CA GLU B 231 1.40 0.62 -30.04
C GLU B 231 0.81 -0.75 -30.33
N MET B 232 1.63 -1.67 -30.85
CA MET B 232 1.12 -3.01 -31.17
C MET B 232 0.74 -3.79 -29.91
N ALA B 233 1.51 -3.62 -28.84
CA ALA B 233 1.21 -4.35 -27.61
C ALA B 233 0.05 -3.75 -26.82
N ALA B 234 -0.12 -2.43 -26.88
CA ALA B 234 -1.14 -1.76 -26.08
C ALA B 234 -2.41 -1.45 -26.88
N GLY B 235 -2.29 -1.16 -28.16
CA GLY B 235 -3.43 -0.77 -28.97
C GLY B 235 -3.59 0.71 -29.19
N TYR B 236 -2.73 1.54 -28.59
CA TYR B 236 -2.74 2.98 -28.75
C TYR B 236 -1.33 3.51 -28.53
N PRO B 237 -0.93 4.55 -29.27
CA PRO B 237 0.45 5.02 -29.15
C PRO B 237 0.71 5.64 -27.80
N PRO B 238 1.95 5.61 -27.32
CA PRO B 238 2.24 6.17 -25.99
C PRO B 238 2.11 7.69 -25.93
N PHE B 239 2.74 8.40 -26.85
CA PHE B 239 2.71 9.85 -26.88
C PHE B 239 1.54 10.27 -27.79
N PHE B 240 0.44 10.70 -27.19
CA PHE B 240 -0.78 10.95 -27.94
C PHE B 240 -1.52 12.12 -27.31
N ALA B 241 -1.90 13.10 -28.14
CA ALA B 241 -2.59 14.29 -27.64
C ALA B 241 -3.37 14.92 -28.78
N ASP B 242 -4.21 15.90 -28.42
CA ASP B 242 -5.06 16.58 -29.38
C ASP B 242 -4.21 17.34 -30.39
N GLN B 243 -3.47 18.35 -29.93
CA GLN B 243 -2.73 19.20 -30.85
C GLN B 243 -1.35 18.63 -31.15
N PRO B 244 -0.85 18.81 -32.37
CA PRO B 244 0.55 18.41 -32.65
C PRO B 244 1.57 19.12 -31.77
N ILE B 245 1.32 20.38 -31.40
CA ILE B 245 2.24 21.10 -30.54
C ILE B 245 2.28 20.46 -29.15
N GLN B 246 1.17 19.91 -28.68
CA GLN B 246 1.16 19.21 -27.41
C GLN B 246 1.89 17.87 -27.52
N ILE B 247 1.76 17.20 -28.67
CA ILE B 247 2.47 15.94 -28.88
C ILE B 247 3.98 16.17 -28.87
N TYR B 248 4.43 17.29 -29.45
CA TYR B 248 5.85 17.60 -29.41
C TYR B 248 6.31 17.81 -27.98
N GLU B 249 5.51 18.48 -27.16
CA GLU B 249 5.85 18.66 -25.76
C GLU B 249 5.95 17.33 -25.04
N LYS B 250 5.00 16.44 -25.28
CA LYS B 250 5.04 15.13 -24.63
C LYS B 250 6.24 14.31 -25.09
N ILE B 251 6.63 14.44 -26.35
CA ILE B 251 7.78 13.70 -26.86
C ILE B 251 9.06 14.23 -26.23
N VAL B 252 9.24 15.56 -26.19
CA VAL B 252 10.46 16.12 -25.64
C VAL B 252 10.53 15.94 -24.13
N SER B 253 9.38 15.81 -23.46
CA SER B 253 9.40 15.48 -22.05
C SER B 253 9.90 14.06 -21.82
N GLY B 254 9.55 13.14 -22.71
CA GLY B 254 10.00 11.76 -22.61
C GLY B 254 9.34 10.94 -21.53
N LYS B 255 8.23 11.41 -20.97
CA LYS B 255 7.58 10.72 -19.85
C LYS B 255 6.45 9.85 -20.37
N VAL B 256 6.43 8.59 -19.95
CA VAL B 256 5.43 7.62 -20.40
C VAL B 256 5.12 6.66 -19.26
N ARG B 257 3.84 6.24 -19.18
CA ARG B 257 3.40 5.23 -18.23
C ARG B 257 2.91 4.01 -19.00
N PHE B 258 3.36 2.83 -18.58
CA PHE B 258 3.05 1.54 -19.17
C PHE B 258 1.78 0.95 -18.57
N PRO B 259 0.98 0.24 -19.36
CA PRO B 259 -0.23 -0.39 -18.83
C PRO B 259 0.09 -1.62 -17.99
N SER B 260 -0.94 -2.09 -17.30
CA SER B 260 -0.75 -3.16 -16.31
C SER B 260 -0.29 -4.46 -16.96
N HIS B 261 -0.87 -4.82 -18.11
CA HIS B 261 -0.62 -6.14 -18.69
C HIS B 261 0.78 -6.29 -19.28
N PHE B 262 1.56 -5.22 -19.35
CA PHE B 262 2.94 -5.31 -19.81
C PHE B 262 3.80 -6.09 -18.81
N SER B 263 4.58 -7.03 -19.30
CA SER B 263 5.53 -7.75 -18.47
C SER B 263 6.76 -6.88 -18.17
N SER B 264 7.52 -7.31 -17.16
CA SER B 264 8.71 -6.56 -16.77
C SER B 264 9.75 -6.51 -17.88
N ASP B 265 9.95 -7.64 -18.57
CA ASP B 265 10.97 -7.72 -19.62
C ASP B 265 10.65 -6.76 -20.77
N LEU B 266 9.40 -6.76 -21.24
CA LEU B 266 9.03 -5.86 -22.32
C LEU B 266 9.10 -4.41 -21.87
N LYS B 267 8.79 -4.15 -20.60
CA LYS B 267 8.94 -2.80 -20.06
C LYS B 267 10.39 -2.34 -20.14
N ASP B 268 11.33 -3.20 -19.73
CA ASP B 268 12.74 -2.85 -19.83
C ASP B 268 13.16 -2.60 -21.27
N LEU B 269 12.70 -3.46 -22.19
CA LEU B 269 13.05 -3.29 -23.59
C LEU B 269 12.57 -1.94 -24.11
N LEU B 270 11.30 -1.60 -23.83
CA LEU B 270 10.78 -0.34 -24.34
C LEU B 270 11.42 0.87 -23.66
N ARG B 271 11.80 0.73 -22.39
CA ARG B 271 12.52 1.83 -21.74
C ARG B 271 13.87 2.07 -22.40
N ASN B 272 14.55 1.01 -22.82
CA ASN B 272 15.81 1.19 -23.52
C ASN B 272 15.60 1.78 -24.92
N LEU B 273 14.56 1.33 -25.62
CA LEU B 273 14.36 1.82 -26.99
C LEU B 273 13.86 3.26 -27.02
N LEU B 274 12.93 3.63 -26.13
CA LEU B 274 12.29 4.93 -26.19
C LEU B 274 13.01 5.98 -25.35
N GLN B 275 14.32 5.81 -25.11
CA GLN B 275 15.05 6.74 -24.28
C GLN B 275 15.42 7.99 -25.05
N VAL B 276 15.22 9.17 -24.43
CA VAL B 276 15.45 10.44 -25.10
C VAL B 276 16.92 10.62 -25.46
N ASP B 277 17.83 10.27 -24.55
CA ASP B 277 19.24 10.51 -24.76
C ASP B 277 19.75 9.75 -25.98
N LEU B 278 20.35 10.48 -26.92
CA LEU B 278 20.81 9.88 -28.17
C LEU B 278 22.01 8.97 -27.94
N THR B 279 22.90 9.34 -27.03
CA THR B 279 24.16 8.60 -26.87
C THR B 279 23.91 7.18 -26.40
N LYS B 280 23.07 7.01 -25.38
CA LYS B 280 22.81 5.70 -24.79
C LYS B 280 21.59 5.02 -25.39
N ARG B 281 21.12 5.48 -26.55
CA ARG B 281 20.03 4.83 -27.26
C ARG B 281 20.37 3.38 -27.55
N PHE B 282 19.40 2.50 -27.35
CA PHE B 282 19.60 1.09 -27.63
C PHE B 282 19.77 0.86 -29.12
N GLY B 283 20.69 -0.03 -29.48
CA GLY B 283 21.00 -0.25 -30.87
C GLY B 283 21.89 0.80 -31.49
N ASN B 284 22.50 1.65 -30.67
CA ASN B 284 23.43 2.68 -31.13
C ASN B 284 24.73 2.70 -30.36
N LEU B 285 24.77 2.15 -29.15
CA LEU B 285 25.92 2.31 -28.26
C LEU B 285 27.21 1.72 -28.81
N LYS B 286 27.34 0.40 -28.81
CA LYS B 286 28.62 -0.22 -29.11
C LYS B 286 28.55 -1.39 -30.07
N ASN B 287 27.42 -2.09 -30.11
CA ASN B 287 27.29 -3.29 -30.93
C ASN B 287 26.29 -3.15 -32.07
N GLY B 288 25.49 -2.12 -32.08
CA GLY B 288 24.55 -1.86 -33.18
C GLY B 288 23.23 -2.58 -33.18
N VAL B 289 23.23 -3.92 -33.21
CA VAL B 289 21.98 -4.67 -33.21
C VAL B 289 22.04 -5.78 -32.18
N ASN B 290 23.24 -6.10 -31.69
CA ASN B 290 23.39 -7.21 -30.77
C ASN B 290 22.80 -6.92 -29.40
N ASP B 291 22.77 -5.65 -29.01
CA ASP B 291 22.14 -5.29 -27.74
C ASP B 291 20.65 -5.62 -27.76
N ILE B 292 20.02 -5.51 -28.92
CA ILE B 292 18.59 -5.80 -29.06
C ILE B 292 18.35 -7.28 -29.31
N LYS B 293 19.13 -7.87 -30.21
CA LYS B 293 18.90 -9.25 -30.61
C LYS B 293 19.18 -10.24 -29.48
N ASN B 294 20.08 -9.90 -28.56
CA ASN B 294 20.41 -10.75 -27.43
C ASN B 294 19.57 -10.47 -26.20
N HIS B 295 18.61 -9.56 -26.29
CA HIS B 295 17.78 -9.23 -25.14
C HIS B 295 16.89 -10.41 -24.75
N LYS B 296 16.43 -10.39 -23.50
CA LYS B 296 15.65 -11.50 -22.96
C LYS B 296 14.31 -11.65 -23.68
N TRP B 297 13.76 -10.57 -24.23
CA TRP B 297 12.47 -10.64 -24.90
C TRP B 297 12.51 -11.38 -26.23
N PHE B 298 13.71 -11.61 -26.77
CA PHE B 298 13.88 -12.40 -27.99
C PHE B 298 14.59 -13.72 -27.70
N ALA B 299 14.43 -14.25 -26.48
CA ALA B 299 15.13 -15.46 -26.08
C ALA B 299 14.66 -16.70 -26.82
N THR B 300 13.47 -16.67 -27.41
CA THR B 300 12.86 -17.85 -28.00
C THR B 300 12.49 -17.61 -29.47
N THR B 301 13.34 -16.89 -30.20
CA THR B 301 13.13 -16.63 -31.63
C THR B 301 14.41 -16.94 -32.38
N ASP B 302 14.40 -18.05 -33.13
CA ASP B 302 15.55 -18.47 -33.92
C ASP B 302 15.66 -17.57 -35.15
N TRP B 303 16.66 -16.68 -35.13
CA TRP B 303 16.81 -15.70 -36.19
C TRP B 303 17.11 -16.34 -37.54
N ILE B 304 17.93 -17.38 -37.54
CA ILE B 304 18.34 -18.00 -38.81
C ILE B 304 17.14 -18.64 -39.50
N ALA B 305 16.26 -19.29 -38.74
CA ALA B 305 15.10 -19.91 -39.34
C ALA B 305 14.04 -18.89 -39.73
N ILE B 306 13.86 -17.83 -38.93
CA ILE B 306 12.83 -16.86 -39.26
C ILE B 306 13.25 -16.03 -40.47
N TYR B 307 14.54 -15.87 -40.71
CA TYR B 307 14.99 -15.24 -41.96
C TYR B 307 14.51 -16.03 -43.16
N GLN B 308 14.61 -17.36 -43.09
CA GLN B 308 14.17 -18.25 -44.16
C GLN B 308 12.75 -18.76 -43.96
N ARG B 309 11.93 -18.05 -43.17
CA ARG B 309 10.46 -18.23 -43.10
C ARG B 309 10.07 -19.69 -42.85
N LYS B 310 10.81 -20.38 -42.01
CA LYS B 310 10.49 -21.76 -41.66
C LYS B 310 9.60 -21.87 -40.42
N VAL B 311 9.27 -20.77 -39.76
CA VAL B 311 8.45 -20.79 -38.56
C VAL B 311 6.99 -20.57 -38.94
N GLU B 312 6.09 -21.22 -38.20
CA GLU B 312 4.67 -21.08 -38.45
C GLU B 312 4.18 -19.70 -38.01
N ALA B 313 3.45 -19.03 -38.88
CA ALA B 313 2.94 -17.69 -38.58
C ALA B 313 1.75 -17.78 -37.61
N PRO B 314 1.70 -16.96 -36.57
CA PRO B 314 0.55 -16.96 -35.66
C PRO B 314 -0.70 -16.32 -36.22
N PHE B 315 -0.65 -15.70 -37.40
CA PHE B 315 -1.85 -15.15 -38.02
C PHE B 315 -1.70 -15.27 -39.53
N ILE B 316 -2.64 -15.98 -40.17
CA ILE B 316 -2.64 -16.18 -41.60
C ILE B 316 -3.87 -15.46 -42.18
N PRO B 317 -3.69 -14.42 -42.98
CA PRO B 317 -4.84 -13.72 -43.55
C PRO B 317 -5.50 -14.53 -44.66
N LYS B 318 -6.84 -14.52 -44.66
CA LYS B 318 -7.63 -15.24 -45.66
C LYS B 318 -7.65 -14.46 -46.97
N PHE B 319 -7.00 -15.01 -47.99
CA PHE B 319 -7.10 -14.50 -49.35
C PHE B 319 -8.02 -15.40 -50.16
N LYS B 320 -8.85 -14.78 -50.99
CA LYS B 320 -9.83 -15.52 -51.77
C LYS B 320 -9.50 -15.46 -53.26
N GLY B 321 -8.21 -15.60 -53.58
CA GLY B 321 -7.75 -15.53 -54.94
C GLY B 321 -6.97 -14.26 -55.23
N PRO B 322 -6.26 -14.24 -56.36
CA PRO B 322 -5.43 -13.06 -56.67
C PRO B 322 -6.25 -11.80 -56.85
N GLY B 323 -7.48 -11.90 -57.35
CA GLY B 323 -8.31 -10.74 -57.55
C GLY B 323 -9.10 -10.28 -56.34
N ASP B 324 -9.09 -11.06 -55.26
CA ASP B 324 -9.83 -10.68 -54.07
C ASP B 324 -9.17 -9.52 -53.36
N THR B 325 -9.97 -8.56 -52.92
CA THR B 325 -9.50 -7.41 -52.16
C THR B 325 -10.39 -7.17 -50.96
N SER B 326 -10.88 -8.25 -50.35
CA SER B 326 -11.77 -8.10 -49.19
C SER B 326 -11.03 -7.54 -47.99
N ASN B 327 -9.72 -7.77 -47.88
CA ASN B 327 -8.95 -7.22 -46.77
C ASN B 327 -8.80 -5.72 -46.90
N PHE B 328 -8.81 -5.19 -48.12
CA PHE B 328 -8.70 -3.76 -48.33
C PHE B 328 -10.06 -3.07 -48.14
N ASP B 329 -10.00 -1.76 -47.90
CA ASP B 329 -11.20 -0.95 -47.79
C ASP B 329 -11.77 -0.66 -49.18
O1 B44 C . -18.53 -23.57 -3.58
C7 B44 C . -13.88 -24.29 -1.51
O2 B44 C . -16.47 -25.43 -3.12
C6 B44 C . -11.88 -25.14 -1.18
C1 B44 C . -18.66 -24.89 -3.99
N1 B44 C . -11.25 -23.93 -1.16
C5 B44 C . -16.04 -25.18 -1.75
C4 B44 C . -17.28 -24.87 -0.99
C3 B44 C . -18.35 -25.63 -1.68
C2 B44 C . -17.88 -25.80 -3.09
O13 B44 C . -23.61 -19.93 -2.61
P3 B44 C . -24.48 -20.94 -3.18
O7 B44 C . -25.48 -21.20 -2.14
O10 B44 C . -25.21 -20.24 -4.23
O12 B44 C . -23.68 -22.27 -3.69
P2 B44 C . -22.31 -22.17 -4.59
O6 B44 C . -22.34 -23.08 -5.73
O9 B44 C . -22.23 -20.88 -5.26
O11 B44 C . -20.99 -22.43 -3.66
P1 B44 C . -19.48 -22.46 -4.32
O5 B44 C . -18.87 -21.13 -4.30
O8 B44 C . -19.55 -22.70 -5.76
O3 B44 C . -18.49 -26.90 -1.06
O4 B44 C . -17.16 -25.32 0.36
N9 B44 C . -15.14 -24.07 -1.69
N3 B44 C . -13.18 -25.38 -1.35
C13 B44 C . -15.54 -22.88 -1.81
N7 B44 C . -14.52 -22.01 -1.72
C8 B44 C . -13.36 -22.96 -1.50
C9 B44 C . -12.01 -22.84 -1.33
N6 B44 C . -11.40 -21.53 -1.31
C10 B44 C . -10.03 -21.36 -1.75
C11 B44 C . -10.01 -20.50 -3.00
C12 B44 C . -10.37 -19.06 -2.64
C18 B44 C . -9.41 -18.17 -2.47
C17 B44 C . -9.76 -16.74 -2.10
C16 B44 C . -11.02 -16.38 -1.95
C15 B44 C . -12.13 -17.41 -2.13
C14 B44 C . -11.83 -18.65 -2.45
O1 B44 D . -33.15 0.84 6.25
C7 B44 D . -29.43 4.06 8.10
O2 B44 D . -32.67 3.66 7.32
C6 B44 D . -28.08 5.66 8.77
C1 B44 D . -34.07 1.83 6.61
N1 B44 D . -27.29 4.83 9.50
C5 B44 D . -31.35 3.92 6.74
C4 B44 D . -31.35 3.28 5.39
C3 B44 D . -32.77 3.14 5.00
C2 B44 D . -33.56 3.19 6.27
O13 B44 D . -32.75 -5.36 3.50
P3 B44 D . -33.99 -4.64 3.28
O7 B44 D . -34.22 -4.73 1.84
O10 B44 D . -35.02 -5.48 3.87
O12 B44 D . -33.96 -3.10 3.86
P2 B44 D . -34.23 -2.77 5.44
O6 B44 D . -35.50 -2.11 5.63
O9 B44 D . -34.43 -3.99 6.20
O11 B44 D . -33.00 -1.88 6.06
P1 B44 D . -33.25 -0.59 7.07
O5 B44 D . -32.33 -0.63 8.19
O8 B44 D . -34.53 -0.72 7.75
O3 B44 D . -33.13 4.26 4.18
O4 B44 D . -30.65 4.11 4.45
N9 B44 D . -30.35 3.33 7.56
N3 B44 D . -29.16 5.33 8.06
C13 B44 D . -30.36 2.07 7.80
N7 B44 D . -29.33 1.73 8.59
C8 B44 D . -28.69 3.08 8.82
C9 B44 D . -27.60 3.53 9.52
N6 B44 D . -26.79 2.58 10.26
C10 B44 D . -25.58 3.00 10.95
C11 B44 D . -25.88 3.32 12.41
C12 B44 D . -26.31 2.07 13.18
C18 B44 D . -26.13 0.88 12.67
C17 B44 D . -26.57 -0.36 13.45
C16 B44 D . -27.11 -0.23 14.64
C15 B44 D . -27.33 1.16 15.23
C14 B44 D . -26.95 2.23 14.56
MG MG E . -23.49 -18.23 -4.65
MG MG F . -32.79 -6.32 5.77
MG MG G . -0.43 7.93 -49.71
MG MG H . 1.79 4.60 -47.01
PG ANP I . 1.16 7.58 -47.76
O1G ANP I . 0.98 7.19 -46.37
O2G ANP I . 2.41 8.33 -47.77
O3G ANP I . 0.13 8.58 -48.00
PB ANP I . 1.70 6.56 -50.45
O1B ANP I . 3.06 7.04 -50.45
O2B ANP I . 1.01 7.69 -51.05
N3B ANP I . 1.15 6.28 -48.86
PA ANP I . 1.47 3.69 -50.67
O1A ANP I . 1.56 3.76 -49.21
O2A ANP I . 2.66 2.94 -51.01
O3A ANP I . 1.52 5.20 -51.36
O5' ANP I . 0.11 2.89 -51.15
C5' ANP I . -1.11 3.40 -50.71
C4' ANP I . -2.05 2.25 -50.41
O4' ANP I . -2.00 1.26 -51.45
C3' ANP I . -1.66 1.57 -49.13
O3' ANP I . -2.52 1.95 -48.08
C2' ANP I . -1.77 0.11 -49.39
O2' ANP I . -2.96 -0.38 -48.79
C1' ANP I . -1.85 -0.06 -50.88
N9 ANP I . -0.65 -0.68 -51.36
C8 ANP I . 0.49 -0.11 -51.18
N7 ANP I . 1.46 -0.88 -51.71
C5 ANP I . 0.67 -2.05 -52.25
C6 ANP I . 0.99 -3.20 -52.90
N6 ANP I . 2.36 -3.51 -53.23
N1 ANP I . 0.02 -4.05 -53.24
C2 ANP I . -1.24 -3.71 -52.92
N3 ANP I . -1.69 -2.62 -52.28
C4 ANP I . -0.71 -1.83 -51.96
#